data_2WR4
#
_entry.id   2WR4
#
_cell.length_a   86.780
_cell.length_b   150.020
_cell.length_c   195.740
_cell.angle_alpha   90.00
_cell.angle_beta   90.00
_cell.angle_gamma   90.00
#
_symmetry.space_group_name_H-M   'P 21 21 21'
#
loop_
_entity.id
_entity.type
_entity.pdbx_description
1 polymer HEMAGGLUTININ
2 branched 'N-acetyl-alpha-neuraminic acid-(2-6)-beta-D-galactopyranose-(1-4)-2-acetamido-2-deoxy-beta-D-glucopyranose'
3 water water
#
_entity_poly.entity_id   1
_entity_poly.type   'polypeptide(L)'
_entity_poly.pdbx_seq_one_letter_code
;MAIIYLILLFTVVKGDQICIGYHANNSTEKVDTILERNVTVTHAKDILEKTHNGKLCRLSGIPPLELGDCSIAGWLLGNP
ECDRLLSVPEWSYIVEKENPTNGLCYPGSFNDYEELKHLLTSVTHFEKIKILPRDQWTQHTTTGGSRACAVSGNPSFFRN
MVWLTKKGSNYPVAKRSYNNTSGEQMLIIWGIHYPNDDTEQRTLYQNVGTYVSVGTSTLNKRSIPEIATRPKVNGQGGRM
EFSWTLLETWDVINFESTGNLIAPEYGFKISKRGSSGIMKTEKTLENCETKCQTPLGAINTTLPFHNIHPLTIGECPKYV
KSDRLVLATGLRNVPQIESRGLFGAIAGFIEGGWQGMVDGWYGYHHSNDQGSGYAADKESTQKAFDGITNKVNSVIAKMN
TQFEAVGKEFSNLERRLENLNKKMEDGFLDVWTYNAELLVLMENERTLDFHDSNVKNLYDKVRMQLRDNVKELGNGCFEF
YHKCDDECMNSVKNGTYDYPKYEEESK
;
_entity_poly.pdbx_strand_id   A,B,C
#
# COMPACT_ATOMS: atom_id res chain seq x y z
N GLN A 17 27.93 31.27 -46.35
CA GLN A 17 28.02 30.19 -45.39
C GLN A 17 27.00 30.35 -44.25
N ILE A 18 26.30 29.25 -43.93
CA ILE A 18 25.35 29.25 -42.81
C ILE A 18 25.39 27.94 -42.04
N CYS A 19 25.55 28.05 -40.72
CA CYS A 19 25.66 26.88 -39.86
C CYS A 19 24.45 26.73 -38.97
N ILE A 20 24.07 25.50 -38.69
CA ILE A 20 23.04 25.21 -37.70
C ILE A 20 23.77 24.83 -36.43
N GLY A 21 23.28 25.32 -35.30
CA GLY A 21 23.92 25.07 -34.02
C GLY A 21 22.96 25.18 -32.87
N TYR A 22 23.48 24.98 -31.66
CA TYR A 22 22.66 24.97 -30.46
C TYR A 22 23.36 25.66 -29.30
N HIS A 23 22.58 25.94 -28.25
CA HIS A 23 23.04 26.77 -27.13
C HIS A 23 23.95 26.00 -26.19
N ALA A 24 24.95 26.72 -25.67
CA ALA A 24 25.79 26.21 -24.59
C ALA A 24 26.04 27.36 -23.61
N ASN A 25 26.24 27.04 -22.33
CA ASN A 25 26.52 28.06 -21.33
C ASN A 25 27.52 27.57 -20.30
N ASN A 26 27.65 28.31 -19.19
CA ASN A 26 28.63 27.97 -18.17
C ASN A 26 28.01 27.16 -17.03
N SER A 27 26.91 26.47 -17.33
CA SER A 27 26.22 25.66 -16.32
C SER A 27 27.05 24.44 -15.94
N THR A 28 26.94 24.08 -14.67
CA THR A 28 27.62 22.91 -14.13
C THR A 28 26.55 21.99 -13.57
N GLU A 29 25.33 22.21 -14.00
CA GLU A 29 24.20 21.42 -13.55
C GLU A 29 24.30 20.00 -14.13
N LYS A 30 24.08 18.99 -13.29
CA LYS A 30 24.15 17.60 -13.73
C LYS A 30 22.83 16.84 -13.54
N VAL A 31 22.45 16.06 -14.55
CA VAL A 31 21.30 15.16 -14.43
C VAL A 31 21.73 13.73 -14.76
N ASP A 32 20.89 12.76 -14.40
CA ASP A 32 21.12 11.38 -14.79
C ASP A 32 20.03 10.90 -15.75
N THR A 33 20.39 9.95 -16.61
CA THR A 33 19.44 9.36 -17.54
C THR A 33 19.50 7.85 -17.36
N ILE A 34 18.61 7.12 -18.00
CA ILE A 34 18.66 5.67 -17.97
C ILE A 34 20.03 5.20 -18.47
N LEU A 35 20.54 5.89 -19.49
CA LEU A 35 21.76 5.50 -20.20
C LEU A 35 23.05 6.16 -19.73
N GLU A 36 22.96 7.31 -19.07
CA GLU A 36 24.16 8.06 -18.72
C GLU A 36 24.12 8.62 -17.30
N ARG A 37 25.30 8.79 -16.71
CA ARG A 37 25.42 9.44 -15.40
C ARG A 37 26.06 10.81 -15.53
N ASN A 38 25.86 11.64 -14.51
CA ASN A 38 26.47 12.96 -14.39
C ASN A 38 26.62 13.70 -15.74
N VAL A 39 25.51 13.93 -16.40
CA VAL A 39 25.52 14.63 -17.68
C VAL A 39 25.26 16.12 -17.49
N THR A 40 26.23 16.95 -17.84
CA THR A 40 26.07 18.39 -17.67
C THR A 40 25.02 18.91 -18.64
N VAL A 41 24.05 19.63 -18.12
CA VAL A 41 22.91 20.05 -18.89
C VAL A 41 22.80 21.58 -18.85
N THR A 42 22.14 22.14 -19.87
CA THR A 42 22.00 23.58 -20.03
C THR A 42 21.13 24.23 -18.94
N HIS A 43 19.99 23.61 -18.67
CA HIS A 43 19.03 24.09 -17.67
C HIS A 43 18.31 22.90 -17.06
N ALA A 44 17.98 22.99 -15.78
CA ALA A 44 17.33 21.89 -15.08
C ALA A 44 16.30 22.37 -14.06
N LYS A 45 15.59 21.43 -13.46
CA LYS A 45 14.63 21.76 -12.42
C LYS A 45 14.54 20.62 -11.43
N ASP A 46 14.77 20.91 -10.15
CA ASP A 46 14.61 19.88 -9.13
C ASP A 46 13.14 19.79 -8.82
N ILE A 47 12.58 18.60 -8.92
CA ILE A 47 11.18 18.39 -8.57
C ILE A 47 11.03 17.76 -7.18
N LEU A 48 12.11 17.78 -6.40
CA LEU A 48 12.06 17.30 -5.04
C LEU A 48 12.17 18.49 -4.13
N GLU A 49 11.16 18.69 -3.30
CA GLU A 49 11.17 19.79 -2.34
C GLU A 49 11.97 19.36 -1.12
N LYS A 50 12.98 20.15 -0.77
CA LYS A 50 13.76 19.87 0.45
C LYS A 50 13.83 21.01 1.48
N THR A 51 13.15 22.12 1.23
CA THR A 51 13.13 23.23 2.19
C THR A 51 11.82 23.39 2.96
N HIS A 52 11.93 23.67 4.25
CA HIS A 52 10.78 24.02 5.07
C HIS A 52 11.04 25.37 5.71
N ASN A 53 10.07 25.90 6.43
CA ASN A 53 10.23 27.24 6.98
C ASN A 53 10.63 27.24 8.44
N GLY A 54 10.86 26.04 8.98
CA GLY A 54 11.37 25.92 10.34
C GLY A 54 10.37 26.34 11.39
N LYS A 55 9.20 26.76 10.94
CA LYS A 55 8.16 27.19 11.86
C LYS A 55 7.08 26.12 12.00
N LEU A 56 6.47 26.08 13.18
CA LEU A 56 5.23 25.37 13.41
C LEU A 56 4.13 26.35 13.06
N CYS A 57 3.29 25.97 12.10
CA CYS A 57 2.31 26.91 11.57
C CYS A 57 0.89 26.45 11.75
N ARG A 58 -0.04 27.37 11.53
CA ARG A 58 -1.43 27.00 11.60
C ARG A 58 -1.89 26.50 10.24
N LEU A 59 -2.85 25.60 10.25
CA LEU A 59 -3.22 24.83 9.09
C LEU A 59 -4.54 25.33 8.49
N SER A 60 -4.47 25.97 7.34
CA SER A 60 -5.66 26.56 6.70
C SER A 60 -6.43 27.45 7.65
N GLY A 61 -5.72 28.29 8.39
CA GLY A 61 -6.34 29.31 9.21
C GLY A 61 -6.64 28.88 10.63
N ILE A 62 -6.53 27.59 10.91
CA ILE A 62 -6.83 27.05 12.24
C ILE A 62 -5.57 26.55 12.95
N PRO A 63 -5.36 26.96 14.19
CA PRO A 63 -4.12 26.65 14.90
C PRO A 63 -4.16 25.24 15.45
N PRO A 64 -3.00 24.69 15.82
CA PRO A 64 -2.91 23.42 16.55
C PRO A 64 -3.26 23.66 18.02
N LEU A 65 -3.75 22.64 18.71
CA LEU A 65 -3.87 22.69 20.15
C LEU A 65 -2.49 22.35 20.75
N GLU A 66 -1.94 23.26 21.55
CA GLU A 66 -0.60 23.08 22.10
C GLU A 66 -0.67 22.63 23.55
N LEU A 67 -0.10 21.47 23.83
CA LEU A 67 -0.26 20.85 25.14
C LEU A 67 0.93 21.07 26.06
N GLY A 68 1.89 21.90 25.63
CA GLY A 68 3.08 22.15 26.42
C GLY A 68 3.80 20.85 26.67
N ASP A 69 3.97 20.48 27.93
CA ASP A 69 4.37 19.10 28.21
C ASP A 69 3.36 18.45 29.14
N CYS A 70 2.11 18.53 28.74
CA CYS A 70 1.05 17.74 29.36
C CYS A 70 0.62 16.65 28.37
N SER A 71 0.16 15.53 28.89
CA SER A 71 -0.47 14.54 28.04
C SER A 71 -1.92 14.94 27.87
N ILE A 72 -2.59 14.41 26.84
CA ILE A 72 -4.03 14.65 26.68
C ILE A 72 -4.83 14.23 27.92
N ALA A 73 -4.44 13.13 28.56
CA ALA A 73 -5.15 12.70 29.77
C ALA A 73 -4.94 13.72 30.88
N GLY A 74 -3.69 14.16 31.04
CA GLY A 74 -3.36 15.19 32.03
C GLY A 74 -4.23 16.40 31.84
N TRP A 75 -4.39 16.80 30.59
CA TRP A 75 -5.19 17.96 30.24
C TRP A 75 -6.68 17.75 30.58
N LEU A 76 -7.29 16.71 30.01
CA LEU A 76 -8.72 16.43 30.19
C LEU A 76 -9.13 16.18 31.64
N LEU A 77 -8.27 15.52 32.41
CA LEU A 77 -8.57 15.23 33.80
C LEU A 77 -8.41 16.49 34.63
N GLY A 78 -7.44 17.33 34.25
CA GLY A 78 -7.13 18.53 34.98
C GLY A 78 -5.99 18.35 35.96
N ASN A 79 -4.95 17.65 35.54
CA ASN A 79 -3.72 17.59 36.32
C ASN A 79 -3.39 19.04 36.64
N PRO A 80 -3.10 19.36 37.92
CA PRO A 80 -2.79 20.74 38.35
C PRO A 80 -1.62 21.42 37.62
N GLU A 81 -0.70 20.63 37.05
CA GLU A 81 0.42 21.18 36.30
C GLU A 81 0.00 21.64 34.91
N CYS A 82 -1.24 21.35 34.52
CA CYS A 82 -1.76 21.78 33.23
C CYS A 82 -2.65 23.00 33.37
N ASP A 83 -2.53 23.67 34.52
CA ASP A 83 -3.40 24.81 34.84
C ASP A 83 -3.23 25.99 33.89
N ARG A 84 -2.00 26.27 33.49
CA ARG A 84 -1.72 27.43 32.65
C ARG A 84 -1.63 27.06 31.17
N LEU A 85 -2.63 26.34 30.68
CA LEU A 85 -2.46 25.65 29.39
C LEU A 85 -2.91 26.40 28.13
N LEU A 86 -4.01 27.14 28.18
CA LEU A 86 -4.49 27.88 26.99
C LEU A 86 -5.26 26.98 26.01
N SER A 87 -6.54 26.79 26.27
CA SER A 87 -7.35 25.92 25.45
C SER A 87 -8.07 26.69 24.36
N VAL A 88 -7.57 26.62 23.13
CA VAL A 88 -8.33 27.16 22.00
C VAL A 88 -9.61 26.35 21.79
N PRO A 89 -10.60 26.93 21.11
CA PRO A 89 -11.86 26.22 20.92
C PRO A 89 -11.93 25.47 19.60
N GLU A 90 -10.90 25.51 18.76
CA GLU A 90 -11.03 24.95 17.43
C GLU A 90 -9.98 23.91 17.04
N TRP A 91 -8.77 24.35 16.74
CA TRP A 91 -7.65 23.46 16.44
C TRP A 91 -7.77 22.39 15.32
N SER A 92 -6.70 22.30 14.52
CA SER A 92 -6.70 21.49 13.31
C SER A 92 -5.77 20.29 13.48
N TYR A 93 -4.95 20.32 14.52
CA TYR A 93 -4.14 19.19 14.93
C TYR A 93 -3.64 19.40 16.37
N ILE A 94 -2.92 18.42 16.90
CA ILE A 94 -2.46 18.53 18.26
C ILE A 94 -0.96 18.40 18.32
N VAL A 95 -0.34 19.22 19.17
CA VAL A 95 1.08 19.13 19.44
C VAL A 95 1.30 18.60 20.85
N GLU A 96 1.99 17.47 20.95
CA GLU A 96 2.28 16.82 22.21
C GLU A 96 3.75 16.45 22.15
N LYS A 97 4.46 16.60 23.26
CA LYS A 97 5.85 16.17 23.30
C LYS A 97 5.91 14.64 23.24
N GLU A 98 7.03 14.10 22.79
CA GLU A 98 7.11 12.66 22.64
C GLU A 98 6.65 11.95 23.90
N ASN A 99 7.25 12.35 25.02
CA ASN A 99 6.89 11.84 26.34
C ASN A 99 6.56 12.95 27.35
N PRO A 100 5.27 13.33 27.43
CA PRO A 100 4.85 14.47 28.26
C PRO A 100 5.13 14.19 29.74
N THR A 101 5.39 15.24 30.52
CA THR A 101 5.78 15.02 31.89
C THR A 101 4.62 15.10 32.87
N ASN A 102 3.51 15.70 32.44
CA ASN A 102 2.31 15.82 33.28
C ASN A 102 1.10 15.11 32.67
N GLY A 103 0.81 13.91 33.16
CA GLY A 103 -0.30 13.11 32.67
C GLY A 103 -1.10 12.65 33.88
N LEU A 104 -1.15 11.35 34.09
CA LEU A 104 -1.77 10.83 35.29
C LEU A 104 -0.86 11.01 36.50
N CYS A 105 -0.92 12.18 37.14
CA CYS A 105 -0.13 12.39 38.35
C CYS A 105 -0.49 11.37 39.44
N TYR A 106 -1.78 11.08 39.62
CA TYR A 106 -2.16 9.88 40.38
C TYR A 106 -2.11 8.71 39.41
N PRO A 107 -1.32 7.69 39.73
CA PRO A 107 -0.99 6.60 38.81
C PRO A 107 -2.23 5.79 38.42
N GLY A 108 -2.23 5.21 37.22
CA GLY A 108 -3.39 4.50 36.73
C GLY A 108 -3.32 4.25 35.23
N SER A 109 -4.47 4.01 34.61
CA SER A 109 -4.50 3.77 33.17
C SER A 109 -5.70 4.51 32.62
N PHE A 110 -5.84 4.54 31.30
CA PHE A 110 -6.97 5.24 30.69
C PHE A 110 -7.49 4.31 29.62
N ASN A 111 -8.71 3.79 29.80
CA ASN A 111 -9.26 2.83 28.84
C ASN A 111 -9.41 3.43 27.45
N ASP A 112 -9.02 2.66 26.44
CA ASP A 112 -9.14 3.10 25.05
C ASP A 112 -8.56 4.49 24.89
N TYR A 113 -7.36 4.69 25.45
CA TYR A 113 -6.71 5.99 25.38
C TYR A 113 -6.44 6.45 23.95
N GLU A 114 -5.91 5.55 23.12
CA GLU A 114 -5.46 5.92 21.78
C GLU A 114 -6.65 6.29 20.92
N GLU A 115 -7.76 5.61 21.11
CA GLU A 115 -9.00 5.95 20.43
C GLU A 115 -9.49 7.33 20.84
N LEU A 116 -9.31 7.68 22.11
CA LEU A 116 -9.71 9.00 22.60
C LEU A 116 -8.86 10.12 21.98
N LYS A 117 -7.53 9.95 22.00
CA LYS A 117 -6.64 10.91 21.39
C LYS A 117 -6.96 11.06 19.91
N HIS A 118 -7.27 9.96 19.25
CA HIS A 118 -7.59 10.05 17.85
C HIS A 118 -8.86 10.85 17.61
N LEU A 119 -9.83 10.74 18.51
CA LEU A 119 -11.08 11.50 18.46
C LEU A 119 -10.81 13.02 18.54
N LEU A 120 -9.99 13.41 19.52
CA LEU A 120 -9.72 14.84 19.81
C LEU A 120 -8.69 15.44 18.88
N THR A 121 -8.31 14.66 17.88
CA THR A 121 -7.24 15.02 16.99
C THR A 121 -7.47 16.37 16.24
N SER A 122 -8.70 16.59 15.77
CA SER A 122 -9.11 17.87 15.22
C SER A 122 -10.58 18.11 15.55
N VAL A 123 -10.97 19.37 15.66
CA VAL A 123 -12.23 19.68 16.33
C VAL A 123 -12.86 20.96 15.80
N THR A 124 -14.17 21.10 15.97
CA THR A 124 -14.88 22.25 15.41
C THR A 124 -14.51 23.63 15.96
N HIS A 125 -14.73 24.03 17.23
CA HIS A 125 -15.57 23.59 18.38
C HIS A 125 -15.35 22.50 19.44
N PHE A 126 -14.87 22.95 20.60
CA PHE A 126 -14.63 22.14 21.80
C PHE A 126 -14.70 23.06 23.04
N GLU A 127 -15.64 22.78 23.93
CA GLU A 127 -15.93 23.67 25.07
C GLU A 127 -16.24 22.91 26.36
N LYS A 128 -15.45 23.17 27.40
CA LYS A 128 -15.66 22.55 28.69
C LYS A 128 -16.87 23.13 29.43
N ILE A 129 -17.69 22.26 30.00
CA ILE A 129 -18.95 22.66 30.60
C ILE A 129 -19.12 21.98 31.94
N LYS A 130 -19.61 22.71 32.94
CA LYS A 130 -19.85 22.11 34.26
C LYS A 130 -21.18 21.37 34.28
N ILE A 131 -21.14 20.08 34.55
CA ILE A 131 -22.32 19.24 34.43
C ILE A 131 -22.75 18.59 35.76
N LEU A 132 -21.81 18.39 36.66
CA LEU A 132 -22.13 17.80 37.94
C LEU A 132 -21.42 18.56 39.03
N PRO A 133 -21.90 19.77 39.37
CA PRO A 133 -21.24 20.60 40.38
C PRO A 133 -20.87 19.79 41.62
N ARG A 134 -19.63 19.91 42.10
CA ARG A 134 -19.18 19.09 43.23
C ARG A 134 -19.94 19.35 44.54
N ASP A 135 -20.32 20.58 44.81
CA ASP A 135 -20.96 20.87 46.09
C ASP A 135 -22.27 20.09 46.30
N GLN A 136 -22.81 19.51 45.24
CA GLN A 136 -24.09 18.79 45.32
C GLN A 136 -23.96 17.31 45.64
N TRP A 137 -22.73 16.82 45.83
CA TRP A 137 -22.56 15.50 46.44
C TRP A 137 -22.77 15.67 47.93
N THR A 138 -24.01 16.02 48.28
CA THR A 138 -24.38 16.42 49.63
C THR A 138 -24.06 15.37 50.71
N GLN A 139 -24.25 14.10 50.37
CA GLN A 139 -24.10 13.03 51.35
C GLN A 139 -22.69 12.41 51.36
N HIS A 140 -21.79 12.95 50.56
CA HIS A 140 -20.44 12.40 50.46
C HIS A 140 -19.39 13.49 50.67
N THR A 141 -18.14 13.06 50.87
CA THR A 141 -17.05 14.03 51.01
C THR A 141 -16.39 14.28 49.66
N THR A 142 -15.85 15.48 49.50
CA THR A 142 -15.52 15.97 48.18
C THR A 142 -14.06 16.40 48.04
N THR A 143 -13.38 16.57 49.17
CA THR A 143 -12.07 17.19 49.19
C THR A 143 -10.93 16.21 49.19
N GLY A 144 -11.26 14.93 49.05
CA GLY A 144 -10.23 13.90 48.97
C GLY A 144 -9.19 14.32 47.97
N GLY A 145 -7.92 14.11 48.31
CA GLY A 145 -6.82 14.53 47.46
C GLY A 145 -5.64 13.60 47.62
N SER A 146 -4.49 13.99 47.06
CA SER A 146 -3.32 13.14 47.14
C SER A 146 -2.02 13.91 46.97
N ARG A 147 -0.99 13.49 47.68
CA ARG A 147 0.32 14.09 47.58
C ARG A 147 0.90 13.89 46.18
N ALA A 148 0.39 12.91 45.44
CA ALA A 148 0.87 12.67 44.09
C ALA A 148 0.48 13.79 43.14
N CYS A 149 -0.60 14.50 43.47
CA CYS A 149 -1.02 15.65 42.69
C CYS A 149 -0.88 16.91 43.52
N ALA A 150 0.26 17.05 44.18
CA ALA A 150 0.48 18.13 45.12
C ALA A 150 0.75 19.49 44.48
N VAL A 151 0.22 20.53 45.12
CA VAL A 151 0.50 21.92 44.73
C VAL A 151 1.30 22.64 45.83
N SER A 152 2.62 22.62 45.67
CA SER A 152 3.54 23.15 46.69
C SER A 152 2.83 23.76 47.89
N GLY A 153 2.60 22.93 48.90
CA GLY A 153 3.03 21.54 48.87
C GLY A 153 1.99 20.63 49.48
N ASN A 154 0.71 21.01 49.35
CA ASN A 154 -0.39 20.25 49.94
C ASN A 154 -1.07 19.29 48.98
N PRO A 155 -1.73 18.25 49.51
CA PRO A 155 -2.37 17.25 48.65
C PRO A 155 -3.47 17.87 47.78
N SER A 156 -3.41 17.63 46.48
CA SER A 156 -4.46 18.12 45.59
C SER A 156 -4.95 16.98 44.71
N PHE A 157 -5.59 17.32 43.58
CA PHE A 157 -6.22 16.31 42.75
C PHE A 157 -6.53 16.87 41.37
N PHE A 158 -6.79 15.97 40.41
CA PHE A 158 -7.31 16.36 39.11
C PHE A 158 -8.43 17.36 39.27
N ARG A 159 -8.28 18.53 38.68
CA ARG A 159 -9.20 19.64 38.93
C ARG A 159 -10.59 19.45 38.34
N ASN A 160 -10.71 18.58 37.35
CA ASN A 160 -12.00 18.38 36.70
C ASN A 160 -12.75 17.20 37.27
N MET A 161 -12.12 16.51 38.22
CA MET A 161 -12.71 15.32 38.81
C MET A 161 -12.96 15.48 40.31
N VAL A 162 -13.79 14.59 40.85
CA VAL A 162 -14.16 14.62 42.26
C VAL A 162 -13.97 13.26 42.89
N LEU A 164 -14.95 11.07 45.54
CA LEU A 164 -15.97 10.84 46.56
C LEU A 164 -15.48 9.84 47.58
N THR A 165 -15.43 10.27 48.84
CA THR A 165 -15.13 9.38 49.95
C THR A 165 -16.17 9.51 51.06
N LYS A 166 -16.04 8.67 52.09
CA LYS A 166 -17.05 8.55 53.16
C LYS A 166 -17.26 9.81 53.99
N LYS A 167 -18.49 9.98 54.49
CA LYS A 167 -18.85 11.11 55.32
C LYS A 167 -19.10 10.62 56.75
N GLY A 168 -18.09 10.75 57.60
CA GLY A 168 -18.14 10.22 58.95
C GLY A 168 -17.68 8.78 58.98
N SER A 169 -18.65 7.87 58.93
CA SER A 169 -18.35 6.45 58.72
C SER A 169 -19.41 5.85 57.81
N ASN A 170 -20.04 6.72 57.01
CA ASN A 170 -21.06 6.30 56.05
C ASN A 170 -20.76 6.72 54.61
N TYR A 171 -21.08 5.85 53.67
CA TYR A 171 -20.99 6.17 52.25
C TYR A 171 -22.27 5.64 51.61
N PRO A 172 -23.31 6.47 51.59
CA PRO A 172 -24.62 6.11 51.03
C PRO A 172 -24.43 5.72 49.58
N VAL A 173 -25.47 5.30 48.89
CA VAL A 173 -25.29 5.09 47.46
C VAL A 173 -25.22 6.45 46.81
N ALA A 174 -24.06 6.74 46.21
CA ALA A 174 -23.91 7.98 45.44
C ALA A 174 -24.60 7.77 44.11
N LYS A 175 -25.54 8.65 43.79
CA LYS A 175 -26.32 8.51 42.56
C LYS A 175 -26.72 9.86 41.97
N ARG A 176 -26.03 10.27 40.91
CA ARG A 176 -26.42 11.47 40.18
C ARG A 176 -26.52 11.18 38.69
N SER A 177 -27.19 12.07 37.97
CA SER A 177 -27.30 11.92 36.52
C SER A 177 -27.30 13.29 35.85
N TYR A 178 -26.98 13.31 34.56
CA TYR A 178 -26.96 14.56 33.81
C TYR A 178 -27.56 14.35 32.43
N ASN A 179 -28.44 15.26 32.03
CA ASN A 179 -29.03 15.25 30.69
C ASN A 179 -28.26 16.25 29.80
N ASN A 180 -27.75 15.77 28.68
CA ASN A 180 -26.99 16.64 27.78
C ASN A 180 -27.88 17.63 27.05
N THR A 181 -28.08 18.78 27.66
CA THR A 181 -28.97 19.80 27.12
C THR A 181 -28.15 20.84 26.37
N SER A 182 -26.87 20.55 26.18
CA SER A 182 -25.93 21.52 25.67
C SER A 182 -26.03 21.72 24.17
N GLY A 183 -26.72 20.83 23.48
CA GLY A 183 -26.90 20.96 22.05
C GLY A 183 -25.74 20.41 21.25
N GLU A 184 -24.72 19.92 21.93
CA GLU A 184 -23.65 19.23 21.24
C GLU A 184 -23.31 17.89 21.87
N GLN A 185 -22.69 17.03 21.08
CA GLN A 185 -22.16 15.79 21.60
C GLN A 185 -21.14 16.13 22.70
N MET A 186 -21.17 15.38 23.79
CA MET A 186 -20.36 15.69 24.96
C MET A 186 -19.40 14.54 25.37
N LEU A 187 -18.11 14.83 25.45
CA LEU A 187 -17.18 13.88 26.03
C LEU A 187 -17.35 13.89 27.53
N ILE A 188 -17.34 12.73 28.16
CA ILE A 188 -17.42 12.64 29.62
C ILE A 188 -16.53 11.52 30.16
N ILE A 189 -15.75 11.82 31.20
CA ILE A 189 -14.76 10.88 31.73
C ILE A 189 -15.06 10.54 33.18
N TRP A 190 -14.78 9.30 33.58
CA TRP A 190 -14.93 8.94 34.98
C TRP A 190 -13.88 7.92 35.35
N GLY A 191 -13.77 7.64 36.63
CA GLY A 191 -12.75 6.70 37.07
C GLY A 191 -13.20 5.87 38.26
N ILE A 192 -12.52 4.75 38.44
CA ILE A 192 -12.68 3.95 39.63
C ILE A 192 -11.32 3.82 40.32
N HIS A 193 -11.30 3.94 41.64
CA HIS A 193 -10.05 3.91 42.42
C HIS A 193 -9.75 2.51 42.89
N TYR A 194 -8.46 2.16 42.95
CA TYR A 194 -8.06 0.86 43.48
C TYR A 194 -7.11 1.08 44.65
N PRO A 195 -7.59 0.81 45.87
CA PRO A 195 -6.83 0.96 47.12
C PRO A 195 -5.68 -0.03 47.26
N ASN A 196 -4.85 0.17 48.24
CA ASN A 196 -3.70 -0.69 48.46
C ASN A 196 -3.99 -2.02 49.13
N ASP A 197 -5.07 -2.09 49.89
CA ASP A 197 -5.38 -3.31 50.61
C ASP A 197 -6.70 -3.17 51.35
N ASP A 198 -7.27 -4.31 51.74
CA ASP A 198 -8.60 -4.35 52.31
C ASP A 198 -8.89 -3.27 53.32
N THR A 199 -7.90 -2.86 54.09
CA THR A 199 -8.17 -1.92 55.16
C THR A 199 -8.47 -0.59 54.54
N GLU A 200 -7.43 -0.05 53.95
CA GLU A 200 -7.40 1.28 53.33
C GLU A 200 -8.75 1.61 52.68
N GLN A 201 -9.33 0.63 52.01
CA GLN A 201 -10.64 0.76 51.40
C GLN A 201 -11.68 1.32 52.39
N ARG A 202 -11.78 0.68 53.54
CA ARG A 202 -12.79 1.00 54.53
C ARG A 202 -12.65 2.44 55.01
N THR A 203 -11.42 2.84 55.31
CA THR A 203 -11.18 4.19 55.79
C THR A 203 -11.53 5.22 54.73
N LEU A 204 -11.77 4.72 53.51
CA LEU A 204 -12.12 5.59 52.39
C LEU A 204 -13.58 5.48 51.99
N TYR A 205 -14.13 4.26 52.00
CA TYR A 205 -15.49 4.05 51.49
C TYR A 205 -16.38 3.23 52.43
N GLN A 206 -15.81 2.77 53.54
CA GLN A 206 -16.52 1.95 54.51
C GLN A 206 -16.90 0.57 53.97
N ASN A 207 -17.84 0.54 53.04
CA ASN A 207 -18.34 -0.72 52.49
C ASN A 207 -17.24 -1.53 51.80
N VAL A 208 -17.52 -2.78 51.46
CA VAL A 208 -16.49 -3.63 50.84
C VAL A 208 -16.82 -4.09 49.43
N GLY A 209 -17.96 -4.72 49.24
CA GLY A 209 -18.34 -5.19 47.92
C GLY A 209 -18.87 -4.07 47.05
N THR A 210 -18.06 -3.03 46.88
CA THR A 210 -18.48 -1.83 46.18
C THR A 210 -18.42 -1.95 44.66
N TYR A 211 -19.17 -1.09 43.98
CA TYR A 211 -19.20 -1.08 42.53
C TYR A 211 -19.36 0.33 41.98
N VAL A 212 -19.02 0.51 40.72
CA VAL A 212 -19.22 1.78 40.04
C VAL A 212 -20.06 1.49 38.81
N SER A 213 -21.21 2.16 38.71
CA SER A 213 -22.11 1.89 37.61
C SER A 213 -22.33 3.14 36.75
N VAL A 214 -22.04 3.04 35.46
CA VAL A 214 -22.25 4.14 34.53
C VAL A 214 -23.06 3.63 33.34
N GLY A 215 -24.10 4.35 32.95
CA GLY A 215 -24.93 3.95 31.83
C GLY A 215 -25.56 5.11 31.08
N THR A 216 -25.67 4.96 29.76
CA THR A 216 -26.39 5.89 28.89
C THR A 216 -27.33 5.08 28.01
N SER A 217 -27.76 5.64 26.88
CA SER A 217 -28.60 4.91 25.94
C SER A 217 -27.85 3.75 25.30
N THR A 218 -26.56 3.94 25.06
CA THR A 218 -25.74 2.93 24.42
C THR A 218 -24.69 2.38 25.37
N LEU A 219 -24.20 3.25 26.26
CA LEU A 219 -23.25 2.81 27.27
C LEU A 219 -23.94 2.10 28.41
N ASN A 220 -23.30 1.06 28.91
CA ASN A 220 -23.65 0.50 30.20
C ASN A 220 -22.46 -0.29 30.72
N LYS A 221 -22.08 -0.04 31.96
CA LYS A 221 -20.83 -0.57 32.45
C LYS A 221 -20.80 -0.64 33.96
N ARG A 222 -20.19 -1.71 34.46
CA ARG A 222 -20.12 -1.97 35.89
C ARG A 222 -18.71 -2.35 36.27
N SER A 223 -18.05 -1.49 37.01
CA SER A 223 -16.70 -1.79 37.46
C SER A 223 -16.68 -2.09 38.95
N ILE A 224 -15.83 -3.03 39.34
CA ILE A 224 -15.55 -3.28 40.75
C ILE A 224 -14.05 -3.15 40.99
N PRO A 225 -13.67 -2.63 42.15
CA PRO A 225 -12.28 -2.39 42.54
C PRO A 225 -11.38 -3.64 42.53
N GLU A 226 -10.26 -3.56 41.80
CA GLU A 226 -9.31 -4.65 41.73
C GLU A 226 -8.13 -4.43 42.67
N ILE A 227 -8.25 -4.89 43.91
CA ILE A 227 -7.19 -4.73 44.90
C ILE A 227 -6.00 -5.67 44.64
N ALA A 228 -4.79 -5.16 44.87
CA ALA A 228 -3.56 -5.92 44.67
C ALA A 228 -2.40 -5.18 45.31
N THR A 229 -1.29 -5.87 45.56
CA THR A 229 -0.08 -5.24 46.10
C THR A 229 0.74 -4.66 44.96
N ARG A 230 1.04 -3.37 45.03
CA ARG A 230 1.70 -2.71 43.91
C ARG A 230 2.84 -1.81 44.34
N PRO A 231 3.93 -1.81 43.60
CA PRO A 231 5.00 -0.87 43.88
C PRO A 231 4.44 0.51 43.91
N LYS A 232 5.23 1.50 44.28
CA LYS A 232 4.73 2.84 44.39
C LYS A 232 5.16 3.63 43.19
N VAL A 233 4.20 4.33 42.60
CA VAL A 233 4.47 5.25 41.52
C VAL A 233 4.07 6.59 42.02
N ASN A 234 4.97 7.56 41.91
CA ASN A 234 4.72 8.85 42.50
C ASN A 234 4.34 8.70 43.94
N GLY A 235 4.85 7.67 44.57
CA GLY A 235 4.68 7.45 45.98
C GLY A 235 3.40 6.75 46.33
N GLN A 236 2.67 6.29 45.34
CA GLN A 236 1.40 5.67 45.60
C GLN A 236 1.38 4.22 45.16
N GLY A 237 0.52 3.45 45.80
CA GLY A 237 0.37 2.07 45.46
C GLY A 237 -1.00 1.83 44.91
N GLY A 238 -1.89 2.78 45.12
CA GLY A 238 -3.22 2.67 44.59
C GLY A 238 -3.27 3.13 43.17
N ARG A 239 -4.31 2.77 42.45
CA ARG A 239 -4.36 3.16 41.06
C ARG A 239 -5.70 3.75 40.79
N MET A 240 -5.80 4.49 39.69
CA MET A 240 -7.09 4.96 39.24
C MET A 240 -7.27 4.63 37.77
N GLU A 241 -8.35 3.96 37.44
CA GLU A 241 -8.59 3.63 36.05
C GLU A 241 -9.73 4.49 35.50
N PHE A 242 -9.45 5.22 34.42
CA PHE A 242 -10.39 6.18 33.84
C PHE A 242 -11.00 5.65 32.58
N SER A 243 -12.28 5.95 32.38
CA SER A 243 -13.00 5.59 31.15
C SER A 243 -13.74 6.81 30.63
N TRP A 244 -14.21 6.71 29.38
CA TRP A 244 -14.86 7.83 28.73
C TRP A 244 -15.98 7.40 27.77
N THR A 245 -16.92 8.30 27.53
CA THR A 245 -18.00 8.04 26.59
C THR A 245 -18.41 9.30 25.85
N LEU A 246 -19.00 9.14 24.67
CA LEU A 246 -19.62 10.28 24.04
C LEU A 246 -21.09 10.21 24.39
N LEU A 247 -21.57 11.22 25.12
CA LEU A 247 -22.98 11.33 25.47
C LEU A 247 -23.75 12.10 24.41
N GLU A 248 -24.69 11.45 23.74
CA GLU A 248 -25.39 12.07 22.65
C GLU A 248 -26.35 13.13 23.18
N THR A 249 -26.70 14.09 22.34
CA THR A 249 -27.60 15.18 22.76
C THR A 249 -28.96 14.66 23.15
N TRP A 250 -29.48 15.21 24.24
CA TRP A 250 -30.79 14.85 24.80
C TRP A 250 -30.79 13.46 25.45
N ASP A 251 -29.63 12.84 25.49
CA ASP A 251 -29.48 11.59 26.21
C ASP A 251 -29.04 11.95 27.62
N VAL A 252 -29.22 11.01 28.55
CA VAL A 252 -28.74 11.23 29.91
C VAL A 252 -27.75 10.15 30.29
N ILE A 253 -26.83 10.49 31.20
CA ILE A 253 -25.89 9.51 31.74
C ILE A 253 -26.15 9.40 33.22
N ASN A 254 -26.25 8.17 33.70
CA ASN A 254 -26.52 7.89 35.11
C ASN A 254 -25.32 7.29 35.80
N PHE A 255 -24.84 7.97 36.84
CA PHE A 255 -23.82 7.42 37.71
C PHE A 255 -24.45 6.75 38.93
N GLU A 256 -23.89 5.61 39.33
CA GLU A 256 -24.29 4.96 40.59
C GLU A 256 -23.10 4.26 41.21
N SER A 257 -22.84 4.51 42.49
CA SER A 257 -21.70 3.91 43.15
C SER A 257 -21.85 3.74 44.66
N THR A 258 -21.43 2.58 45.15
CA THR A 258 -21.36 2.32 46.58
C THR A 258 -19.93 2.54 47.09
N GLY A 259 -19.09 3.12 46.23
CA GLY A 259 -17.72 3.48 46.60
C GLY A 259 -16.71 3.35 45.47
N ASN A 260 -15.59 4.08 45.59
CA ASN A 260 -14.48 4.00 44.65
C ASN A 260 -14.67 4.79 43.35
N LEU A 261 -15.75 5.55 43.26
CA LEU A 261 -16.05 6.34 42.08
C LEU A 261 -15.30 7.67 42.09
N ILE A 262 -14.54 7.93 41.02
CA ILE A 262 -13.97 9.24 40.77
C ILE A 262 -14.84 9.91 39.73
N ALA A 263 -15.67 10.86 40.16
CA ALA A 263 -16.71 11.41 39.29
C ALA A 263 -16.26 12.64 38.50
N PRO A 264 -16.82 12.83 37.30
CA PRO A 264 -16.50 14.08 36.61
C PRO A 264 -17.25 15.24 37.27
N GLU A 265 -16.68 16.44 37.25
CA GLU A 265 -17.45 17.62 37.53
C GLU A 265 -17.76 18.30 36.21
N TYR A 266 -16.94 18.04 35.21
CA TYR A 266 -17.10 18.69 33.91
C TYR A 266 -17.25 17.68 32.78
N GLY A 267 -17.90 18.10 31.70
CA GLY A 267 -17.96 17.35 30.45
C GLY A 267 -17.36 18.24 29.39
N PHE A 268 -17.25 17.76 28.14
CA PHE A 268 -16.70 18.60 27.08
C PHE A 268 -17.57 18.57 25.83
N LYS A 269 -18.21 19.68 25.51
CA LYS A 269 -18.95 19.77 24.26
C LYS A 269 -17.95 19.60 23.13
N ILE A 270 -18.29 18.81 22.13
CA ILE A 270 -17.37 18.58 21.05
C ILE A 270 -18.13 18.42 19.74
N SER A 271 -17.63 19.06 18.67
CA SER A 271 -18.12 18.76 17.32
C SER A 271 -16.93 18.51 16.38
N LYS A 272 -17.11 17.63 15.40
CA LYS A 272 -16.01 17.30 14.50
C LYS A 272 -16.39 17.31 13.03
N ARG A 273 -15.50 17.82 12.20
CA ARG A 273 -15.64 17.70 10.75
C ARG A 273 -15.00 16.39 10.32
N GLY A 274 -13.68 16.28 10.47
CA GLY A 274 -13.02 15.04 10.16
C GLY A 274 -11.97 14.67 11.17
N SER A 275 -10.87 14.07 10.68
CA SER A 275 -9.76 13.71 11.54
C SER A 275 -8.44 14.30 11.13
N SER A 276 -7.46 14.18 12.02
CA SER A 276 -6.15 14.80 11.86
C SER A 276 -5.13 13.92 12.58
N GLY A 277 -4.18 14.53 13.27
CA GLY A 277 -3.20 13.74 13.96
C GLY A 277 -2.49 14.50 15.06
N ILE A 278 -1.82 13.75 15.93
CA ILE A 278 -0.94 14.32 16.94
C ILE A 278 0.45 14.43 16.32
N MET A 279 1.04 15.61 16.41
CA MET A 279 2.40 15.82 15.95
C MET A 279 3.31 15.90 17.15
N LYS A 280 4.25 14.97 17.24
CA LYS A 280 5.22 14.97 18.33
C LYS A 280 6.34 15.94 18.00
N THR A 281 6.47 16.99 18.81
CA THR A 281 7.50 17.99 18.62
C THR A 281 7.56 18.91 19.84
N GLU A 282 8.57 19.76 19.91
CA GLU A 282 8.70 20.69 21.01
C GLU A 282 8.58 22.13 20.54
N LYS A 283 8.60 22.30 19.22
CA LYS A 283 8.37 23.59 18.60
C LYS A 283 7.03 24.20 19.05
N THR A 284 6.84 25.50 18.83
CA THR A 284 5.64 26.19 19.28
C THR A 284 5.02 27.04 18.18
N LEU A 285 3.70 27.17 18.23
CA LEU A 285 2.94 27.90 17.22
C LEU A 285 3.61 29.26 16.98
N GLU A 286 3.66 29.70 15.73
CA GLU A 286 4.49 30.84 15.42
C GLU A 286 3.82 31.91 14.56
N ASN A 287 2.58 31.70 14.15
CA ASN A 287 1.86 32.73 13.39
C ASN A 287 2.23 32.77 11.91
N CYS A 288 1.86 31.71 11.20
CA CYS A 288 2.03 31.67 9.78
C CYS A 288 1.03 30.67 9.24
N GLU A 289 1.06 30.44 7.95
CA GLU A 289 0.08 29.59 7.32
C GLU A 289 0.78 28.48 6.57
N THR A 290 0.17 27.32 6.52
CA THR A 290 0.62 26.27 5.62
C THR A 290 -0.54 25.44 5.21
N LYS A 291 -0.38 24.78 4.08
CA LYS A 291 -1.28 23.71 3.75
C LYS A 291 -0.64 22.42 4.24
N CYS A 292 0.62 22.50 4.66
CA CYS A 292 1.38 21.28 4.97
C CYS A 292 2.43 21.43 6.07
N GLN A 293 2.24 20.71 7.17
CA GLN A 293 3.11 20.83 8.33
C GLN A 293 3.96 19.58 8.55
N THR A 294 5.21 19.77 8.97
CA THR A 294 6.06 18.66 9.38
C THR A 294 6.65 19.05 10.73
N PRO A 295 7.13 18.06 11.50
CA PRO A 295 7.64 18.41 12.83
C PRO A 295 8.90 19.27 12.76
N LEU A 296 9.49 19.40 11.58
CA LEU A 296 10.67 20.26 11.38
C LEU A 296 10.29 21.68 10.99
N GLY A 297 9.18 21.81 10.26
CA GLY A 297 8.73 23.09 9.75
C GLY A 297 7.66 22.92 8.67
N ALA A 298 7.10 24.04 8.21
CA ALA A 298 6.02 24.00 7.23
C ALA A 298 6.59 23.96 5.81
N ILE A 299 5.94 23.20 4.93
CA ILE A 299 6.36 23.07 3.54
C ILE A 299 5.43 23.91 2.66
N ASN A 300 5.99 24.76 1.81
CA ASN A 300 5.16 25.47 0.82
C ASN A 300 5.69 25.24 -0.59
N THR A 301 5.04 24.34 -1.33
CA THR A 301 5.62 23.88 -2.59
C THR A 301 4.58 23.48 -3.64
N THR A 302 5.01 23.50 -4.89
CA THR A 302 4.19 22.98 -5.97
C THR A 302 4.64 21.56 -6.30
N LEU A 303 5.86 21.23 -5.87
CA LEU A 303 6.51 19.99 -6.24
C LEU A 303 5.77 18.77 -5.72
N PRO A 304 5.88 17.64 -6.44
CA PRO A 304 5.12 16.42 -6.17
C PRO A 304 5.81 15.53 -5.16
N PHE A 305 7.05 15.85 -4.80
CA PHE A 305 7.80 15.01 -3.87
C PHE A 305 8.57 15.86 -2.87
N HIS A 306 8.89 15.28 -1.72
CA HIS A 306 9.75 15.94 -0.75
C HIS A 306 10.46 14.89 0.08
N ASN A 307 11.50 15.32 0.79
CA ASN A 307 12.20 14.41 1.69
C ASN A 307 12.47 15.00 3.07
N ILE A 308 11.71 16.04 3.46
CA ILE A 308 11.90 16.67 4.77
C ILE A 308 11.70 15.68 5.92
N HIS A 309 10.57 14.98 5.91
CA HIS A 309 10.17 14.18 7.04
C HIS A 309 8.93 13.38 6.71
N PRO A 310 8.90 12.10 7.13
CA PRO A 310 7.76 11.22 6.86
C PRO A 310 6.45 11.63 7.55
N LEU A 311 6.53 12.20 8.76
CA LEU A 311 5.32 12.40 9.56
C LEU A 311 4.71 13.78 9.37
N THR A 312 3.98 13.96 8.28
CA THR A 312 3.42 15.25 7.92
C THR A 312 1.94 15.27 8.24
N ILE A 313 1.36 16.46 8.30
CA ILE A 313 -0.08 16.60 8.40
C ILE A 313 -0.48 17.71 7.46
N GLY A 314 -1.48 17.46 6.63
CA GLY A 314 -1.94 18.47 5.70
C GLY A 314 -2.05 17.92 4.29
N GLU A 315 -1.96 18.80 3.30
CA GLU A 315 -1.94 18.36 1.92
C GLU A 315 -0.53 18.41 1.38
N CYS A 316 0.12 17.25 1.37
CA CYS A 316 1.56 17.21 1.21
C CYS A 316 2.01 16.53 -0.06
N PRO A 317 3.24 16.84 -0.49
CA PRO A 317 3.92 16.10 -1.55
C PRO A 317 4.19 14.68 -1.10
N LYS A 318 4.44 13.75 -2.03
CA LYS A 318 4.80 12.38 -1.64
C LYS A 318 6.19 12.35 -1.04
N TYR A 319 6.31 11.77 0.14
CA TYR A 319 7.61 11.64 0.79
C TYR A 319 8.36 10.51 0.12
N VAL A 320 9.66 10.71 -0.07
CA VAL A 320 10.45 9.88 -0.95
C VAL A 320 11.84 9.70 -0.33
N LYS A 321 12.44 8.53 -0.48
CA LYS A 321 13.76 8.31 0.11
C LYS A 321 14.88 9.03 -0.64
N SER A 322 14.60 9.37 -1.88
CA SER A 322 15.52 10.14 -2.72
C SER A 322 15.96 11.44 -2.04
N ASP A 323 17.12 11.95 -2.44
CA ASP A 323 17.54 13.31 -2.06
C ASP A 323 17.94 14.17 -3.26
N ARG A 324 17.53 13.73 -4.44
CA ARG A 324 17.71 14.48 -5.68
C ARG A 324 16.76 13.94 -6.73
N LEU A 325 15.94 14.82 -7.30
CA LEU A 325 15.16 14.46 -8.47
C LEU A 325 15.25 15.60 -9.47
N VAL A 326 16.28 15.59 -10.30
CA VAL A 326 16.49 16.69 -11.22
C VAL A 326 16.10 16.29 -12.64
N LEU A 327 15.10 17.02 -13.15
CA LEU A 327 14.68 16.92 -14.53
C LEU A 327 15.58 17.78 -15.38
N ALA A 328 16.00 17.27 -16.53
CA ALA A 328 16.64 18.14 -17.49
C ALA A 328 15.57 18.97 -18.21
N THR A 329 15.85 20.24 -18.43
CA THR A 329 14.93 21.07 -19.22
C THR A 329 15.68 21.57 -20.46
N GLY A 330 16.91 22.03 -20.25
CA GLY A 330 17.79 22.41 -21.33
C GLY A 330 18.32 21.20 -22.10
N LEU A 331 19.43 21.39 -22.81
CA LEU A 331 20.02 20.32 -23.61
C LEU A 331 21.42 19.95 -23.12
N ARG A 332 22.01 18.90 -23.68
CA ARG A 332 23.36 18.53 -23.27
C ARG A 332 24.24 19.75 -23.47
N ASN A 333 25.06 20.06 -22.47
CA ASN A 333 25.88 21.25 -22.50
C ASN A 333 27.31 20.89 -22.85
N VAL A 334 27.67 21.13 -24.11
CA VAL A 334 29.01 20.79 -24.60
C VAL A 334 29.81 22.03 -24.99
N PRO A 335 31.08 22.09 -24.54
CA PRO A 335 32.01 23.20 -24.70
C PRO A 335 31.94 23.85 -26.07
N GLY A 341 23.86 10.86 -28.36
CA GLY A 341 22.63 11.43 -28.87
C GLY A 341 21.98 10.51 -29.88
N LEU A 342 20.68 10.27 -29.67
CA LEU A 342 19.93 9.31 -30.47
C LEU A 342 19.82 9.76 -31.92
N PHE A 343 19.90 11.06 -32.15
CA PHE A 343 19.72 11.59 -33.49
C PHE A 343 21.03 12.06 -34.13
N GLY A 344 22.12 11.91 -33.40
CA GLY A 344 23.44 12.08 -33.98
C GLY A 344 23.94 13.49 -34.24
N ALA A 345 23.17 14.50 -33.83
CA ALA A 345 23.57 15.91 -33.99
C ALA A 345 24.28 16.47 -32.78
N ILE A 346 23.53 16.71 -31.70
CA ILE A 346 24.11 17.28 -30.49
C ILE A 346 25.23 16.38 -29.98
N ALA A 347 26.39 16.99 -29.74
CA ALA A 347 27.55 16.20 -29.33
C ALA A 347 27.77 15.05 -30.30
N GLY A 348 27.42 15.29 -31.55
CA GLY A 348 27.55 14.31 -32.61
C GLY A 348 28.18 14.93 -33.86
N PHE A 349 27.44 14.94 -34.97
CA PHE A 349 28.01 15.47 -36.20
C PHE A 349 28.18 16.99 -36.13
N ILE A 350 27.34 17.65 -35.33
CA ILE A 350 27.58 19.03 -34.93
C ILE A 350 28.28 18.95 -33.57
N GLU A 351 29.61 18.97 -33.57
CA GLU A 351 30.39 18.52 -32.41
C GLU A 351 30.39 19.40 -31.15
N GLY A 352 29.96 20.66 -31.27
CA GLY A 352 29.98 21.57 -30.13
C GLY A 352 28.86 22.60 -30.05
N GLY A 353 28.57 23.06 -28.82
CA GLY A 353 27.59 24.11 -28.60
C GLY A 353 28.18 25.50 -28.78
N TRP A 354 27.32 26.53 -28.84
CA TRP A 354 27.78 27.91 -29.02
C TRP A 354 27.54 28.80 -27.80
N GLN A 355 28.62 29.19 -27.14
CA GLN A 355 28.55 30.20 -26.08
C GLN A 355 27.83 31.45 -26.58
N GLY A 356 28.04 31.77 -27.85
CA GLY A 356 27.60 33.02 -28.45
C GLY A 356 26.10 33.19 -28.62
N MET A 357 25.42 32.13 -29.02
CA MET A 357 23.98 32.21 -29.15
C MET A 357 23.35 32.23 -27.77
N VAL A 358 22.75 33.36 -27.42
CA VAL A 358 22.28 33.57 -26.07
C VAL A 358 20.81 33.99 -26.00
N ASP A 359 20.10 33.79 -27.10
CA ASP A 359 18.68 34.15 -27.18
C ASP A 359 17.77 33.00 -27.64
N GLY A 360 18.29 31.78 -27.58
CA GLY A 360 17.53 30.61 -27.96
C GLY A 360 18.33 29.35 -27.77
N TRP A 361 17.69 28.20 -27.96
CA TRP A 361 18.35 26.91 -27.77
C TRP A 361 19.04 26.42 -29.05
N TYR A 362 18.42 26.67 -30.19
CA TYR A 362 18.99 26.30 -31.49
C TYR A 362 18.99 27.52 -32.41
N GLY A 363 19.96 27.61 -33.31
CA GLY A 363 20.02 28.74 -34.22
C GLY A 363 21.10 28.64 -35.29
N TYR A 364 21.32 29.75 -35.99
CA TYR A 364 22.21 29.76 -37.13
C TYR A 364 23.40 30.71 -36.94
N HIS A 365 24.50 30.40 -37.62
CA HIS A 365 25.70 31.25 -37.60
C HIS A 365 26.24 31.47 -39.02
N HIS A 366 26.06 32.68 -39.54
CA HIS A 366 26.39 32.97 -40.93
C HIS A 366 27.73 33.70 -41.14
N SER A 367 28.36 33.44 -42.28
CA SER A 367 29.52 34.21 -42.74
C SER A 367 29.14 34.91 -44.04
N ASN A 368 29.26 36.24 -44.04
CA ASN A 368 28.77 37.05 -45.14
C ASN A 368 29.75 38.18 -45.45
N ASP A 369 29.56 38.83 -46.58
CA ASP A 369 30.37 40.00 -46.93
C ASP A 369 30.11 41.16 -45.96
N GLN A 370 28.93 41.16 -45.34
CA GLN A 370 28.56 42.19 -44.38
C GLN A 370 29.05 41.92 -42.96
N GLY A 371 28.90 40.69 -42.49
CA GLY A 371 29.28 40.36 -41.12
C GLY A 371 29.05 38.92 -40.72
N SER A 372 28.73 38.72 -39.44
CA SER A 372 28.51 37.39 -38.85
C SER A 372 28.32 37.52 -37.34
N GLY A 373 27.42 36.72 -36.75
CA GLY A 373 26.63 35.75 -37.49
C GLY A 373 25.64 34.94 -36.65
N TYR A 374 25.59 35.18 -35.34
CA TYR A 374 24.69 34.44 -34.45
C TYR A 374 23.26 35.00 -34.44
N ALA A 375 22.33 34.24 -34.98
CA ALA A 375 20.93 34.65 -35.00
C ALA A 375 20.04 33.46 -34.61
N ALA A 376 19.65 33.42 -33.34
CA ALA A 376 18.90 32.29 -32.81
C ALA A 376 17.58 32.06 -33.56
N ASP A 377 17.20 30.79 -33.65
CA ASP A 377 15.98 30.39 -34.33
C ASP A 377 14.81 30.41 -33.34
N LYS A 378 13.94 31.41 -33.48
CA LYS A 378 12.87 31.61 -32.51
C LYS A 378 11.73 30.63 -32.74
N GLU A 379 11.50 30.27 -33.99
CA GLU A 379 10.36 29.42 -34.36
C GLU A 379 10.42 28.05 -33.65
N SER A 380 11.58 27.41 -33.69
CA SER A 380 11.72 26.07 -33.11
C SER A 380 12.05 26.11 -31.62
N THR A 381 12.70 27.18 -31.18
CA THR A 381 13.10 27.30 -29.79
C THR A 381 11.88 27.40 -28.91
N GLN A 382 10.83 28.02 -29.43
CA GLN A 382 9.58 28.16 -28.68
C GLN A 382 8.85 26.82 -28.57
N LYS A 383 8.85 26.08 -29.67
CA LYS A 383 8.22 24.77 -29.72
C LYS A 383 8.80 23.86 -28.63
N ALA A 384 10.08 24.05 -28.33
CA ALA A 384 10.77 23.26 -27.32
C ALA A 384 10.51 23.80 -25.91
N PHE A 385 10.62 25.11 -25.73
CA PHE A 385 10.25 25.74 -24.46
C PHE A 385 8.85 25.27 -24.04
N ASP A 386 7.92 25.24 -24.99
CA ASP A 386 6.55 24.78 -24.74
C ASP A 386 6.51 23.33 -24.29
N GLY A 387 7.16 22.46 -25.06
CA GLY A 387 7.15 21.05 -24.77
C GLY A 387 7.78 20.74 -23.43
N ILE A 388 8.98 21.25 -23.20
CA ILE A 388 9.71 20.95 -21.98
C ILE A 388 8.95 21.54 -20.79
N THR A 389 8.31 22.69 -21.00
CA THR A 389 7.39 23.26 -20.02
C THR A 389 6.25 22.30 -19.72
N ASN A 390 5.62 21.80 -20.77
CA ASN A 390 4.48 20.91 -20.62
C ASN A 390 4.88 19.58 -19.96
N LYS A 391 6.07 19.10 -20.27
CA LYS A 391 6.56 17.88 -19.65
C LYS A 391 6.66 18.06 -18.14
N VAL A 392 7.34 19.12 -17.72
CA VAL A 392 7.53 19.38 -16.30
C VAL A 392 6.19 19.50 -15.59
N ASN A 393 5.25 20.21 -16.22
CA ASN A 393 3.93 20.37 -15.65
C ASN A 393 3.14 19.06 -15.53
N SER A 394 3.30 18.15 -16.48
CA SER A 394 2.60 16.87 -16.41
C SER A 394 3.04 16.10 -15.17
N VAL A 395 4.35 15.96 -15.00
CA VAL A 395 4.90 15.29 -13.84
C VAL A 395 4.36 15.89 -12.54
N ILE A 396 4.27 17.21 -12.49
CA ILE A 396 3.81 17.92 -11.29
C ILE A 396 2.29 17.90 -11.12
N ALA A 397 1.56 18.26 -12.17
CA ALA A 397 0.13 18.48 -12.09
C ALA A 397 -0.72 17.20 -12.00
N LYS A 398 -0.10 16.04 -12.18
CA LYS A 398 -0.85 14.79 -12.11
C LYS A 398 -0.91 14.19 -10.71
N MET A 399 -0.11 14.73 -9.80
CA MET A 399 -0.04 14.20 -8.45
C MET A 399 -1.28 14.56 -7.65
N ASN A 400 -1.94 13.52 -7.12
CA ASN A 400 -3.13 13.69 -6.31
C ASN A 400 -2.76 13.83 -4.83
N THR A 401 -2.96 15.05 -4.29
CA THR A 401 -2.58 15.34 -2.90
C THR A 401 -3.76 15.65 -1.98
N GLN A 402 -4.35 14.63 -1.36
CA GLN A 402 -5.40 14.88 -0.38
C GLN A 402 -4.80 15.07 1.02
N PHE A 403 -5.65 15.51 1.95
CA PHE A 403 -5.25 15.75 3.33
C PHE A 403 -5.09 14.43 4.10
N GLU A 404 -3.92 14.23 4.71
CA GLU A 404 -3.67 13.02 5.48
C GLU A 404 -2.88 13.35 6.74
N ALA A 405 -2.91 12.46 7.72
CA ALA A 405 -2.16 12.70 8.95
C ALA A 405 -0.87 11.89 9.06
N VAL A 406 -0.86 10.63 8.67
CA VAL A 406 0.36 9.81 8.67
C VAL A 406 0.72 9.22 10.04
N GLY A 407 1.32 10.01 10.92
CA GLY A 407 1.69 9.51 12.23
C GLY A 407 0.48 8.95 12.99
N LYS A 408 0.64 7.80 13.65
CA LYS A 408 -0.45 7.19 14.41
C LYS A 408 0.00 6.76 15.79
N GLU A 409 -0.96 6.32 16.61
CA GLU A 409 -0.68 5.90 17.99
C GLU A 409 -1.19 4.49 18.28
N PHE A 410 -0.35 3.68 18.94
CA PHE A 410 -0.73 2.32 19.29
C PHE A 410 -0.26 1.96 20.70
N SER A 411 -1.14 1.34 21.48
CA SER A 411 -0.79 0.90 22.82
C SER A 411 0.27 -0.23 22.77
N ASN A 412 0.85 -0.59 23.91
CA ASN A 412 1.90 -1.60 23.88
C ASN A 412 1.40 -3.02 23.62
N LEU A 413 0.09 -3.20 23.43
CA LEU A 413 -0.46 -4.51 23.08
C LEU A 413 -1.05 -4.45 21.68
N GLU A 414 -0.63 -3.46 20.91
CA GLU A 414 -1.07 -3.34 19.54
C GLU A 414 0.14 -3.31 18.62
N ARG A 415 1.21 -3.98 19.05
CA ARG A 415 2.46 -4.02 18.32
C ARG A 415 2.30 -4.53 16.90
N ARG A 416 1.49 -5.57 16.73
CA ARG A 416 1.25 -6.15 15.41
C ARG A 416 0.57 -5.14 14.51
N LEU A 417 -0.47 -4.50 15.04
CA LEU A 417 -1.22 -3.48 14.36
C LEU A 417 -0.31 -2.29 13.95
N GLU A 418 0.61 -1.93 14.85
CA GLU A 418 1.56 -0.87 14.56
C GLU A 418 2.54 -1.32 13.47
N ASN A 419 2.85 -2.61 13.46
CA ASN A 419 3.77 -3.15 12.46
C ASN A 419 3.07 -3.23 11.11
N LEU A 420 1.76 -3.49 11.13
CA LEU A 420 0.99 -3.47 9.90
C LEU A 420 1.03 -2.08 9.30
N ASN A 421 0.82 -1.07 10.13
CA ASN A 421 0.82 0.31 9.67
C ASN A 421 2.16 0.72 9.10
N LYS A 422 3.23 0.28 9.76
CA LYS A 422 4.58 0.56 9.31
C LYS A 422 4.86 -0.14 8.00
N LYS A 423 4.40 -1.39 7.88
CA LYS A 423 4.61 -2.17 6.68
C LYS A 423 3.93 -1.45 5.54
N MET A 424 2.76 -0.90 5.83
CA MET A 424 2.02 -0.15 4.84
C MET A 424 2.75 1.12 4.43
N GLU A 425 3.21 1.91 5.40
CA GLU A 425 3.88 3.17 5.06
C GLU A 425 5.20 2.93 4.31
N ASP A 426 5.91 1.86 4.69
CA ASP A 426 7.14 1.50 3.99
C ASP A 426 6.85 1.01 2.57
N GLY A 427 5.74 0.30 2.41
CA GLY A 427 5.36 -0.18 1.10
C GLY A 427 5.17 0.94 0.11
N PHE A 428 4.36 1.93 0.47
CA PHE A 428 4.15 3.10 -0.37
C PHE A 428 5.42 3.95 -0.59
N LEU A 429 6.27 4.01 0.43
CA LEU A 429 7.53 4.74 0.32
C LEU A 429 8.41 4.13 -0.79
N ASP A 430 8.48 2.80 -0.83
CA ASP A 430 9.28 2.11 -1.83
C ASP A 430 8.73 2.33 -3.23
N VAL A 431 7.41 2.24 -3.37
CA VAL A 431 6.78 2.46 -4.67
C VAL A 431 7.05 3.86 -5.20
N TRP A 432 6.75 4.87 -4.40
CA TRP A 432 6.93 6.26 -4.85
C TRP A 432 8.40 6.57 -5.10
N THR A 433 9.29 6.09 -4.24
CA THR A 433 10.70 6.35 -4.44
C THR A 433 11.11 5.76 -5.78
N TYR A 434 10.84 4.49 -5.96
CA TYR A 434 11.21 3.79 -7.17
C TYR A 434 10.63 4.46 -8.41
N ASN A 435 9.34 4.76 -8.39
CA ASN A 435 8.72 5.33 -9.58
C ASN A 435 9.22 6.75 -9.88
N ALA A 436 9.54 7.52 -8.83
CA ALA A 436 10.04 8.87 -9.04
C ALA A 436 11.45 8.81 -9.61
N GLU A 437 12.31 7.99 -8.99
CA GLU A 437 13.66 7.80 -9.49
C GLU A 437 13.65 7.36 -10.94
N LEU A 438 12.85 6.35 -11.26
CA LEU A 438 12.79 5.89 -12.65
C LEU A 438 12.15 6.88 -13.61
N LEU A 439 11.10 7.58 -13.17
CA LEU A 439 10.47 8.59 -14.01
C LEU A 439 11.50 9.63 -14.45
N VAL A 440 12.25 10.14 -13.48
CA VAL A 440 13.29 11.13 -13.75
C VAL A 440 14.36 10.60 -14.73
N LEU A 441 14.90 9.42 -14.47
CA LEU A 441 15.87 8.84 -15.37
C LEU A 441 15.34 8.71 -16.81
N MET A 442 14.14 8.15 -16.96
CA MET A 442 13.54 7.93 -18.28
C MET A 442 13.25 9.24 -19.01
N GLU A 443 12.52 10.13 -18.37
CA GLU A 443 12.16 11.40 -18.97
C GLU A 443 13.37 12.26 -19.30
N ASN A 444 14.46 12.10 -18.55
CA ASN A 444 15.69 12.83 -18.84
C ASN A 444 16.33 12.30 -20.11
N GLU A 445 16.35 10.99 -20.28
CA GLU A 445 16.91 10.41 -21.50
C GLU A 445 16.15 10.97 -22.67
N ARG A 446 14.84 11.10 -22.49
CA ARG A 446 13.95 11.53 -23.57
C ARG A 446 13.97 13.03 -23.81
N THR A 447 14.40 13.80 -22.82
CA THR A 447 14.50 15.24 -22.97
C THR A 447 15.76 15.55 -23.78
N LEU A 448 16.84 14.85 -23.47
CA LEU A 448 18.07 15.06 -24.19
C LEU A 448 17.89 14.68 -25.66
N ASP A 449 17.24 13.55 -25.88
CA ASP A 449 16.95 13.08 -27.23
C ASP A 449 16.01 14.02 -28.00
N PHE A 450 15.14 14.69 -27.26
CA PHE A 450 14.22 15.68 -27.83
C PHE A 450 15.04 16.84 -28.39
N HIS A 451 15.90 17.41 -27.56
CA HIS A 451 16.80 18.46 -28.02
C HIS A 451 17.65 18.04 -29.24
N ASP A 452 18.19 16.82 -29.20
CA ASP A 452 19.00 16.31 -30.30
C ASP A 452 18.16 16.25 -31.58
N SER A 453 16.88 15.94 -31.43
CA SER A 453 16.00 15.80 -32.58
C SER A 453 15.61 17.15 -33.12
N ASN A 454 15.48 18.13 -32.22
CA ASN A 454 15.16 19.48 -32.64
C ASN A 454 16.27 20.09 -33.48
N VAL A 455 17.52 19.82 -33.10
CA VAL A 455 18.65 20.30 -33.86
C VAL A 455 18.69 19.59 -35.21
N LYS A 456 18.77 18.26 -35.17
CA LYS A 456 18.79 17.43 -36.38
C LYS A 456 17.74 17.85 -37.42
N ASN A 457 16.57 18.26 -36.96
CA ASN A 457 15.50 18.66 -37.87
C ASN A 457 15.72 20.06 -38.42
N LEU A 458 16.37 20.92 -37.64
CA LEU A 458 16.71 22.24 -38.13
C LEU A 458 17.71 22.08 -39.27
N TYR A 459 18.76 21.31 -39.02
CA TYR A 459 19.74 20.99 -40.05
C TYR A 459 19.09 20.41 -41.30
N ASP A 460 18.07 19.57 -41.12
CA ASP A 460 17.37 18.97 -42.25
C ASP A 460 16.49 19.97 -42.99
N LYS A 461 15.94 20.94 -42.25
CA LYS A 461 15.02 21.91 -42.84
C LYS A 461 15.78 22.86 -43.74
N VAL A 462 17.02 23.13 -43.38
CA VAL A 462 17.91 23.92 -44.22
C VAL A 462 18.41 23.08 -45.39
N ARG A 463 18.97 21.91 -45.09
CA ARG A 463 19.47 21.06 -46.15
C ARG A 463 18.40 20.82 -47.23
N MET A 464 17.17 20.56 -46.82
CA MET A 464 16.10 20.26 -47.77
C MET A 464 15.62 21.51 -48.49
N GLN A 465 16.17 22.65 -48.09
CA GLN A 465 15.78 23.96 -48.62
C GLN A 465 16.79 24.46 -49.66
N LEU A 466 18.07 24.21 -49.40
CA LEU A 466 19.15 24.65 -50.28
C LEU A 466 19.43 23.64 -51.41
N ARG A 467 19.66 22.39 -51.04
CA ARG A 467 19.95 21.32 -52.01
C ARG A 467 21.25 21.57 -52.77
N ASP A 468 21.13 21.76 -54.09
CA ASP A 468 22.25 21.98 -55.00
C ASP A 468 23.00 23.29 -54.74
N ASN A 469 22.26 24.29 -54.24
CA ASN A 469 22.80 25.64 -54.05
C ASN A 469 23.84 25.80 -52.94
N VAL A 470 24.09 24.73 -52.19
CA VAL A 470 25.08 24.78 -51.11
C VAL A 470 25.82 23.45 -50.94
N LYS A 471 26.96 23.50 -50.25
CA LYS A 471 27.77 22.32 -50.00
C LYS A 471 27.73 21.94 -48.53
N GLU A 472 27.28 20.73 -48.23
CA GLU A 472 27.29 20.21 -46.87
C GLU A 472 28.73 20.00 -46.39
N LEU A 473 29.17 20.82 -45.44
CA LEU A 473 30.57 20.82 -45.05
C LEU A 473 30.95 19.62 -44.18
N GLY A 474 30.17 19.34 -43.15
CA GLY A 474 30.41 18.18 -42.29
C GLY A 474 30.16 18.40 -40.81
N ASN A 475 30.52 19.58 -40.32
CA ASN A 475 30.36 19.92 -38.91
C ASN A 475 29.16 20.84 -38.64
N GLY A 476 28.12 20.70 -39.44
CA GLY A 476 26.90 21.47 -39.25
C GLY A 476 26.71 22.63 -40.21
N CYS A 477 27.59 22.74 -41.20
CA CYS A 477 27.59 23.92 -42.06
C CYS A 477 27.25 23.66 -43.52
N PHE A 478 26.66 24.67 -44.15
CA PHE A 478 26.45 24.69 -45.59
C PHE A 478 27.29 25.81 -46.19
N GLU A 479 28.10 25.48 -47.18
CA GLU A 479 28.86 26.51 -47.89
C GLU A 479 28.12 26.90 -49.16
N PHE A 480 27.79 28.17 -49.30
CA PHE A 480 26.97 28.63 -50.41
C PHE A 480 27.70 28.67 -51.76
N TYR A 481 27.04 28.20 -52.80
CA TYR A 481 27.58 28.28 -54.16
C TYR A 481 27.31 29.64 -54.79
N HIS A 482 26.95 30.62 -53.96
CA HIS A 482 26.66 31.96 -54.46
C HIS A 482 26.72 32.98 -53.34
N LYS A 483 26.89 34.25 -53.73
CA LYS A 483 26.86 35.34 -52.76
C LYS A 483 25.49 35.36 -52.07
N CYS A 484 25.50 35.27 -50.75
CA CYS A 484 24.24 35.30 -50.01
C CYS A 484 24.28 36.38 -48.94
N ASP A 485 23.75 37.55 -49.26
CA ASP A 485 23.73 38.67 -48.34
C ASP A 485 22.78 38.44 -47.19
N ASP A 486 22.50 39.50 -46.43
CA ASP A 486 21.65 39.40 -45.25
C ASP A 486 20.18 39.09 -45.59
N GLU A 487 19.60 39.83 -46.53
CA GLU A 487 18.23 39.54 -46.95
C GLU A 487 18.10 38.10 -47.44
N CYS A 488 19.22 37.51 -47.84
CA CYS A 488 19.24 36.13 -48.28
C CYS A 488 19.07 35.19 -47.09
N MET A 489 19.89 35.40 -46.06
CA MET A 489 19.79 34.61 -44.84
C MET A 489 18.40 34.75 -44.21
N ASN A 490 17.90 35.98 -44.13
CA ASN A 490 16.55 36.21 -43.59
C ASN A 490 15.45 35.52 -44.39
N SER A 491 15.85 34.76 -45.40
CA SER A 491 14.90 33.94 -46.14
C SER A 491 15.11 32.47 -45.78
N VAL A 492 16.36 32.09 -45.54
CA VAL A 492 16.70 30.73 -45.17
C VAL A 492 16.33 30.48 -43.70
N LYS A 493 16.56 31.48 -42.87
CA LYS A 493 16.22 31.40 -41.46
C LYS A 493 14.72 31.24 -41.26
N ASN A 494 13.92 31.79 -42.18
CA ASN A 494 12.47 31.75 -42.03
C ASN A 494 11.73 30.87 -43.03
N GLY A 495 12.46 29.96 -43.68
CA GLY A 495 11.85 28.98 -44.57
C GLY A 495 11.21 29.56 -45.82
N THR A 496 11.81 30.62 -46.37
CA THR A 496 11.28 31.29 -47.54
C THR A 496 12.26 31.28 -48.71
N TYR A 497 13.45 30.75 -48.45
CA TYR A 497 14.50 30.66 -49.45
C TYR A 497 13.98 29.99 -50.72
N ASP A 498 14.12 30.66 -51.86
CA ASP A 498 13.68 30.11 -53.13
C ASP A 498 14.83 29.58 -54.00
N TYR A 499 14.76 28.29 -54.30
CA TYR A 499 15.78 27.59 -55.09
C TYR A 499 15.96 28.16 -56.50
N PRO A 500 14.86 28.48 -57.19
CA PRO A 500 14.95 29.00 -58.57
C PRO A 500 15.77 30.28 -58.72
N LYS A 501 15.70 31.17 -57.73
CA LYS A 501 16.40 32.46 -57.81
C LYS A 501 17.92 32.32 -57.90
N TYR A 502 18.43 31.10 -57.74
CA TYR A 502 19.87 30.87 -57.79
C TYR A 502 20.24 29.65 -58.64
N GLU A 503 21.00 29.91 -59.71
CA GLU A 503 21.49 28.86 -60.58
C GLU A 503 22.89 29.20 -61.06
N GLU A 504 23.58 30.02 -60.28
CA GLU A 504 25.02 30.19 -60.44
C GLU A 504 25.67 28.86 -60.11
N GLU A 505 26.37 28.27 -61.08
CA GLU A 505 27.06 27.01 -60.83
C GLU A 505 28.57 27.13 -60.78
N SER A 506 29.08 27.31 -59.57
CA SER A 506 30.51 27.25 -59.32
C SER A 506 30.92 25.81 -59.08
N LYS A 507 30.32 24.89 -59.84
CA LYS A 507 30.69 23.47 -59.81
C LYS A 507 30.08 22.68 -60.98
N GLN B 17 35.93 -0.66 -51.37
CA GLN B 17 34.57 -0.71 -50.82
C GLN B 17 34.49 -0.98 -49.30
N ILE B 18 33.72 -0.15 -48.59
CA ILE B 18 33.50 -0.31 -47.15
C ILE B 18 32.01 -0.42 -46.83
N CYS B 19 31.65 -1.33 -45.94
CA CYS B 19 30.25 -1.53 -45.59
C CYS B 19 29.98 -1.48 -44.10
N ILE B 20 28.84 -0.92 -43.73
CA ILE B 20 28.47 -0.76 -42.33
C ILE B 20 27.48 -1.86 -41.93
N GLY B 21 27.75 -2.54 -40.82
CA GLY B 21 26.90 -3.64 -40.39
C GLY B 21 26.85 -3.81 -38.89
N TYR B 22 26.06 -4.77 -38.43
CA TYR B 22 25.88 -5.03 -37.00
C TYR B 22 25.97 -6.52 -36.66
N HIS B 23 26.25 -6.80 -35.40
CA HIS B 23 26.51 -8.17 -34.92
C HIS B 23 25.28 -9.08 -34.95
N ALA B 24 25.52 -10.36 -35.22
CA ALA B 24 24.47 -11.37 -35.20
C ALA B 24 25.09 -12.63 -34.62
N ASN B 25 24.28 -13.52 -34.07
CA ASN B 25 24.80 -14.79 -33.56
C ASN B 25 23.78 -15.91 -33.56
N ASN B 26 24.01 -16.93 -32.76
CA ASN B 26 23.08 -18.06 -32.73
C ASN B 26 22.18 -18.08 -31.48
N SER B 27 21.87 -16.89 -30.97
CA SER B 27 20.99 -16.78 -29.82
C SER B 27 19.56 -17.15 -30.20
N THR B 28 18.83 -17.75 -29.27
CA THR B 28 17.40 -17.96 -29.43
C THR B 28 16.67 -17.24 -28.31
N GLU B 29 17.41 -16.46 -27.54
CA GLU B 29 16.86 -15.67 -26.45
C GLU B 29 15.76 -14.75 -26.93
N LYS B 30 14.61 -14.76 -26.27
CA LYS B 30 13.46 -13.96 -26.71
C LYS B 30 13.01 -12.96 -25.67
N VAL B 31 12.62 -11.77 -26.13
CA VAL B 31 12.04 -10.73 -25.28
C VAL B 31 10.75 -10.17 -25.90
N ASP B 32 9.96 -9.47 -25.10
CA ASP B 32 8.77 -8.78 -25.59
C ASP B 32 8.97 -7.27 -25.45
N THR B 33 8.42 -6.51 -26.39
CA THR B 33 8.42 -5.06 -26.25
C THR B 33 6.96 -4.60 -26.23
N ILE B 34 6.73 -3.30 -26.05
CA ILE B 34 5.37 -2.75 -26.10
C ILE B 34 4.71 -3.05 -27.46
N LEU B 35 5.49 -2.97 -28.53
CA LEU B 35 5.00 -3.16 -29.89
C LEU B 35 5.10 -4.60 -30.41
N GLU B 36 6.11 -5.35 -29.96
CA GLU B 36 6.34 -6.69 -30.50
C GLU B 36 6.45 -7.77 -29.45
N ARG B 37 5.89 -8.93 -29.74
CA ARG B 37 6.06 -10.10 -28.93
C ARG B 37 7.12 -10.99 -29.54
N ASN B 38 7.82 -11.74 -28.69
CA ASN B 38 8.58 -12.89 -29.13
C ASN B 38 9.74 -12.51 -30.04
N VAL B 39 10.48 -11.48 -29.66
CA VAL B 39 11.56 -10.98 -30.49
C VAL B 39 12.90 -11.62 -30.12
N THR B 40 13.59 -12.13 -31.13
CA THR B 40 14.86 -12.78 -30.90
C THR B 40 15.93 -11.72 -30.79
N VAL B 41 16.77 -11.89 -29.79
CA VAL B 41 17.65 -10.83 -29.37
C VAL B 41 19.05 -11.41 -29.23
N THR B 42 20.03 -10.59 -29.55
CA THR B 42 21.44 -11.01 -29.51
C THR B 42 21.90 -11.45 -28.12
N HIS B 43 21.56 -10.65 -27.10
CA HIS B 43 21.92 -10.93 -25.72
C HIS B 43 20.82 -10.43 -24.82
N ALA B 44 20.56 -11.12 -23.72
CA ALA B 44 19.48 -10.70 -22.83
C ALA B 44 19.84 -10.91 -21.38
N LYS B 45 19.15 -10.22 -20.48
CA LYS B 45 19.37 -10.37 -19.05
C LYS B 45 18.05 -10.55 -18.32
N ASP B 46 17.94 -11.66 -17.60
CA ASP B 46 16.75 -11.97 -16.83
C ASP B 46 16.83 -11.24 -15.50
N ILE B 47 15.84 -10.41 -15.20
CA ILE B 47 15.89 -9.66 -13.94
C ILE B 47 14.89 -10.20 -12.92
N LEU B 48 14.44 -11.43 -13.13
CA LEU B 48 13.55 -12.09 -12.19
C LEU B 48 14.22 -13.33 -11.60
N GLU B 49 14.45 -13.31 -10.29
CA GLU B 49 15.09 -14.43 -9.60
C GLU B 49 14.07 -15.53 -9.38
N LYS B 50 14.43 -16.76 -9.73
CA LYS B 50 13.50 -17.89 -9.72
C LYS B 50 14.03 -19.10 -8.99
N THR B 51 15.30 -19.09 -8.61
CA THR B 51 15.90 -20.24 -7.96
C THR B 51 16.20 -19.97 -6.48
N HIS B 52 16.05 -21.01 -5.67
CA HIS B 52 16.45 -20.92 -4.27
C HIS B 52 17.35 -22.11 -3.95
N ASN B 53 17.99 -22.07 -2.78
CA ASN B 53 18.94 -23.11 -2.39
C ASN B 53 18.31 -24.24 -1.58
N GLY B 54 17.00 -24.21 -1.46
CA GLY B 54 16.26 -25.28 -0.79
C GLY B 54 16.63 -25.52 0.66
N LYS B 55 17.62 -24.78 1.15
CA LYS B 55 18.04 -24.93 2.53
C LYS B 55 17.34 -23.91 3.42
N LEU B 56 17.27 -24.21 4.71
CA LEU B 56 16.81 -23.23 5.67
C LEU B 56 18.04 -22.72 6.40
N CYS B 57 18.28 -21.42 6.30
CA CYS B 57 19.59 -20.88 6.67
C CYS B 57 19.55 -19.88 7.82
N ARG B 58 20.72 -19.52 8.33
CA ARG B 58 20.77 -18.43 9.27
C ARG B 58 20.80 -17.09 8.52
N LEU B 59 20.29 -16.06 9.18
CA LEU B 59 19.99 -14.80 8.53
C LEU B 59 20.99 -13.75 8.97
N SER B 60 21.83 -13.31 8.02
CA SER B 60 22.92 -12.38 8.33
C SER B 60 23.73 -12.79 9.56
N GLY B 61 24.07 -14.08 9.66
CA GLY B 61 24.93 -14.58 10.71
C GLY B 61 24.22 -15.13 11.93
N ILE B 62 22.93 -14.85 12.07
CA ILE B 62 22.19 -15.26 13.25
C ILE B 62 21.12 -16.30 12.91
N PRO B 63 21.10 -17.42 13.66
CA PRO B 63 20.20 -18.55 13.37
C PRO B 63 18.74 -18.22 13.70
N PRO B 64 17.81 -19.09 13.25
CA PRO B 64 16.43 -19.00 13.75
C PRO B 64 16.34 -19.77 15.04
N LEU B 65 15.39 -19.41 15.88
CA LEU B 65 14.98 -20.26 16.99
C LEU B 65 14.12 -21.36 16.38
N GLU B 66 14.51 -22.62 16.55
CA GLU B 66 13.78 -23.74 15.94
C GLU B 66 12.97 -24.47 16.99
N LEU B 67 11.67 -24.59 16.75
CA LEU B 67 10.77 -25.07 17.79
C LEU B 67 10.44 -26.53 17.66
N GLY B 68 11.02 -27.19 16.67
CA GLY B 68 10.70 -28.59 16.41
C GLY B 68 9.22 -28.70 16.10
N ASP B 69 8.49 -29.50 16.86
CA ASP B 69 7.03 -29.41 16.79
C ASP B 69 6.41 -29.09 18.16
N CYS B 70 7.02 -28.10 18.79
CA CYS B 70 6.42 -27.41 19.91
C CYS B 70 5.91 -26.07 19.41
N SER B 71 4.97 -25.49 20.15
CA SER B 71 4.52 -24.14 19.90
C SER B 71 5.27 -23.25 20.86
N ILE B 72 5.24 -21.95 20.61
CA ILE B 72 5.85 -20.99 21.53
C ILE B 72 5.28 -21.15 22.95
N ALA B 73 3.96 -21.26 23.07
CA ALA B 73 3.38 -21.54 24.38
C ALA B 73 4.03 -22.74 25.09
N GLY B 74 4.12 -23.88 24.41
CA GLY B 74 4.68 -25.07 25.04
C GLY B 74 6.14 -24.85 25.39
N TRP B 75 6.87 -24.18 24.52
CA TRP B 75 8.27 -23.91 24.77
C TRP B 75 8.45 -23.08 26.04
N LEU B 76 7.79 -21.92 26.10
CA LEU B 76 7.94 -20.99 27.23
C LEU B 76 7.47 -21.59 28.54
N LEU B 77 6.36 -22.30 28.50
CA LEU B 77 5.82 -22.92 29.71
C LEU B 77 6.70 -24.08 30.18
N GLY B 78 7.31 -24.76 29.21
CA GLY B 78 8.14 -25.90 29.54
C GLY B 78 7.35 -27.19 29.46
N ASN B 79 6.47 -27.28 28.48
CA ASN B 79 5.91 -28.59 28.15
C ASN B 79 7.05 -29.63 28.11
N PRO B 80 6.88 -30.75 28.81
CA PRO B 80 7.96 -31.75 28.85
C PRO B 80 8.31 -32.37 27.50
N GLU B 81 7.40 -32.29 26.53
CA GLU B 81 7.73 -32.78 25.19
C GLU B 81 8.70 -31.85 24.46
N CYS B 82 8.98 -30.71 25.06
CA CYS B 82 9.85 -29.70 24.46
C CYS B 82 11.22 -29.70 25.09
N ASP B 83 11.54 -30.79 25.78
CA ASP B 83 12.75 -30.89 26.56
C ASP B 83 14.01 -30.81 25.72
N ARG B 84 13.99 -31.49 24.57
CA ARG B 84 15.18 -31.60 23.74
C ARG B 84 15.30 -30.41 22.81
N LEU B 85 14.56 -29.35 23.12
CA LEU B 85 14.35 -28.25 22.17
C LEU B 85 15.59 -27.53 21.63
N LEU B 86 16.56 -27.22 22.50
CA LEU B 86 17.77 -26.53 22.06
C LEU B 86 17.59 -25.02 21.99
N SER B 87 17.82 -24.34 23.10
CA SER B 87 17.59 -22.92 23.11
C SER B 87 18.86 -22.18 22.77
N VAL B 88 18.73 -21.15 21.94
CA VAL B 88 19.84 -20.27 21.64
C VAL B 88 19.56 -18.89 22.24
N PRO B 89 20.62 -18.13 22.47
CA PRO B 89 20.46 -16.83 23.14
C PRO B 89 20.17 -15.71 22.16
N GLU B 90 20.27 -15.95 20.85
CA GLU B 90 20.21 -14.84 19.91
C GLU B 90 19.08 -14.92 18.88
N TRP B 91 19.17 -15.79 17.91
CA TRP B 91 18.11 -15.91 16.87
C TRP B 91 17.52 -14.64 16.17
N SER B 92 17.23 -14.79 14.88
CA SER B 92 16.80 -13.70 14.01
C SER B 92 15.41 -13.93 13.40
N TYR B 93 14.84 -15.09 13.66
CA TYR B 93 13.45 -15.40 13.27
C TYR B 93 13.05 -16.74 13.89
N ILE B 94 11.79 -17.08 13.81
CA ILE B 94 11.33 -18.33 14.41
C ILE B 94 10.78 -19.29 13.36
N VAL B 95 11.16 -20.55 13.50
CA VAL B 95 10.65 -21.62 12.66
C VAL B 95 9.66 -22.42 13.50
N GLU B 96 8.41 -22.50 13.05
CA GLU B 96 7.34 -23.20 13.78
C GLU B 96 6.56 -23.96 12.72
N LYS B 97 6.11 -25.17 13.01
CA LYS B 97 5.27 -25.90 12.06
C LYS B 97 3.90 -25.25 12.02
N GLU B 98 3.11 -25.53 10.99
CA GLU B 98 1.82 -24.87 10.85
C GLU B 98 0.92 -25.18 12.04
N ASN B 99 0.87 -26.45 12.40
CA ASN B 99 0.08 -26.90 13.54
C ASN B 99 0.95 -27.76 14.47
N PRO B 100 1.67 -27.12 15.41
CA PRO B 100 2.64 -27.83 16.27
C PRO B 100 1.91 -28.85 17.13
N THR B 101 2.55 -29.95 17.49
CA THR B 101 1.86 -30.99 18.22
C THR B 101 1.93 -30.82 19.75
N ASN B 102 2.92 -30.07 20.22
CA ASN B 102 3.11 -29.87 21.67
C ASN B 102 2.99 -28.40 22.12
N GLY B 103 1.83 -28.06 22.66
CA GLY B 103 1.60 -26.72 23.15
C GLY B 103 1.14 -26.80 24.59
N LEU B 104 -0.13 -26.51 24.79
CA LEU B 104 -0.74 -26.58 26.11
C LEU B 104 -1.15 -28.03 26.42
N CYS B 105 -0.25 -28.79 27.05
CA CYS B 105 -0.57 -30.17 27.37
C CYS B 105 -1.73 -30.23 28.38
N TYR B 106 -1.71 -29.38 29.39
CA TYR B 106 -2.93 -29.12 30.15
C TYR B 106 -3.69 -28.05 29.38
N PRO B 107 -4.96 -28.33 29.03
CA PRO B 107 -5.73 -27.45 28.14
C PRO B 107 -5.93 -26.05 28.72
N GLY B 108 -6.06 -25.05 27.86
CA GLY B 108 -6.28 -23.69 28.30
C GLY B 108 -6.11 -22.68 27.20
N SER B 109 -5.84 -21.43 27.57
CA SER B 109 -5.66 -20.38 26.58
C SER B 109 -4.54 -19.48 27.03
N PHE B 110 -4.04 -18.67 26.12
CA PHE B 110 -2.97 -17.76 26.43
C PHE B 110 -3.44 -16.35 26.04
N ASN B 111 -3.64 -15.48 27.03
CA ASN B 111 -4.04 -14.09 26.74
C ASN B 111 -3.09 -13.32 25.85
N ASP B 112 -3.62 -12.64 24.84
CA ASP B 112 -2.80 -11.89 23.87
C ASP B 112 -1.62 -12.73 23.35
N TYR B 113 -1.93 -13.95 22.94
CA TYR B 113 -0.90 -14.89 22.50
C TYR B 113 -0.11 -14.39 21.29
N GLU B 114 -0.82 -13.84 20.31
CA GLU B 114 -0.19 -13.37 19.09
C GLU B 114 0.74 -12.18 19.34
N GLU B 115 0.34 -11.29 20.25
CA GLU B 115 1.18 -10.16 20.61
C GLU B 115 2.47 -10.66 21.24
N LEU B 116 2.37 -11.76 21.98
CA LEU B 116 3.51 -12.33 22.68
C LEU B 116 4.43 -13.02 21.68
N LYS B 117 3.85 -13.74 20.72
CA LYS B 117 4.65 -14.30 19.64
C LYS B 117 5.36 -13.19 18.89
N HIS B 118 4.63 -12.13 18.56
CA HIS B 118 5.26 -11.09 17.78
C HIS B 118 6.50 -10.54 18.48
N LEU B 119 6.39 -10.39 19.80
CA LEU B 119 7.48 -9.92 20.65
C LEU B 119 8.72 -10.81 20.51
N LEU B 120 8.53 -12.12 20.58
CA LEU B 120 9.62 -13.08 20.65
C LEU B 120 10.24 -13.35 19.29
N THR B 121 9.70 -12.67 18.30
CA THR B 121 10.02 -12.95 16.92
C THR B 121 11.52 -12.77 16.62
N SER B 122 12.06 -11.63 17.05
CA SER B 122 13.47 -11.33 16.88
C SER B 122 13.99 -10.90 18.23
N VAL B 123 15.19 -11.33 18.59
CA VAL B 123 15.67 -11.13 19.96
C VAL B 123 17.19 -10.89 20.07
N THR B 124 17.62 -10.15 21.09
CA THR B 124 19.03 -9.76 21.16
C THR B 124 20.05 -10.88 21.17
N HIS B 125 20.30 -11.65 22.24
CA HIS B 125 19.87 -11.67 23.67
C HIS B 125 18.55 -12.10 24.33
N PHE B 126 18.60 -13.29 24.92
CA PHE B 126 17.47 -13.93 25.58
C PHE B 126 18.00 -14.98 26.54
N GLU B 127 17.53 -14.95 27.78
CA GLU B 127 18.11 -15.79 28.82
C GLU B 127 17.13 -16.17 29.92
N LYS B 128 16.96 -17.47 30.12
CA LYS B 128 16.12 -17.95 31.20
C LYS B 128 16.77 -17.76 32.60
N ILE B 129 16.04 -17.09 33.50
CA ILE B 129 16.51 -16.84 34.85
C ILE B 129 15.57 -17.42 35.90
N LYS B 130 16.12 -18.07 36.94
CA LYS B 130 15.28 -18.65 37.99
C LYS B 130 14.90 -17.63 39.04
N ILE B 131 13.72 -17.01 38.88
CA ILE B 131 13.37 -15.84 39.69
C ILE B 131 12.59 -16.18 40.94
N LEU B 132 11.92 -17.33 40.95
CA LEU B 132 11.10 -17.74 42.09
C LEU B 132 11.22 -19.24 42.28
N PRO B 133 12.32 -19.69 42.87
CA PRO B 133 12.62 -21.13 43.00
C PRO B 133 11.52 -21.89 43.73
N ARG B 134 11.09 -23.04 43.22
CA ARG B 134 9.98 -23.82 43.81
C ARG B 134 10.18 -24.06 45.29
N ASP B 135 11.41 -24.43 45.67
CA ASP B 135 11.69 -24.86 47.03
C ASP B 135 11.34 -23.81 48.10
N GLN B 136 11.23 -22.55 47.71
CA GLN B 136 10.85 -21.49 48.65
C GLN B 136 9.34 -21.32 48.86
N TRP B 137 8.54 -22.10 48.13
CA TRP B 137 7.12 -22.20 48.41
C TRP B 137 6.96 -23.21 49.52
N THR B 138 7.45 -22.84 50.70
CA THR B 138 7.58 -23.74 51.83
C THR B 138 6.25 -24.19 52.47
N GLN B 139 5.23 -23.35 52.36
CA GLN B 139 3.92 -23.59 52.97
C GLN B 139 2.92 -24.25 52.03
N HIS B 140 3.36 -24.62 50.84
CA HIS B 140 2.47 -25.23 49.86
C HIS B 140 3.07 -26.46 49.23
N THR B 141 2.23 -27.26 48.59
CA THR B 141 2.70 -28.42 47.85
C THR B 141 3.05 -27.96 46.45
N THR B 142 4.11 -28.54 45.91
CA THR B 142 4.76 -28.01 44.73
C THR B 142 4.91 -29.08 43.65
N THR B 143 4.77 -30.33 44.06
CA THR B 143 5.01 -31.47 43.19
C THR B 143 3.76 -31.89 42.43
N GLY B 144 2.68 -31.13 42.58
CA GLY B 144 1.44 -31.43 41.90
C GLY B 144 1.54 -31.42 40.39
N GLY B 145 1.04 -32.48 39.77
CA GLY B 145 1.05 -32.58 38.32
C GLY B 145 -0.26 -33.04 37.74
N SER B 146 -0.23 -33.41 36.48
CA SER B 146 -1.42 -33.93 35.83
C SER B 146 -1.06 -35.01 34.84
N ARG B 147 -1.96 -35.97 34.69
CA ARG B 147 -1.82 -37.01 33.70
C ARG B 147 -1.83 -36.37 32.29
N ALA B 148 -2.36 -35.16 32.21
CA ALA B 148 -2.41 -34.45 30.94
C ALA B 148 -1.00 -34.17 30.43
N CYS B 149 -0.06 -34.01 31.36
CA CYS B 149 1.31 -33.64 31.06
C CYS B 149 2.28 -34.69 31.55
N ALA B 150 1.94 -35.95 31.33
CA ALA B 150 2.62 -37.06 31.98
C ALA B 150 3.95 -37.42 31.34
N VAL B 151 4.96 -37.66 32.17
CA VAL B 151 6.22 -38.18 31.67
C VAL B 151 6.34 -39.69 31.95
N SER B 152 6.11 -40.46 30.89
CA SER B 152 6.16 -41.93 30.91
C SER B 152 6.44 -42.53 32.28
N GLY B 153 5.39 -42.76 33.05
CA GLY B 153 4.06 -42.36 32.67
C GLY B 153 3.37 -41.77 33.90
N ASN B 154 4.14 -41.02 34.67
CA ASN B 154 3.64 -40.38 35.89
C ASN B 154 3.23 -38.93 35.66
N PRO B 155 2.25 -38.45 36.45
CA PRO B 155 1.77 -37.08 36.28
C PRO B 155 2.93 -36.10 36.34
N SER B 156 3.04 -35.22 35.36
CA SER B 156 3.99 -34.12 35.42
C SER B 156 3.27 -32.80 35.13
N PHE B 157 4.03 -31.81 34.67
CA PHE B 157 3.49 -30.47 34.46
C PHE B 157 4.50 -29.62 33.74
N PHE B 158 4.08 -28.47 33.25
CA PHE B 158 4.99 -27.55 32.61
C PHE B 158 6.19 -27.29 33.53
N ARG B 159 7.39 -27.52 33.01
CA ARG B 159 8.61 -27.48 33.81
C ARG B 159 9.06 -26.09 34.32
N ASN B 160 8.56 -25.03 33.68
CA ASN B 160 8.90 -23.67 34.09
C ASN B 160 7.88 -23.04 35.03
N MET B 161 6.81 -23.77 35.32
CA MET B 161 5.71 -23.25 36.12
C MET B 161 5.59 -24.08 37.39
N VAL B 162 4.85 -23.56 38.36
CA VAL B 162 4.66 -24.28 39.62
C VAL B 162 3.19 -24.35 39.92
N TRP B 163 2.66 -25.56 40.03
CA TRP B 163 1.24 -25.72 40.35
C TRP B 163 1.08 -25.75 41.86
N LEU B 164 0.90 -24.58 42.49
CA LEU B 164 0.71 -24.53 43.94
C LEU B 164 -0.57 -25.26 44.35
N THR B 165 -0.42 -26.28 45.17
CA THR B 165 -1.56 -26.95 45.75
C THR B 165 -1.42 -27.00 47.26
N LYS B 166 -2.46 -27.50 47.94
CA LYS B 166 -2.49 -27.52 49.39
C LYS B 166 -1.48 -28.50 50.00
N LYS B 167 -1.01 -28.17 51.21
CA LYS B 167 -0.10 -29.00 51.99
C LYS B 167 -0.87 -29.49 53.20
N GLY B 168 -1.22 -30.78 53.21
CA GLY B 168 -2.11 -31.31 54.23
C GLY B 168 -3.53 -30.89 53.92
N SER B 169 -4.17 -30.25 54.90
CA SER B 169 -5.51 -29.69 54.67
C SER B 169 -5.46 -28.17 54.58
N ASN B 170 -4.27 -27.63 54.33
CA ASN B 170 -4.07 -26.18 54.31
C ASN B 170 -3.56 -25.60 52.99
N TYR B 171 -4.05 -24.40 52.68
CA TYR B 171 -3.49 -23.59 51.61
C TYR B 171 -3.50 -22.18 52.12
N PRO B 172 -2.43 -21.79 52.84
CA PRO B 172 -2.25 -20.44 53.39
C PRO B 172 -2.21 -19.43 52.25
N VAL B 173 -2.24 -18.14 52.53
CA VAL B 173 -2.12 -17.18 51.45
C VAL B 173 -0.73 -17.28 50.85
N ALA B 174 -0.65 -17.61 49.57
CA ALA B 174 0.62 -17.64 48.87
C ALA B 174 1.00 -16.23 48.45
N LYS B 175 2.19 -15.79 48.83
CA LYS B 175 2.58 -14.41 48.58
C LYS B 175 4.09 -14.28 48.38
N ARG B 176 4.49 -13.99 47.14
CA ARG B 176 5.90 -13.78 46.83
C ARG B 176 6.09 -12.66 45.85
N SER B 177 7.28 -12.09 45.84
CA SER B 177 7.61 -10.98 44.97
C SER B 177 8.98 -11.20 44.34
N TYR B 178 9.22 -10.53 43.22
CA TYR B 178 10.54 -10.56 42.62
C TYR B 178 10.83 -9.16 42.07
N ASN B 179 12.00 -8.64 42.40
CA ASN B 179 12.48 -7.36 41.91
C ASN B 179 13.43 -7.63 40.75
N ASN B 180 13.16 -7.04 39.59
CA ASN B 180 14.02 -7.27 38.43
C ASN B 180 15.37 -6.55 38.46
N THR B 181 16.34 -7.21 39.08
CA THR B 181 17.68 -6.67 39.21
C THR B 181 18.58 -7.22 38.11
N SER B 182 17.98 -7.87 37.11
CA SER B 182 18.77 -8.63 36.16
C SER B 182 19.43 -7.78 35.09
N GLY B 183 19.14 -6.48 35.06
CA GLY B 183 19.81 -5.62 34.11
C GLY B 183 19.10 -5.50 32.77
N GLU B 184 18.11 -6.37 32.54
CA GLU B 184 17.31 -6.31 31.34
C GLU B 184 15.83 -6.49 31.64
N GLN B 185 15.00 -6.10 30.68
CA GLN B 185 13.57 -6.30 30.73
C GLN B 185 13.26 -7.80 30.81
N MET B 186 12.25 -8.16 31.60
CA MET B 186 12.01 -9.56 31.85
C MET B 186 10.57 -9.99 31.58
N LEU B 187 10.43 -10.97 30.68
CA LEU B 187 9.14 -11.55 30.36
C LEU B 187 8.78 -12.51 31.48
N ILE B 188 7.58 -12.36 32.02
CA ILE B 188 7.11 -13.26 33.07
C ILE B 188 5.71 -13.76 32.73
N ILE B 189 5.47 -15.03 32.95
CA ILE B 189 4.20 -15.64 32.63
C ILE B 189 3.58 -16.26 33.87
N TRP B 190 2.27 -16.09 34.07
CA TRP B 190 1.57 -16.82 35.10
C TRP B 190 0.22 -17.36 34.61
N GLY B 191 -0.41 -18.17 35.45
CA GLY B 191 -1.65 -18.80 35.09
C GLY B 191 -2.59 -18.95 36.26
N ILE B 192 -3.87 -19.07 35.93
CA ILE B 192 -4.88 -19.38 36.93
C ILE B 192 -5.65 -20.60 36.44
N HIS B 193 -5.85 -21.55 37.36
CA HIS B 193 -6.54 -22.82 37.08
C HIS B 193 -8.04 -22.75 37.24
N TYR B 194 -8.76 -23.13 36.18
CA TYR B 194 -10.20 -23.24 36.21
C TYR B 194 -10.59 -24.69 36.27
N PRO B 195 -10.94 -25.17 37.47
CA PRO B 195 -11.30 -26.55 37.78
C PRO B 195 -12.58 -27.01 37.11
N ASN B 196 -12.71 -28.33 36.98
CA ASN B 196 -13.87 -28.91 36.32
C ASN B 196 -15.10 -28.93 37.22
N ASP B 197 -14.87 -28.96 38.54
CA ASP B 197 -15.96 -29.10 39.51
C ASP B 197 -15.49 -28.84 40.94
N ASP B 198 -16.46 -28.62 41.82
CA ASP B 198 -16.21 -28.26 43.21
C ASP B 198 -15.34 -29.23 44.00
N THR B 199 -15.40 -30.52 43.69
CA THR B 199 -14.52 -31.42 44.42
C THR B 199 -13.06 -31.23 44.00
N GLU B 200 -12.77 -31.18 42.69
CA GLU B 200 -11.41 -30.95 42.22
C GLU B 200 -10.79 -29.70 42.86
N GLN B 201 -11.61 -28.67 43.05
CA GLN B 201 -11.23 -27.42 43.71
C GLN B 201 -10.78 -27.68 45.15
N ARG B 202 -11.61 -28.41 45.90
CA ARG B 202 -11.33 -28.64 47.32
C ARG B 202 -10.16 -29.57 47.50
N THR B 203 -10.10 -30.64 46.72
CA THR B 203 -9.01 -31.60 46.88
C THR B 203 -7.67 -30.96 46.52
N LEU B 204 -7.67 -30.05 45.55
CA LEU B 204 -6.47 -29.33 45.14
C LEU B 204 -6.14 -28.15 46.07
N TYR B 205 -7.15 -27.36 46.43
CA TYR B 205 -6.90 -26.06 47.04
C TYR B 205 -7.53 -25.84 48.42
N GLN B 206 -8.40 -26.75 48.86
CA GLN B 206 -9.13 -26.60 50.13
C GLN B 206 -10.17 -25.47 50.15
N ASN B 207 -9.74 -24.26 49.82
CA ASN B 207 -10.60 -23.08 49.95
C ASN B 207 -11.56 -22.89 48.77
N VAL B 208 -12.41 -21.87 48.83
CA VAL B 208 -13.45 -21.72 47.82
C VAL B 208 -13.67 -20.32 47.23
N GLY B 209 -13.49 -19.28 48.03
CA GLY B 209 -13.64 -17.95 47.48
C GLY B 209 -12.32 -17.46 46.93
N THR B 210 -11.57 -18.33 46.25
CA THR B 210 -10.18 -18.03 45.93
C THR B 210 -9.98 -16.93 44.89
N TYR B 211 -8.76 -16.43 44.78
CA TYR B 211 -8.46 -15.38 43.83
C TYR B 211 -6.96 -15.37 43.57
N VAL B 212 -6.58 -14.87 42.40
CA VAL B 212 -5.19 -14.67 42.07
C VAL B 212 -4.92 -13.20 41.81
N SER B 213 -3.84 -12.68 42.37
CA SER B 213 -3.55 -11.26 42.28
C SER B 213 -2.13 -11.03 41.79
N VAL B 214 -1.99 -10.29 40.69
CA VAL B 214 -0.67 -9.97 40.18
C VAL B 214 -0.56 -8.48 39.87
N GLY B 215 0.50 -7.85 40.37
CA GLY B 215 0.67 -6.41 40.17
C GLY B 215 2.11 -5.99 39.98
N THR B 216 2.32 -4.98 39.15
CA THR B 216 3.62 -4.33 39.02
C THR B 216 3.39 -2.82 39.02
N SER B 217 4.39 -2.05 38.60
CA SER B 217 4.20 -0.62 38.40
C SER B 217 2.97 -0.33 37.57
N THR B 218 2.86 -1.06 36.46
CA THR B 218 1.89 -0.74 35.43
C THR B 218 0.85 -1.83 35.33
N LEU B 219 1.20 -3.02 35.80
CA LEU B 219 0.27 -4.15 35.78
C LEU B 219 -0.53 -4.27 37.06
N ASN B 220 -1.81 -4.55 36.90
CA ASN B 220 -2.73 -4.65 38.02
C ASN B 220 -3.79 -5.64 37.64
N LYS B 221 -3.78 -6.82 38.23
CA LYS B 221 -4.79 -7.79 37.84
C LYS B 221 -5.24 -8.66 38.98
N ARG B 222 -6.53 -8.96 38.98
CA ARG B 222 -7.13 -9.88 39.94
C ARG B 222 -8.07 -10.84 39.21
N SER B 223 -7.85 -12.13 39.36
CA SER B 223 -8.62 -13.12 38.64
C SER B 223 -9.26 -14.01 39.66
N ILE B 224 -10.53 -14.32 39.47
CA ILE B 224 -11.19 -15.35 40.27
C ILE B 224 -11.57 -16.52 39.37
N PRO B 225 -11.32 -17.74 39.85
CA PRO B 225 -11.53 -18.95 39.04
C PRO B 225 -13.00 -19.20 38.71
N GLU B 226 -13.23 -19.77 37.54
CA GLU B 226 -14.56 -20.11 37.11
C GLU B 226 -14.68 -21.64 37.12
N ILE B 227 -15.41 -22.18 38.09
CA ILE B 227 -15.74 -23.60 38.05
C ILE B 227 -16.92 -23.81 37.09
N ALA B 228 -16.78 -24.75 36.17
CA ALA B 228 -17.87 -25.05 35.25
C ALA B 228 -17.60 -26.31 34.45
N THR B 229 -18.65 -27.04 34.12
CA THR B 229 -18.51 -28.25 33.32
C THR B 229 -18.07 -27.92 31.89
N ARG B 230 -17.03 -28.60 31.41
CA ARG B 230 -16.54 -28.40 30.03
C ARG B 230 -16.21 -29.73 29.39
N PRO B 231 -16.31 -29.81 28.06
CA PRO B 231 -15.88 -31.04 27.40
C PRO B 231 -14.42 -31.35 27.79
N LYS B 232 -14.03 -32.61 27.77
CA LYS B 232 -12.68 -32.92 28.15
C LYS B 232 -11.71 -32.81 26.97
N VAL B 233 -10.58 -32.16 27.21
CA VAL B 233 -9.53 -32.04 26.22
C VAL B 233 -8.27 -32.61 26.85
N ASN B 234 -7.61 -33.56 26.17
CA ASN B 234 -6.52 -34.27 26.80
C ASN B 234 -6.99 -34.81 28.15
N GLY B 235 -8.22 -35.31 28.20
CA GLY B 235 -8.79 -35.90 29.40
C GLY B 235 -9.02 -34.93 30.55
N GLN B 236 -9.03 -33.63 30.28
CA GLN B 236 -9.26 -32.64 31.33
C GLN B 236 -10.47 -31.73 31.06
N GLY B 237 -11.34 -31.61 32.06
CA GLY B 237 -12.40 -30.62 32.06
C GLY B 237 -11.87 -29.26 32.50
N GLY B 238 -10.91 -29.26 33.41
CA GLY B 238 -10.27 -28.03 33.84
C GLY B 238 -9.58 -27.28 32.70
N ARG B 239 -9.29 -26.01 32.92
CA ARG B 239 -8.63 -25.19 31.93
C ARG B 239 -7.62 -24.31 32.64
N MET B 240 -6.53 -23.97 31.97
CA MET B 240 -5.58 -23.02 32.55
C MET B 240 -5.43 -21.82 31.64
N GLU B 241 -5.65 -20.64 32.21
CA GLU B 241 -5.51 -19.40 31.46
C GLU B 241 -4.21 -18.69 31.86
N PHE B 242 -3.33 -18.48 30.89
CA PHE B 242 -2.04 -17.84 31.13
C PHE B 242 -2.05 -16.43 30.64
N SER B 243 -1.34 -15.57 31.37
CA SER B 243 -1.17 -14.17 31.01
C SER B 243 0.32 -13.85 31.15
N TRP B 244 0.78 -12.76 30.53
CA TRP B 244 2.18 -12.38 30.59
C TRP B 244 2.39 -10.87 30.74
N THR B 245 3.56 -10.49 31.23
CA THR B 245 3.93 -9.08 31.33
C THR B 245 5.43 -8.95 31.11
N LEU B 246 5.87 -7.75 30.70
CA LEU B 246 7.27 -7.42 30.72
C LEU B 246 7.55 -6.64 31.98
N LEU B 247 8.45 -7.17 32.80
CA LEU B 247 8.82 -6.51 34.04
C LEU B 247 10.05 -5.66 33.83
N GLU B 248 9.86 -4.35 33.88
CA GLU B 248 10.95 -3.41 33.67
C GLU B 248 12.01 -3.49 34.75
N THR B 249 13.21 -3.05 34.41
CA THR B 249 14.35 -3.16 35.31
C THR B 249 14.05 -2.43 36.61
N TRP B 250 14.45 -3.04 37.72
CA TRP B 250 14.28 -2.47 39.04
C TRP B 250 12.83 -2.25 39.47
N ASP B 251 11.91 -2.84 38.71
CA ASP B 251 10.49 -2.94 39.11
C ASP B 251 10.25 -4.27 39.81
N VAL B 252 9.09 -4.42 40.45
CA VAL B 252 8.80 -5.68 41.13
C VAL B 252 7.42 -6.19 40.83
N ILE B 253 7.29 -7.51 40.78
CA ILE B 253 6.02 -8.15 40.52
C ILE B 253 5.61 -8.81 41.83
N ASN B 254 4.38 -8.53 42.27
CA ASN B 254 3.84 -9.15 43.48
C ASN B 254 2.74 -10.15 43.15
N PHE B 255 2.96 -11.41 43.54
CA PHE B 255 1.94 -12.43 43.38
C PHE B 255 1.25 -12.64 44.71
N GLU B 256 -0.07 -12.86 44.67
CA GLU B 256 -0.81 -13.20 45.88
C GLU B 256 -2.01 -14.05 45.50
N SER B 257 -2.18 -15.18 46.17
CA SER B 257 -3.25 -16.11 45.82
C SER B 257 -3.76 -16.92 47.02
N THR B 258 -5.07 -17.15 47.06
CA THR B 258 -5.64 -18.03 48.07
C THR B 258 -5.93 -19.39 47.46
N GLY B 259 -5.52 -19.56 46.20
CA GLY B 259 -5.64 -20.82 45.50
C GLY B 259 -5.78 -20.65 44.00
N ASN B 260 -5.41 -21.68 43.23
CA ASN B 260 -5.58 -21.67 41.78
C ASN B 260 -4.48 -20.92 40.98
N LEU B 261 -3.46 -20.42 41.66
CA LEU B 261 -2.32 -19.77 41.03
C LEU B 261 -1.34 -20.78 40.43
N ILE B 262 -1.09 -20.65 39.13
CA ILE B 262 0.02 -21.34 38.49
C ILE B 262 1.15 -20.33 38.37
N ALA B 263 2.14 -20.46 39.25
CA ALA B 263 3.20 -19.48 39.40
C ALA B 263 4.33 -19.73 38.43
N PRO B 264 5.01 -18.67 37.99
CA PRO B 264 6.26 -18.89 37.23
C PRO B 264 7.35 -19.32 38.19
N GLU B 265 8.31 -20.11 37.74
CA GLU B 265 9.54 -20.28 38.54
C GLU B 265 10.62 -19.45 37.87
N TYR B 266 10.45 -19.23 36.58
CA TYR B 266 11.46 -18.60 35.75
C TYR B 266 10.90 -17.35 35.07
N GLY B 267 11.80 -16.45 34.67
CA GLY B 267 11.48 -15.32 33.83
C GLY B 267 12.49 -15.30 32.70
N PHE B 268 12.18 -14.56 31.63
CA PHE B 268 13.10 -14.48 30.52
C PHE B 268 13.66 -13.05 30.33
N LYS B 269 14.94 -12.88 30.63
CA LYS B 269 15.66 -11.66 30.28
C LYS B 269 15.60 -11.53 28.78
N ILE B 270 15.09 -10.41 28.30
CA ILE B 270 15.01 -10.19 26.86
C ILE B 270 15.48 -8.77 26.46
N SER B 271 16.22 -8.66 25.36
CA SER B 271 16.52 -7.35 24.76
C SER B 271 16.17 -7.39 23.27
N LYS B 272 15.64 -6.30 22.72
CA LYS B 272 15.33 -6.33 21.29
C LYS B 272 15.88 -5.15 20.49
N ARG B 273 16.66 -5.46 19.46
CA ARG B 273 17.06 -4.44 18.50
C ARG B 273 15.85 -4.03 17.68
N GLY B 274 15.25 -5.00 17.01
CA GLY B 274 14.06 -4.76 16.21
C GLY B 274 13.12 -5.95 16.18
N SER B 275 12.35 -6.08 15.10
CA SER B 275 11.41 -7.18 14.98
C SER B 275 11.62 -8.03 13.71
N SER B 276 10.89 -9.14 13.63
CA SER B 276 11.06 -10.14 12.58
C SER B 276 9.73 -10.88 12.34
N GLY B 277 9.79 -12.20 12.15
CA GLY B 277 8.57 -12.98 11.92
C GLY B 277 8.71 -14.48 12.17
N ILE B 278 7.58 -15.18 12.28
CA ILE B 278 7.60 -16.63 12.42
C ILE B 278 7.51 -17.20 11.02
N MET B 279 8.36 -18.19 10.73
CA MET B 279 8.26 -18.87 9.45
C MET B 279 7.66 -20.26 9.64
N LYS B 280 6.53 -20.48 8.98
CA LYS B 280 5.82 -21.75 9.06
C LYS B 280 6.28 -22.74 7.99
N THR B 281 6.94 -23.80 8.42
CA THR B 281 7.48 -24.79 7.49
C THR B 281 7.85 -26.04 8.25
N GLU B 282 8.15 -27.10 7.53
CA GLU B 282 8.56 -28.37 8.14
C GLU B 282 10.09 -28.52 8.17
N LYS B 283 10.76 -27.76 7.30
CA LYS B 283 12.20 -27.86 7.12
C LYS B 283 12.95 -27.53 8.39
N THR B 284 14.24 -27.82 8.41
CA THR B 284 15.08 -27.54 9.56
C THR B 284 16.33 -26.76 9.15
N LEU B 285 16.96 -26.14 10.14
CA LEU B 285 18.14 -25.31 9.91
C LEU B 285 19.20 -26.17 9.24
N GLU B 286 20.14 -25.55 8.55
CA GLU B 286 21.01 -26.33 7.70
C GLU B 286 22.31 -25.64 7.29
N ASN B 287 22.97 -24.97 8.23
CA ASN B 287 24.37 -24.58 8.04
C ASN B 287 24.70 -23.88 6.72
N CYS B 288 23.92 -22.86 6.40
CA CYS B 288 24.21 -22.01 5.26
C CYS B 288 23.89 -20.59 5.66
N GLU B 289 23.80 -19.70 4.68
CA GLU B 289 23.66 -18.29 5.00
C GLU B 289 22.91 -17.51 3.92
N THR B 290 22.04 -16.60 4.33
CA THR B 290 21.40 -15.65 3.42
C THR B 290 21.11 -14.29 4.05
N LYS B 291 20.77 -13.35 3.19
CA LYS B 291 20.21 -12.10 3.63
C LYS B 291 18.71 -12.23 3.35
N CYS B 292 18.32 -13.34 2.74
CA CYS B 292 16.92 -13.55 2.40
C CYS B 292 16.43 -15.00 2.42
N GLN B 293 15.47 -15.29 3.30
CA GLN B 293 14.97 -16.64 3.54
C GLN B 293 13.50 -16.79 3.16
N THR B 294 13.16 -17.90 2.49
CA THR B 294 11.75 -18.23 2.22
C THR B 294 11.46 -19.61 2.79
N PRO B 295 10.18 -19.98 2.92
CA PRO B 295 9.86 -21.30 3.49
C PRO B 295 10.26 -22.47 2.58
N LEU B 296 10.72 -22.16 1.37
CA LEU B 296 11.14 -23.17 0.38
C LEU B 296 12.66 -23.26 0.29
N GLY B 297 13.35 -22.18 0.63
CA GLY B 297 14.80 -22.15 0.55
C GLY B 297 15.27 -20.72 0.56
N ALA B 298 16.57 -20.52 0.62
CA ALA B 298 17.11 -19.17 0.68
C ALA B 298 17.38 -18.61 -0.71
N ILE B 299 17.46 -17.28 -0.81
CA ILE B 299 17.64 -16.61 -2.09
C ILE B 299 18.92 -15.78 -2.00
N ASN B 300 19.84 -16.00 -2.92
CA ASN B 300 21.03 -15.16 -3.04
C ASN B 300 21.01 -14.50 -4.41
N THR B 301 20.72 -13.21 -4.45
CA THR B 301 20.53 -12.55 -5.74
C THR B 301 20.74 -11.05 -5.74
N THR B 302 21.18 -10.54 -6.88
CA THR B 302 21.31 -9.10 -7.10
C THR B 302 19.99 -8.57 -7.63
N LEU B 303 19.24 -9.45 -8.28
CA LEU B 303 18.02 -9.08 -8.98
C LEU B 303 17.00 -8.35 -8.10
N PRO B 304 16.19 -7.49 -8.73
CA PRO B 304 15.21 -6.67 -8.01
C PRO B 304 13.86 -7.39 -7.79
N PHE B 305 13.63 -8.51 -8.49
CA PHE B 305 12.36 -9.21 -8.39
C PHE B 305 12.57 -10.72 -8.24
N HIS B 306 11.65 -11.36 -7.54
CA HIS B 306 11.63 -12.82 -7.50
C HIS B 306 10.19 -13.30 -7.51
N ASN B 307 10.00 -14.58 -7.81
CA ASN B 307 8.68 -15.18 -7.73
C ASN B 307 8.68 -16.48 -6.94
N ILE B 308 9.65 -16.65 -6.04
CA ILE B 308 9.73 -17.92 -5.30
C ILE B 308 8.55 -18.17 -4.34
N HIS B 309 8.22 -17.20 -3.50
CA HIS B 309 7.22 -17.39 -2.46
C HIS B 309 6.94 -16.02 -1.83
N PRO B 310 5.68 -15.74 -1.51
CA PRO B 310 5.39 -14.41 -0.96
C PRO B 310 5.92 -14.21 0.47
N LEU B 311 6.02 -15.28 1.26
CA LEU B 311 6.30 -15.12 2.68
C LEU B 311 7.78 -15.14 3.02
N THR B 312 8.54 -14.14 2.57
CA THR B 312 9.98 -14.13 2.82
C THR B 312 10.34 -13.44 4.12
N ILE B 313 11.58 -13.61 4.55
CA ILE B 313 12.09 -12.89 5.72
C ILE B 313 13.49 -12.40 5.42
N GLY B 314 13.72 -11.10 5.60
CA GLY B 314 15.05 -10.55 5.38
C GLY B 314 15.05 -9.42 4.36
N GLU B 315 16.19 -9.25 3.69
CA GLU B 315 16.30 -8.26 2.63
C GLU B 315 16.10 -8.92 1.28
N CYS B 316 14.91 -8.76 0.74
CA CYS B 316 14.49 -9.55 -0.40
C CYS B 316 14.16 -8.73 -1.61
N PRO B 317 14.33 -9.34 -2.79
CA PRO B 317 13.76 -8.79 -4.03
C PRO B 317 12.27 -8.60 -3.86
N LYS B 318 11.65 -7.81 -4.73
CA LYS B 318 10.20 -7.67 -4.68
C LYS B 318 9.57 -8.92 -5.26
N TYR B 319 8.56 -9.43 -4.55
CA TYR B 319 7.82 -10.58 -5.01
C TYR B 319 6.78 -10.14 -6.05
N VAL B 320 6.81 -10.75 -7.23
CA VAL B 320 5.87 -10.43 -8.33
C VAL B 320 5.16 -11.70 -8.82
N LYS B 321 3.97 -11.54 -9.41
CA LYS B 321 3.24 -12.69 -9.94
C LYS B 321 3.83 -13.21 -11.25
N SER B 322 4.35 -12.30 -12.04
CA SER B 322 5.14 -12.62 -13.21
C SER B 322 6.03 -13.87 -13.07
N ASP B 323 6.36 -14.52 -14.19
CA ASP B 323 7.39 -15.56 -14.17
C ASP B 323 8.37 -15.51 -15.34
N ARG B 324 8.51 -14.32 -15.92
CA ARG B 324 9.53 -14.01 -16.91
C ARG B 324 9.68 -12.51 -16.97
N LEU B 325 10.83 -12.01 -16.57
CA LEU B 325 11.14 -10.59 -16.74
C LEU B 325 12.50 -10.45 -17.40
N VAL B 326 12.50 -10.50 -18.74
CA VAL B 326 13.76 -10.50 -19.48
C VAL B 326 14.01 -9.17 -20.19
N LEU B 327 15.10 -8.51 -19.80
CA LEU B 327 15.56 -7.30 -20.48
C LEU B 327 16.42 -7.64 -21.70
N ALA B 328 16.07 -7.07 -22.85
CA ALA B 328 17.00 -7.10 -23.97
C ALA B 328 18.23 -6.29 -23.59
N THR B 329 19.41 -6.80 -23.91
CA THR B 329 20.63 -6.02 -23.75
C THR B 329 21.33 -5.82 -25.10
N GLY B 330 21.33 -6.86 -25.93
CA GLY B 330 21.87 -6.75 -27.27
C GLY B 330 20.79 -6.26 -28.23
N LEU B 331 20.97 -6.52 -29.53
CA LEU B 331 20.06 -5.99 -30.54
C LEU B 331 19.21 -7.05 -31.18
N ARG B 332 18.28 -6.64 -32.03
CA ARG B 332 17.50 -7.59 -32.76
C ARG B 332 18.46 -8.51 -33.52
N ASN B 333 18.31 -9.82 -33.33
CA ASN B 333 19.16 -10.80 -34.00
C ASN B 333 18.66 -11.09 -35.40
N VAL B 334 19.50 -10.83 -36.40
CA VAL B 334 19.07 -10.95 -37.79
C VAL B 334 20.12 -11.65 -38.64
N PRO B 335 20.16 -12.98 -38.59
CA PRO B 335 21.08 -13.78 -39.40
C PRO B 335 20.56 -14.01 -40.82
N GLY B 341 12.44 -1.17 -37.49
CA GLY B 341 13.03 -0.40 -36.39
C GLY B 341 12.58 1.04 -36.47
N LEU B 342 12.98 1.84 -35.49
CA LEU B 342 12.56 3.23 -35.40
C LEU B 342 13.46 4.14 -36.23
N PHE B 343 14.67 3.68 -36.50
CA PHE B 343 15.63 4.48 -37.23
C PHE B 343 15.93 3.88 -38.59
N GLY B 344 15.41 2.68 -38.82
CA GLY B 344 15.35 2.11 -40.16
C GLY B 344 16.59 1.42 -40.67
N ALA B 345 17.56 1.15 -39.78
CA ALA B 345 18.79 0.48 -40.18
C ALA B 345 18.71 -1.04 -39.95
N ILE B 346 18.62 -1.44 -38.69
CA ILE B 346 18.63 -2.86 -38.33
C ILE B 346 17.40 -3.55 -38.88
N ALA B 347 17.56 -4.70 -39.51
CA ALA B 347 16.46 -5.32 -40.25
C ALA B 347 15.72 -4.28 -41.10
N GLY B 348 16.49 -3.36 -41.68
CA GLY B 348 15.94 -2.22 -42.39
C GLY B 348 16.71 -1.98 -43.67
N PHE B 349 17.37 -0.84 -43.80
CA PHE B 349 18.11 -0.60 -45.04
C PHE B 349 19.42 -1.37 -45.03
N ILE B 350 19.89 -1.76 -43.84
CA ILE B 350 20.95 -2.75 -43.73
C ILE B 350 20.28 -4.08 -43.37
N GLU B 351 20.05 -4.91 -44.39
CA GLU B 351 19.05 -5.99 -44.30
C GLU B 351 19.30 -7.09 -43.25
N GLY B 352 20.56 -7.32 -42.90
CA GLY B 352 20.89 -8.38 -41.96
C GLY B 352 22.15 -8.13 -41.15
N GLY B 353 22.39 -8.98 -40.15
CA GLY B 353 23.58 -8.87 -39.33
C GLY B 353 24.71 -9.81 -39.73
N TRP B 354 25.87 -9.62 -39.10
CA TRP B 354 27.08 -10.42 -39.37
C TRP B 354 27.42 -11.44 -38.28
N GLN B 355 27.32 -12.73 -38.61
CA GLN B 355 27.76 -13.77 -37.68
C GLN B 355 29.27 -13.67 -37.47
N GLY B 356 29.94 -13.04 -38.43
CA GLY B 356 31.40 -13.02 -38.45
C GLY B 356 32.07 -11.96 -37.60
N MET B 357 31.39 -10.85 -37.35
CA MET B 357 31.95 -9.81 -36.50
C MET B 357 31.77 -10.12 -35.02
N VAL B 358 32.81 -10.62 -34.37
CA VAL B 358 32.67 -11.15 -33.03
C VAL B 358 33.35 -10.33 -31.94
N ASP B 359 33.87 -9.15 -32.30
CA ASP B 359 34.59 -8.33 -31.34
C ASP B 359 33.86 -7.04 -30.97
N GLY B 360 32.62 -6.90 -31.41
CA GLY B 360 31.85 -5.70 -31.12
C GLY B 360 30.41 -5.77 -31.58
N TRP B 361 29.67 -4.71 -31.34
CA TRP B 361 28.24 -4.70 -31.67
C TRP B 361 27.97 -4.12 -33.04
N TYR B 362 28.83 -3.19 -33.46
CA TYR B 362 28.73 -2.59 -34.80
C TYR B 362 30.12 -2.45 -35.38
N GLY B 363 30.21 -2.39 -36.69
CA GLY B 363 31.51 -2.27 -37.32
C GLY B 363 31.47 -2.26 -38.83
N TYR B 364 32.65 -2.49 -39.42
CA TYR B 364 32.83 -2.32 -40.86
C TYR B 364 33.21 -3.62 -41.56
N HIS B 365 32.84 -3.71 -42.83
CA HIS B 365 33.36 -4.76 -43.69
C HIS B 365 33.97 -4.14 -44.93
N HIS B 366 35.29 -4.25 -45.05
CA HIS B 366 36.01 -3.59 -46.14
C HIS B 366 36.47 -4.58 -47.21
N SER B 367 36.38 -4.14 -48.46
CA SER B 367 36.95 -4.87 -49.59
C SER B 367 38.12 -4.09 -50.17
N ASN B 368 39.29 -4.73 -50.18
CA ASN B 368 40.51 -4.05 -50.55
C ASN B 368 41.34 -4.92 -51.48
N ASP B 369 42.26 -4.29 -52.21
CA ASP B 369 43.22 -5.04 -53.00
C ASP B 369 43.96 -6.01 -52.08
N GLN B 370 44.36 -5.54 -50.90
CA GLN B 370 44.92 -6.41 -49.87
C GLN B 370 43.90 -7.44 -49.39
N GLY B 371 43.38 -7.25 -48.17
CA GLY B 371 42.50 -8.23 -47.58
C GLY B 371 41.07 -7.77 -47.34
N SER B 372 40.28 -8.63 -46.72
CA SER B 372 38.90 -8.32 -46.36
C SER B 372 38.37 -9.41 -45.45
N GLY B 373 37.77 -9.03 -44.33
CA GLY B 373 37.65 -7.64 -43.94
C GLY B 373 36.55 -7.35 -42.94
N TYR B 374 36.65 -7.91 -41.74
CA TYR B 374 35.73 -7.57 -40.65
C TYR B 374 36.46 -6.80 -39.58
N ALA B 375 35.89 -5.65 -39.19
CA ALA B 375 36.51 -4.80 -38.17
C ALA B 375 35.46 -4.14 -37.29
N ALA B 376 35.41 -4.55 -36.03
CA ALA B 376 34.48 -3.94 -35.07
C ALA B 376 34.82 -2.49 -34.81
N ASP B 377 33.80 -1.66 -34.63
CA ASP B 377 34.01 -0.26 -34.32
C ASP B 377 34.08 -0.04 -32.82
N LYS B 378 35.29 -0.05 -32.28
CA LYS B 378 35.51 -0.02 -30.83
C LYS B 378 34.75 1.11 -30.15
N GLU B 379 34.89 2.32 -30.69
CA GLU B 379 34.33 3.51 -30.07
C GLU B 379 32.84 3.42 -29.79
N SER B 380 32.04 3.25 -30.84
CA SER B 380 30.59 3.24 -30.69
C SER B 380 30.07 2.00 -29.97
N THR B 381 30.75 0.87 -30.15
CA THR B 381 30.40 -0.35 -29.40
C THR B 381 30.54 -0.09 -27.90
N GLN B 382 31.53 0.71 -27.54
CA GLN B 382 31.79 1.01 -26.13
C GLN B 382 30.74 1.95 -25.58
N LYS B 383 30.29 2.89 -26.40
CA LYS B 383 29.20 3.76 -26.01
C LYS B 383 27.98 2.91 -25.64
N ALA B 384 27.74 1.85 -26.40
CA ALA B 384 26.59 0.99 -26.18
C ALA B 384 26.78 0.07 -24.97
N PHE B 385 27.95 -0.57 -24.86
CA PHE B 385 28.25 -1.36 -23.66
C PHE B 385 28.00 -0.48 -22.44
N ASP B 386 28.48 0.77 -22.47
CA ASP B 386 28.29 1.68 -21.35
C ASP B 386 26.81 1.96 -21.08
N GLY B 387 26.08 2.37 -22.11
CA GLY B 387 24.69 2.75 -21.94
C GLY B 387 23.82 1.61 -21.46
N ILE B 388 23.93 0.45 -22.09
CA ILE B 388 23.10 -0.68 -21.69
C ILE B 388 23.44 -1.19 -20.26
N THR B 389 24.72 -1.12 -19.90
CA THR B 389 25.15 -1.41 -18.55
C THR B 389 24.43 -0.50 -17.58
N ASN B 390 24.49 0.81 -17.84
CA ASN B 390 23.79 1.76 -17.00
C ASN B 390 22.30 1.43 -16.87
N LYS B 391 21.69 1.04 -17.97
CA LYS B 391 20.25 0.82 -17.99
C LYS B 391 19.88 -0.31 -17.05
N VAL B 392 20.58 -1.44 -17.16
CA VAL B 392 20.37 -2.59 -16.28
C VAL B 392 20.66 -2.19 -14.82
N ASN B 393 21.80 -1.53 -14.59
CA ASN B 393 22.16 -1.06 -13.26
C ASN B 393 21.15 -0.10 -12.67
N SER B 394 20.54 0.73 -13.53
CA SER B 394 19.49 1.65 -13.10
C SER B 394 18.24 0.91 -12.62
N VAL B 395 17.80 -0.07 -13.40
CA VAL B 395 16.62 -0.85 -13.07
C VAL B 395 16.82 -1.62 -11.77
N ILE B 396 18.04 -2.11 -11.57
CA ILE B 396 18.38 -2.90 -10.39
C ILE B 396 18.77 -2.06 -9.16
N ALA B 397 19.64 -1.08 -9.35
CA ALA B 397 20.21 -0.35 -8.22
C ALA B 397 19.25 0.63 -7.55
N LYS B 398 18.16 1.00 -8.23
CA LYS B 398 17.19 1.92 -7.65
C LYS B 398 16.22 1.20 -6.71
N MET B 399 16.12 -0.11 -6.84
CA MET B 399 15.19 -0.85 -5.99
C MET B 399 15.60 -0.78 -4.53
N ASN B 400 14.73 -0.19 -3.72
CA ASN B 400 14.95 -0.01 -2.29
C ASN B 400 14.53 -1.25 -1.50
N THR B 401 15.51 -1.99 -0.99
CA THR B 401 15.24 -3.24 -0.29
C THR B 401 15.64 -3.21 1.20
N GLN B 402 14.69 -2.86 2.05
CA GLN B 402 14.90 -2.93 3.48
C GLN B 402 14.49 -4.31 4.00
N PHE B 403 14.71 -4.55 5.29
CA PHE B 403 14.39 -5.81 5.93
C PHE B 403 12.91 -5.85 6.30
N GLU B 404 12.23 -6.95 5.97
CA GLU B 404 10.84 -7.08 6.34
C GLU B 404 10.50 -8.53 6.68
N ALA B 405 9.39 -8.75 7.41
CA ALA B 405 8.98 -10.08 7.81
C ALA B 405 7.94 -10.69 6.88
N VAL B 406 6.88 -9.94 6.59
CA VAL B 406 5.80 -10.38 5.72
C VAL B 406 4.76 -11.22 6.45
N GLY B 407 5.02 -12.51 6.66
CA GLY B 407 4.03 -13.37 7.31
C GLY B 407 3.57 -12.79 8.64
N LYS B 408 2.28 -12.96 8.97
CA LYS B 408 1.74 -12.42 10.22
C LYS B 408 0.70 -13.35 10.84
N GLU B 409 0.41 -13.14 12.13
CA GLU B 409 -0.51 -13.99 12.90
C GLU B 409 -1.75 -13.23 13.32
N PHE B 410 -2.92 -13.85 13.19
CA PHE B 410 -4.16 -13.28 13.71
C PHE B 410 -5.04 -14.37 14.31
N SER B 411 -5.76 -14.05 15.38
CA SER B 411 -6.65 -15.02 16.02
C SER B 411 -7.92 -15.19 15.18
N ASN B 412 -8.77 -16.13 15.57
CA ASN B 412 -10.00 -16.37 14.83
C ASN B 412 -11.01 -15.22 14.94
N LEU B 413 -10.82 -14.36 15.92
CA LEU B 413 -11.65 -13.15 16.05
C LEU B 413 -10.93 -11.92 15.50
N GLU B 414 -9.96 -12.14 14.62
CA GLU B 414 -9.34 -11.03 13.92
C GLU B 414 -9.42 -11.21 12.41
N ARG B 415 -10.49 -11.79 11.94
CA ARG B 415 -10.63 -12.05 10.51
C ARG B 415 -10.49 -10.77 9.70
N ARG B 416 -11.14 -9.69 10.14
CA ARG B 416 -11.12 -8.44 9.40
C ARG B 416 -9.72 -7.88 9.27
N LEU B 417 -8.98 -7.92 10.37
CA LEU B 417 -7.63 -7.40 10.41
C LEU B 417 -6.71 -8.22 9.49
N GLU B 418 -6.79 -9.55 9.62
CA GLU B 418 -6.11 -10.43 8.68
C GLU B 418 -6.47 -10.10 7.21
N ASN B 419 -7.74 -9.82 6.97
CA ASN B 419 -8.20 -9.46 5.63
C ASN B 419 -7.64 -8.11 5.17
N LEU B 420 -7.50 -7.18 6.09
CA LEU B 420 -6.90 -5.90 5.79
C LEU B 420 -5.45 -6.12 5.33
N ASN B 421 -4.72 -6.94 6.07
CA ASN B 421 -3.34 -7.28 5.73
C ASN B 421 -3.21 -7.96 4.38
N LYS B 422 -4.12 -8.89 4.07
CA LYS B 422 -4.08 -9.55 2.78
C LYS B 422 -4.36 -8.57 1.63
N LYS B 423 -5.38 -7.73 1.81
CA LYS B 423 -5.73 -6.71 0.83
C LYS B 423 -4.52 -5.81 0.58
N MET B 424 -3.74 -5.55 1.61
CA MET B 424 -2.57 -4.72 1.45
C MET B 424 -1.44 -5.43 0.72
N GLU B 425 -1.10 -6.65 1.14
CA GLU B 425 -0.04 -7.39 0.48
C GLU B 425 -0.39 -7.63 -0.99
N ASP B 426 -1.67 -7.90 -1.25
CA ASP B 426 -2.13 -8.10 -2.60
C ASP B 426 -2.01 -6.81 -3.40
N GLY B 427 -2.33 -5.69 -2.77
CA GLY B 427 -2.28 -4.40 -3.43
C GLY B 427 -0.89 -4.11 -3.96
N PHE B 428 0.11 -4.32 -3.09
CA PHE B 428 1.49 -4.08 -3.45
C PHE B 428 1.98 -5.06 -4.51
N LEU B 429 1.52 -6.30 -4.41
CA LEU B 429 1.81 -7.33 -5.41
C LEU B 429 1.35 -6.90 -6.81
N ASP B 430 0.11 -6.41 -6.90
CA ASP B 430 -0.43 -6.00 -8.19
C ASP B 430 0.33 -4.81 -8.74
N VAL B 431 0.67 -3.86 -7.88
CA VAL B 431 1.41 -2.69 -8.31
C VAL B 431 2.78 -3.10 -8.86
N TRP B 432 3.53 -3.86 -8.09
CA TRP B 432 4.89 -4.21 -8.48
C TRP B 432 4.88 -5.07 -9.71
N THR B 433 3.94 -6.01 -9.76
CA THR B 433 3.86 -6.86 -10.93
C THR B 433 3.63 -6.03 -12.19
N TYR B 434 2.56 -5.25 -12.20
CA TYR B 434 2.22 -4.39 -13.33
C TYR B 434 3.39 -3.49 -13.74
N ASN B 435 3.95 -2.79 -12.77
CA ASN B 435 5.04 -1.85 -13.06
C ASN B 435 6.27 -2.52 -13.65
N ALA B 436 6.64 -3.68 -13.10
CA ALA B 436 7.83 -4.38 -13.56
C ALA B 436 7.64 -4.90 -14.99
N GLU B 437 6.47 -5.49 -15.24
CA GLU B 437 6.15 -6.04 -16.55
C GLU B 437 6.22 -4.96 -17.62
N LEU B 438 5.64 -3.81 -17.31
CA LEU B 438 5.58 -2.69 -18.23
C LEU B 438 6.92 -2.00 -18.37
N LEU B 439 7.67 -1.95 -17.27
CA LEU B 439 9.01 -1.39 -17.33
C LEU B 439 9.82 -2.16 -18.36
N VAL B 440 9.76 -3.49 -18.25
CA VAL B 440 10.47 -4.38 -19.14
C VAL B 440 10.06 -4.20 -20.58
N LEU B 441 8.75 -4.16 -20.84
CA LEU B 441 8.26 -3.98 -22.19
C LEU B 441 8.77 -2.67 -22.80
N MET B 442 8.62 -1.57 -22.07
CA MET B 442 9.02 -0.26 -22.55
C MET B 442 10.52 -0.15 -22.75
N GLU B 443 11.27 -0.47 -21.72
CA GLU B 443 12.72 -0.41 -21.83
C GLU B 443 13.26 -1.35 -22.91
N ASN B 444 12.58 -2.47 -23.16
CA ASN B 444 12.98 -3.32 -24.26
C ASN B 444 12.80 -2.64 -25.61
N GLU B 445 11.70 -1.91 -25.75
CA GLU B 445 11.42 -1.27 -27.02
C GLU B 445 12.51 -0.26 -27.34
N ARG B 446 13.01 0.40 -26.29
CA ARG B 446 13.95 1.50 -26.47
C ARG B 446 15.37 1.00 -26.62
N THR B 447 15.64 -0.14 -26.01
CA THR B 447 16.94 -0.78 -26.20
C THR B 447 17.16 -1.17 -27.66
N LEU B 448 16.20 -1.89 -28.24
CA LEU B 448 16.30 -2.20 -29.66
C LEU B 448 16.51 -0.90 -30.45
N ASP B 449 15.69 0.11 -30.19
CA ASP B 449 15.72 1.35 -30.97
C ASP B 449 17.04 2.09 -30.74
N PHE B 450 17.58 1.96 -29.53
CA PHE B 450 18.91 2.46 -29.21
C PHE B 450 19.93 1.84 -30.16
N HIS B 451 19.98 0.51 -30.21
CA HIS B 451 20.91 -0.15 -31.11
C HIS B 451 20.66 0.31 -32.54
N ASP B 452 19.41 0.32 -32.97
CA ASP B 452 19.07 0.76 -34.31
C ASP B 452 19.71 2.11 -34.56
N SER B 453 19.44 3.06 -33.66
CA SER B 453 19.98 4.41 -33.76
C SER B 453 21.51 4.45 -33.89
N ASN B 454 22.21 3.67 -33.09
CA ASN B 454 23.68 3.64 -33.20
C ASN B 454 24.17 3.17 -34.58
N VAL B 455 23.52 2.17 -35.16
CA VAL B 455 23.87 1.73 -36.51
C VAL B 455 23.61 2.83 -37.55
N LYS B 456 22.47 3.50 -37.46
CA LYS B 456 22.16 4.56 -38.42
C LYS B 456 23.18 5.68 -38.33
N ASN B 457 23.56 6.01 -37.10
CA ASN B 457 24.51 7.09 -36.89
C ASN B 457 25.91 6.75 -37.39
N LEU B 458 26.30 5.49 -37.21
CA LEU B 458 27.60 5.03 -37.67
C LEU B 458 27.62 5.12 -39.18
N TYR B 459 26.59 4.60 -39.83
CA TYR B 459 26.46 4.73 -41.27
C TYR B 459 26.63 6.16 -41.71
N ASP B 460 25.91 7.07 -41.08
CA ASP B 460 25.98 8.50 -41.43
C ASP B 460 27.33 9.14 -41.14
N LYS B 461 28.05 8.64 -40.14
CA LYS B 461 29.36 9.16 -39.80
C LYS B 461 30.37 8.84 -40.90
N VAL B 462 30.07 7.83 -41.71
CA VAL B 462 30.95 7.46 -42.81
C VAL B 462 30.54 8.23 -44.06
N ARG B 463 29.24 8.31 -44.31
CA ARG B 463 28.75 9.00 -45.49
C ARG B 463 29.14 10.46 -45.51
N MET B 464 29.03 11.12 -44.36
CA MET B 464 29.36 12.53 -44.29
C MET B 464 30.86 12.76 -44.46
N GLN B 465 31.65 11.73 -44.22
CA GLN B 465 33.10 11.76 -44.46
C GLN B 465 33.48 11.60 -45.93
N LEU B 466 32.76 10.75 -46.65
CA LEU B 466 33.09 10.45 -48.03
C LEU B 466 32.42 11.43 -48.99
N ARG B 467 31.09 11.37 -49.07
CA ARG B 467 30.32 12.22 -49.96
C ARG B 467 30.59 11.86 -51.41
N ASP B 468 31.33 12.73 -52.11
CA ASP B 468 31.68 12.54 -53.51
C ASP B 468 32.61 11.36 -53.70
N ASN B 469 33.55 11.18 -52.76
CA ASN B 469 34.59 10.15 -52.88
C ASN B 469 34.10 8.69 -52.89
N VAL B 470 32.79 8.48 -52.67
CA VAL B 470 32.20 7.15 -52.67
C VAL B 470 30.73 7.20 -53.09
N LYS B 471 30.18 6.05 -53.45
CA LYS B 471 28.81 5.93 -53.93
C LYS B 471 27.96 5.09 -52.94
N GLU B 472 26.69 5.47 -52.76
CA GLU B 472 25.82 4.72 -51.84
C GLU B 472 25.05 3.63 -52.57
N LEU B 473 25.35 2.38 -52.24
CA LEU B 473 24.91 1.20 -53.00
C LEU B 473 23.52 0.65 -52.66
N GLY B 474 23.18 0.61 -51.38
CA GLY B 474 21.93 -0.01 -50.97
C GLY B 474 21.91 -0.40 -49.50
N ASN B 475 22.37 -1.62 -49.19
CA ASN B 475 22.38 -2.04 -47.79
C ASN B 475 23.69 -1.74 -47.00
N GLY B 476 23.91 -0.45 -46.77
CA GLY B 476 24.97 -0.02 -45.87
C GLY B 476 26.37 -0.02 -46.46
N CYS B 477 26.45 -0.05 -47.79
CA CYS B 477 27.75 -0.16 -48.45
C CYS B 477 28.12 1.09 -49.25
N PHE B 478 29.37 1.50 -49.09
CA PHE B 478 29.95 2.52 -49.94
C PHE B 478 30.97 1.90 -50.90
N GLU B 479 30.93 2.33 -52.16
CA GLU B 479 31.93 1.92 -53.15
C GLU B 479 32.83 3.12 -53.41
N PHE B 480 34.11 2.96 -53.09
CA PHE B 480 35.05 4.06 -53.22
C PHE B 480 35.32 4.38 -54.70
N TYR B 481 35.33 5.68 -55.02
CA TYR B 481 35.71 6.14 -56.35
C TYR B 481 37.21 6.28 -56.41
N HIS B 482 37.92 5.44 -55.66
CA HIS B 482 39.37 5.47 -55.64
C HIS B 482 39.95 4.28 -54.87
N LYS B 483 41.24 4.06 -55.01
CA LYS B 483 41.89 2.97 -54.30
C LYS B 483 42.03 3.34 -52.84
N CYS B 484 41.66 2.42 -51.96
CA CYS B 484 41.73 2.64 -50.52
C CYS B 484 42.38 1.44 -49.84
N ASP B 485 43.66 1.56 -49.51
CA ASP B 485 44.42 0.47 -48.91
C ASP B 485 44.16 0.33 -47.40
N ASP B 486 44.68 -0.75 -46.82
CA ASP B 486 44.45 -1.04 -45.41
C ASP B 486 44.79 0.14 -44.48
N GLU B 487 45.64 1.05 -44.94
CA GLU B 487 45.96 2.25 -44.17
C GLU B 487 44.93 3.36 -44.38
N CYS B 488 44.36 3.42 -45.57
CA CYS B 488 43.29 4.36 -45.86
C CYS B 488 42.03 3.94 -45.10
N MET B 489 41.66 2.66 -45.21
CA MET B 489 40.50 2.12 -44.50
C MET B 489 40.54 2.57 -43.05
N ASN B 490 41.72 2.48 -42.44
CA ASN B 490 41.92 2.95 -41.08
C ASN B 490 41.42 4.38 -40.87
N SER B 491 41.84 5.29 -41.73
CA SER B 491 41.40 6.67 -41.60
C SER B 491 39.87 6.74 -41.51
N VAL B 492 39.20 5.90 -42.30
CA VAL B 492 37.73 5.88 -42.28
C VAL B 492 37.18 5.33 -40.95
N LYS B 493 37.60 4.13 -40.58
CA LYS B 493 37.14 3.46 -39.36
C LYS B 493 37.31 4.32 -38.10
N ASN B 494 38.40 5.09 -38.06
CA ASN B 494 38.67 5.93 -36.89
C ASN B 494 38.36 7.42 -37.08
N GLY B 495 37.64 7.75 -38.15
CA GLY B 495 37.16 9.10 -38.37
C GLY B 495 38.18 10.14 -38.83
N THR B 496 39.37 9.70 -39.20
CA THR B 496 40.43 10.63 -39.65
C THR B 496 40.59 10.69 -41.18
N TYR B 497 39.59 10.20 -41.91
CA TYR B 497 39.64 10.23 -43.37
C TYR B 497 39.64 11.67 -43.88
N ASP B 498 40.45 11.94 -44.88
CA ASP B 498 40.44 13.27 -45.49
C ASP B 498 39.96 13.25 -46.93
N TYR B 499 38.92 14.04 -47.18
CA TYR B 499 38.36 14.24 -48.51
C TYR B 499 39.43 14.69 -49.49
N PRO B 500 40.15 15.80 -49.18
CA PRO B 500 41.11 16.39 -50.13
C PRO B 500 42.05 15.39 -50.79
N LYS B 501 42.73 14.56 -50.00
CA LYS B 501 43.78 13.68 -50.51
C LYS B 501 43.37 12.85 -51.71
N TYR B 502 42.07 12.63 -51.88
CA TYR B 502 41.62 11.64 -52.88
C TYR B 502 40.74 12.19 -54.03
N GLU B 503 41.18 13.27 -54.66
CA GLU B 503 40.43 13.91 -55.74
C GLU B 503 40.54 13.18 -57.08
N GLU B 504 40.47 11.85 -57.05
CA GLU B 504 40.35 11.06 -58.27
C GLU B 504 38.88 10.80 -58.51
N GLU B 505 38.28 11.59 -59.39
CA GLU B 505 36.88 11.38 -59.71
C GLU B 505 36.75 10.50 -60.94
N SER B 506 36.64 9.19 -60.69
CA SER B 506 36.36 8.23 -61.74
C SER B 506 34.85 8.19 -61.96
N LYS B 507 34.21 9.35 -61.83
CA LYS B 507 32.77 9.45 -62.01
C LYS B 507 32.43 9.77 -63.47
N GLN C 17 5.48 12.27 -60.94
CA GLN C 17 6.07 12.47 -59.62
C GLN C 17 5.73 11.31 -58.68
N ILE C 18 6.46 11.20 -57.58
CA ILE C 18 6.08 10.27 -56.52
C ILE C 18 6.08 10.98 -55.17
N CYS C 19 5.00 10.84 -54.42
CA CYS C 19 4.86 11.51 -53.13
C CYS C 19 4.65 10.50 -52.01
N ILE C 20 5.17 10.82 -50.84
CA ILE C 20 4.97 10.00 -49.65
C ILE C 20 4.10 10.76 -48.66
N GLY C 21 2.89 10.25 -48.41
CA GLY C 21 1.97 10.91 -47.51
C GLY C 21 1.38 10.03 -46.43
N TYR C 22 0.36 10.54 -45.76
CA TYR C 22 -0.22 9.84 -44.62
C TYR C 22 -1.70 10.15 -44.38
N HIS C 23 -2.38 9.24 -43.68
CA HIS C 23 -3.82 9.28 -43.51
C HIS C 23 -4.29 10.48 -42.70
N ALA C 24 -5.45 11.01 -43.07
CA ALA C 24 -6.09 12.10 -42.38
C ALA C 24 -7.57 11.83 -42.48
N ASN C 25 -8.35 12.38 -41.55
CA ASN C 25 -9.81 12.20 -41.62
C ASN C 25 -10.59 13.25 -40.83
N ASN C 26 -11.88 12.98 -40.65
CA ASN C 26 -12.75 13.93 -39.95
C ASN C 26 -12.96 13.54 -38.49
N SER C 27 -11.83 13.35 -37.79
CA SER C 27 -11.85 12.97 -36.39
C SER C 27 -11.64 14.18 -35.49
N THR C 28 -12.46 14.27 -34.46
CA THR C 28 -12.35 15.35 -33.48
C THR C 28 -11.81 14.79 -32.16
N GLU C 29 -11.53 13.49 -32.19
CA GLU C 29 -10.92 12.76 -31.09
C GLU C 29 -9.62 13.43 -30.65
N LYS C 30 -9.46 13.66 -29.34
CA LYS C 30 -8.26 14.33 -28.82
C LYS C 30 -7.51 13.53 -27.77
N VAL C 31 -6.18 13.62 -27.79
CA VAL C 31 -5.37 13.00 -26.75
C VAL C 31 -4.39 14.01 -26.18
N ASP C 32 -3.77 13.64 -25.06
CA ASP C 32 -2.72 14.44 -24.47
C ASP C 32 -1.45 13.59 -24.47
N THR C 33 -0.31 14.25 -24.61
CA THR C 33 0.98 13.58 -24.53
C THR C 33 1.83 14.24 -23.44
N ILE C 34 3.00 13.70 -23.17
CA ILE C 34 3.91 14.34 -22.23
C ILE C 34 4.25 15.75 -22.69
N LEU C 35 4.32 15.93 -24.02
CA LEU C 35 4.80 17.19 -24.62
C LEU C 35 3.73 18.18 -25.09
N GLU C 36 2.55 17.70 -25.47
CA GLU C 36 1.52 18.59 -25.99
C GLU C 36 0.16 18.24 -25.40
N ARG C 37 -0.77 19.18 -25.49
CA ARG C 37 -2.12 19.01 -24.98
C ARG C 37 -3.13 19.06 -26.12
N ASN C 38 -4.33 18.55 -25.88
CA ASN C 38 -5.38 18.53 -26.89
C ASN C 38 -4.86 18.35 -28.32
N VAL C 39 -4.10 17.30 -28.55
CA VAL C 39 -3.64 16.93 -29.88
C VAL C 39 -4.72 16.11 -30.57
N THR C 40 -5.19 16.58 -31.72
CA THR C 40 -6.20 15.85 -32.46
C THR C 40 -5.59 14.63 -33.12
N VAL C 41 -6.20 13.48 -32.90
CA VAL C 41 -5.65 12.23 -33.38
C VAL C 41 -6.59 11.57 -34.38
N THR C 42 -6.04 10.68 -35.19
CA THR C 42 -6.80 10.01 -36.24
C THR C 42 -7.81 9.01 -35.69
N HIS C 43 -7.34 8.10 -34.84
CA HIS C 43 -8.20 7.15 -34.11
C HIS C 43 -7.69 7.01 -32.68
N ALA C 44 -8.60 6.88 -31.72
CA ALA C 44 -8.18 6.77 -30.33
C ALA C 44 -8.88 5.61 -29.61
N LYS C 45 -8.43 5.29 -28.41
CA LYS C 45 -9.14 4.30 -27.61
C LYS C 45 -9.15 4.66 -26.14
N ASP C 46 -10.34 4.70 -25.57
CA ASP C 46 -10.49 4.98 -24.15
C ASP C 46 -10.29 3.68 -23.38
N ILE C 47 -9.40 3.72 -22.39
CA ILE C 47 -9.18 2.55 -21.55
C ILE C 47 -9.77 2.71 -20.16
N LEU C 48 -10.59 3.74 -19.97
CA LEU C 48 -11.25 3.94 -18.69
C LEU C 48 -12.73 3.58 -18.80
N GLU C 49 -13.19 2.65 -18.00
CA GLU C 49 -14.58 2.21 -18.04
C GLU C 49 -15.44 3.13 -17.17
N LYS C 50 -16.55 3.61 -17.74
CA LYS C 50 -17.41 4.56 -17.04
C LYS C 50 -18.86 4.12 -16.93
N THR C 51 -19.23 3.08 -17.67
CA THR C 51 -20.62 2.61 -17.67
C THR C 51 -20.88 1.40 -16.78
N HIS C 52 -22.02 1.42 -16.11
CA HIS C 52 -22.55 0.26 -15.40
C HIS C 52 -23.99 0.02 -15.84
N ASN C 53 -24.56 -1.12 -15.46
CA ASN C 53 -25.94 -1.44 -15.82
C ASN C 53 -26.97 -1.10 -14.76
N GLY C 54 -26.56 -0.36 -13.73
CA GLY C 54 -27.46 0.14 -12.71
C GLY C 54 -28.28 -0.90 -11.97
N LYS C 55 -27.84 -2.16 -12.03
CA LYS C 55 -28.54 -3.25 -11.36
C LYS C 55 -27.69 -3.92 -10.29
N LEU C 56 -28.35 -4.43 -9.25
CA LEU C 56 -27.75 -5.39 -8.32
C LEU C 56 -27.93 -6.79 -8.89
N CYS C 57 -26.83 -7.45 -9.20
CA CYS C 57 -26.88 -8.74 -9.88
C CYS C 57 -26.34 -9.85 -9.01
N ARG C 58 -26.45 -11.08 -9.48
CA ARG C 58 -25.81 -12.19 -8.79
C ARG C 58 -24.35 -12.28 -9.21
N LEU C 59 -23.50 -12.78 -8.32
CA LEU C 59 -22.06 -12.75 -8.55
C LEU C 59 -21.54 -14.13 -8.94
N SER C 60 -21.18 -14.29 -10.21
CA SER C 60 -20.71 -15.57 -10.73
C SER C 60 -21.67 -16.72 -10.45
N GLY C 61 -22.95 -16.46 -10.66
CA GLY C 61 -23.97 -17.49 -10.52
C GLY C 61 -24.68 -17.48 -9.20
N ILE C 62 -24.19 -16.68 -8.26
CA ILE C 62 -24.66 -16.73 -6.88
C ILE C 62 -25.20 -15.38 -6.38
N PRO C 63 -26.44 -15.39 -5.85
CA PRO C 63 -27.16 -14.22 -5.35
C PRO C 63 -26.49 -13.60 -4.12
N PRO C 64 -26.86 -12.34 -3.79
CA PRO C 64 -26.50 -11.77 -2.49
C PRO C 64 -27.58 -12.14 -1.50
N LEU C 65 -27.22 -12.27 -0.23
CA LEU C 65 -28.20 -12.35 0.83
C LEU C 65 -28.85 -10.97 0.94
N GLU C 66 -30.17 -10.90 0.81
CA GLU C 66 -30.84 -9.59 0.83
C GLU C 66 -31.58 -9.33 2.14
N LEU C 67 -31.06 -8.42 2.95
CA LEU C 67 -31.57 -8.23 4.30
C LEU C 67 -32.76 -7.28 4.39
N GLY C 68 -33.27 -6.82 3.24
CA GLY C 68 -34.38 -5.88 3.26
C GLY C 68 -33.97 -4.67 4.06
N ASP C 69 -34.68 -4.37 5.14
CA ASP C 69 -34.17 -3.39 6.10
C ASP C 69 -34.10 -3.97 7.51
N CYS C 70 -33.64 -5.21 7.57
CA CYS C 70 -33.23 -5.81 8.81
C CYS C 70 -31.72 -5.70 8.90
N SER C 71 -31.17 -5.84 10.11
CA SER C 71 -29.73 -5.95 10.25
C SER C 71 -29.38 -7.42 10.43
N ILE C 72 -28.12 -7.76 10.29
CA ILE C 72 -27.71 -9.14 10.45
C ILE C 72 -28.10 -9.66 11.84
N ALA C 73 -27.84 -8.85 12.86
CA ALA C 73 -28.27 -9.17 14.21
C ALA C 73 -29.76 -9.48 14.23
N GLY C 74 -30.57 -8.56 13.73
CA GLY C 74 -32.00 -8.74 13.73
C GLY C 74 -32.36 -10.06 13.08
N TRP C 75 -31.77 -10.30 11.93
CA TRP C 75 -32.03 -11.50 11.14
C TRP C 75 -31.70 -12.79 11.90
N LEU C 76 -30.48 -12.88 12.45
CA LEU C 76 -30.02 -14.09 13.15
C LEU C 76 -30.76 -14.39 14.46
N LEU C 77 -31.19 -13.35 15.14
CA LEU C 77 -31.90 -13.48 16.40
C LEU C 77 -33.36 -13.82 16.17
N GLY C 78 -33.87 -13.43 15.01
CA GLY C 78 -35.27 -13.60 14.68
C GLY C 78 -36.14 -12.46 15.15
N ASN C 79 -35.74 -11.23 14.86
CA ASN C 79 -36.63 -10.10 15.06
C ASN C 79 -37.91 -10.39 14.27
N PRO C 80 -39.07 -10.23 14.93
CA PRO C 80 -40.39 -10.44 14.31
C PRO C 80 -40.57 -9.70 12.99
N GLU C 81 -39.86 -8.60 12.79
CA GLU C 81 -39.95 -7.85 11.53
C GLU C 81 -39.06 -8.42 10.43
N CYS C 82 -38.41 -9.55 10.71
CA CYS C 82 -37.51 -10.16 9.74
C CYS C 82 -38.05 -11.53 9.32
N ASP C 83 -39.34 -11.74 9.58
CA ASP C 83 -39.98 -13.03 9.34
C ASP C 83 -40.08 -13.35 7.86
N ARG C 84 -40.29 -12.31 7.06
CA ARG C 84 -40.52 -12.51 5.64
C ARG C 84 -39.30 -12.05 4.87
N LEU C 85 -38.17 -12.69 5.10
CA LEU C 85 -36.91 -12.24 4.50
C LEU C 85 -36.43 -13.09 3.32
N LEU C 86 -36.88 -14.33 3.23
CA LEU C 86 -36.44 -15.20 2.14
C LEU C 86 -34.97 -15.55 2.32
N SER C 87 -34.71 -16.72 2.88
CA SER C 87 -33.33 -17.10 3.15
C SER C 87 -32.83 -18.10 2.13
N VAL C 88 -32.04 -17.62 1.19
CA VAL C 88 -31.32 -18.47 0.26
C VAL C 88 -30.29 -19.21 1.10
N PRO C 89 -29.85 -20.39 0.62
CA PRO C 89 -28.86 -21.20 1.35
C PRO C 89 -27.43 -20.91 0.99
N GLU C 90 -27.16 -19.95 0.09
CA GLU C 90 -25.82 -19.84 -0.44
C GLU C 90 -25.17 -18.45 -0.39
N TRP C 91 -25.69 -17.51 -1.16
CA TRP C 91 -25.19 -16.12 -1.24
C TRP C 91 -23.67 -15.84 -1.34
N SER C 92 -23.33 -14.84 -2.16
CA SER C 92 -21.95 -14.52 -2.48
C SER C 92 -21.54 -13.17 -1.92
N TYR C 93 -22.51 -12.40 -1.47
CA TYR C 93 -22.25 -11.17 -0.73
C TYR C 93 -23.53 -10.76 -0.03
N ILE C 94 -23.48 -9.71 0.79
CA ILE C 94 -24.67 -9.29 1.53
C ILE C 94 -25.14 -7.90 1.15
N VAL C 95 -26.44 -7.72 1.05
CA VAL C 95 -27.01 -6.39 0.81
C VAL C 95 -27.69 -5.87 2.07
N GLU C 96 -27.20 -4.76 2.60
CA GLU C 96 -27.75 -4.17 3.82
C GLU C 96 -27.97 -2.68 3.56
N LYS C 97 -29.01 -2.11 4.14
CA LYS C 97 -29.22 -0.67 4.04
C LYS C 97 -28.16 0.04 4.86
N GLU C 98 -27.72 1.22 4.44
CA GLU C 98 -26.71 1.94 5.19
C GLU C 98 -27.04 1.99 6.68
N ASN C 99 -28.32 1.87 6.99
CA ASN C 99 -28.79 2.04 8.35
C ASN C 99 -30.15 1.38 8.57
N PRO C 100 -30.15 0.06 8.83
CA PRO C 100 -31.37 -0.78 8.87
C PRO C 100 -32.31 -0.35 9.98
N THR C 101 -33.61 -0.49 9.78
CA THR C 101 -34.59 -0.03 10.74
C THR C 101 -35.01 -1.11 11.75
N ASN C 102 -34.56 -2.34 11.51
CA ASN C 102 -34.96 -3.49 12.32
C ASN C 102 -33.79 -4.36 12.79
N GLY C 103 -33.29 -4.08 13.99
CA GLY C 103 -32.16 -4.82 14.49
C GLY C 103 -32.49 -5.36 15.86
N LEU C 104 -31.75 -4.87 16.85
CA LEU C 104 -32.05 -5.21 18.24
C LEU C 104 -33.30 -4.46 18.68
N CYS C 105 -34.47 -5.01 18.37
CA CYS C 105 -35.74 -4.43 18.82
C CYS C 105 -35.75 -4.27 20.34
N TYR C 106 -35.24 -5.26 21.05
CA TYR C 106 -34.94 -5.10 22.47
C TYR C 106 -33.51 -4.59 22.58
N PRO C 107 -33.29 -3.49 23.33
CA PRO C 107 -32.01 -2.75 23.29
C PRO C 107 -30.83 -3.58 23.82
N GLY C 108 -29.65 -3.36 23.27
CA GLY C 108 -28.46 -4.04 23.74
C GLY C 108 -27.30 -3.91 22.78
N SER C 109 -26.32 -4.80 22.94
CA SER C 109 -25.17 -4.83 22.03
C SER C 109 -24.86 -6.27 21.63
N PHE C 110 -23.98 -6.42 20.66
CA PHE C 110 -23.59 -7.72 20.14
C PHE C 110 -22.08 -7.80 20.23
N ASN C 111 -21.53 -8.65 21.08
CA ASN C 111 -20.08 -8.77 21.17
C ASN C 111 -19.48 -9.17 19.83
N ASP C 112 -18.38 -8.52 19.46
CA ASP C 112 -17.62 -8.86 18.27
C ASP C 112 -18.53 -8.92 17.07
N TYR C 113 -19.32 -7.86 16.92
CA TYR C 113 -20.35 -7.80 15.90
C TYR C 113 -19.80 -7.74 14.48
N GLU C 114 -18.80 -6.88 14.25
CA GLU C 114 -18.20 -6.76 12.92
C GLU C 114 -17.53 -8.07 12.47
N GLU C 115 -16.88 -8.76 13.39
CA GLU C 115 -16.29 -10.06 13.11
C GLU C 115 -17.35 -11.07 12.68
N LEU C 116 -18.52 -11.01 13.31
CA LEU C 116 -19.58 -11.91 12.95
C LEU C 116 -20.09 -11.56 11.55
N LYS C 117 -20.29 -10.28 11.29
CA LYS C 117 -20.76 -9.88 9.97
C LYS C 117 -19.77 -10.29 8.89
N HIS C 118 -18.49 -10.11 9.17
CA HIS C 118 -17.47 -10.46 8.18
C HIS C 118 -17.46 -11.96 7.90
N LEU C 119 -17.79 -12.75 8.92
CA LEU C 119 -17.84 -14.19 8.80
C LEU C 119 -19.00 -14.63 7.90
N LEU C 120 -20.14 -13.95 8.04
CA LEU C 120 -21.37 -14.25 7.29
C LEU C 120 -21.43 -13.61 5.91
N THR C 121 -20.39 -12.84 5.61
CA THR C 121 -20.25 -12.14 4.35
C THR C 121 -20.47 -13.02 3.10
N SER C 122 -20.06 -14.29 3.17
CA SER C 122 -20.06 -15.19 2.02
C SER C 122 -20.14 -16.62 2.53
N VAL C 123 -20.93 -17.47 1.89
CA VAL C 123 -21.25 -18.75 2.53
C VAL C 123 -21.46 -19.92 1.56
N THR C 124 -21.23 -21.16 2.00
CA THR C 124 -21.33 -22.31 1.10
C THR C 124 -22.67 -22.48 0.39
N HIS C 125 -23.80 -22.85 1.01
CA HIS C 125 -24.16 -23.46 2.33
C HIS C 125 -24.25 -22.83 3.74
N PHE C 126 -25.51 -22.70 4.18
CA PHE C 126 -25.88 -22.11 5.47
C PHE C 126 -27.33 -22.46 5.78
N GLU C 127 -27.56 -23.25 6.83
CA GLU C 127 -28.93 -23.62 7.18
C GLU C 127 -29.22 -23.59 8.68
N LYS C 128 -30.43 -23.15 9.02
CA LYS C 128 -30.83 -23.04 10.41
C LYS C 128 -31.34 -24.37 10.94
N ILE C 129 -30.89 -24.73 12.14
CA ILE C 129 -31.26 -26.00 12.75
C ILE C 129 -31.69 -25.79 14.19
N LYS C 130 -32.74 -26.50 14.60
CA LYS C 130 -33.25 -26.41 15.95
C LYS C 130 -32.47 -27.33 16.90
N ILE C 131 -31.62 -26.74 17.73
CA ILE C 131 -30.69 -27.49 18.59
C ILE C 131 -31.19 -27.68 20.03
N LEU C 132 -31.94 -26.69 20.53
CA LEU C 132 -32.41 -26.70 21.91
C LEU C 132 -33.89 -26.31 22.01
N PRO C 133 -34.78 -27.23 21.65
CA PRO C 133 -36.23 -27.01 21.65
C PRO C 133 -36.73 -26.37 22.95
N ARG C 134 -37.60 -25.38 22.82
CA ARG C 134 -38.12 -24.60 23.95
C ARG C 134 -38.73 -25.44 25.06
N ASP C 135 -39.63 -26.34 24.69
CA ASP C 135 -40.40 -27.08 25.67
C ASP C 135 -39.56 -27.97 26.59
N GLN C 136 -38.31 -28.23 26.24
CA GLN C 136 -37.46 -29.05 27.10
C GLN C 136 -36.94 -28.29 28.31
N TRP C 137 -37.19 -26.98 28.35
CA TRP C 137 -36.94 -26.17 29.54
C TRP C 137 -38.11 -26.35 30.51
N THR C 138 -38.21 -27.54 31.08
CA THR C 138 -39.38 -27.96 31.84
C THR C 138 -39.59 -27.21 33.17
N GLN C 139 -38.50 -26.81 33.82
CA GLN C 139 -38.58 -26.13 35.10
C GLN C 139 -38.63 -24.60 34.97
N HIS C 140 -38.86 -24.10 33.75
CA HIS C 140 -38.80 -22.66 33.52
C HIS C 140 -39.94 -22.11 32.67
N THR C 141 -40.22 -20.83 32.85
CA THR C 141 -41.18 -20.16 31.99
C THR C 141 -40.45 -19.73 30.74
N THR C 142 -41.10 -19.93 29.60
CA THR C 142 -40.43 -19.92 28.32
C THR C 142 -40.96 -18.82 27.40
N THR C 143 -42.05 -18.19 27.83
CA THR C 143 -42.83 -17.32 26.94
C THR C 143 -42.72 -15.83 27.25
N GLY C 144 -41.83 -15.47 28.17
CA GLY C 144 -41.62 -14.07 28.47
C GLY C 144 -41.31 -13.30 27.21
N GLY C 145 -41.98 -12.17 27.01
CA GLY C 145 -41.69 -11.31 25.87
C GLY C 145 -41.53 -9.86 26.28
N SER C 146 -41.67 -8.95 25.32
CA SER C 146 -41.53 -7.52 25.59
C SER C 146 -42.38 -6.68 24.65
N ARG C 147 -42.77 -5.50 25.12
CA ARG C 147 -43.49 -4.54 24.30
C ARG C 147 -42.56 -3.97 23.22
N ALA C 148 -41.25 -4.07 23.45
CA ALA C 148 -40.28 -3.56 22.49
C ALA C 148 -40.17 -4.46 21.25
N CYS C 149 -40.58 -5.72 21.39
CA CYS C 149 -40.51 -6.67 20.29
C CYS C 149 -41.89 -7.17 19.95
N ALA C 150 -42.85 -6.24 19.90
CA ALA C 150 -44.27 -6.59 19.85
C ALA C 150 -44.77 -6.84 18.44
N VAL C 151 -45.73 -7.77 18.32
CA VAL C 151 -46.40 -8.03 17.05
C VAL C 151 -47.89 -7.68 17.15
N SER C 152 -48.28 -6.62 16.44
CA SER C 152 -49.64 -6.08 16.48
C SER C 152 -50.64 -7.02 17.14
N GLY C 153 -50.75 -6.90 18.47
CA GLY C 153 -49.96 -5.95 19.22
C GLY C 153 -49.65 -6.48 20.61
N ASN C 154 -49.38 -7.77 20.70
CA ASN C 154 -49.03 -8.41 21.97
C ASN C 154 -47.51 -8.56 22.11
N PRO C 155 -47.02 -8.58 23.36
CA PRO C 155 -45.58 -8.69 23.59
C PRO C 155 -45.02 -9.98 23.00
N SER C 156 -43.92 -9.86 22.24
CA SER C 156 -43.28 -11.01 21.63
C SER C 156 -41.78 -10.96 21.90
N PHE C 157 -40.99 -11.61 21.06
CA PHE C 157 -39.56 -11.69 21.32
C PHE C 157 -38.81 -12.31 20.14
N PHE C 158 -37.51 -12.06 20.06
CA PHE C 158 -36.67 -12.68 19.06
C PHE C 158 -37.05 -14.15 18.86
N ARG C 159 -37.56 -14.48 17.69
CA ARG C 159 -38.16 -15.79 17.44
C ARG C 159 -37.21 -16.96 17.60
N ASN C 160 -35.92 -16.73 17.44
CA ASN C 160 -34.93 -17.82 17.53
C ASN C 160 -34.37 -18.03 18.94
N MET C 161 -34.75 -17.15 19.86
CA MET C 161 -34.15 -17.14 21.20
C MET C 161 -35.21 -17.43 22.24
N VAL C 162 -34.77 -17.79 23.45
CA VAL C 162 -35.70 -18.10 24.53
C VAL C 162 -35.34 -17.33 25.79
N TRP C 163 -36.29 -16.54 26.26
CA TRP C 163 -36.10 -15.75 27.48
C TRP C 163 -36.51 -16.60 28.67
N LEU C 164 -35.56 -17.30 29.28
CA LEU C 164 -35.89 -18.12 30.44
C LEU C 164 -36.23 -17.25 31.64
N THR C 165 -37.43 -17.43 32.18
CA THR C 165 -37.83 -16.73 33.41
C THR C 165 -38.40 -17.71 34.41
N LYS C 166 -38.73 -17.23 35.61
CA LYS C 166 -39.12 -18.14 36.70
C LYS C 166 -40.50 -18.75 36.51
N LYS C 167 -40.72 -19.88 37.16
CA LYS C 167 -42.01 -20.56 37.18
C LYS C 167 -42.48 -20.47 38.61
N GLY C 168 -43.61 -19.80 38.83
CA GLY C 168 -44.03 -19.51 40.19
C GLY C 168 -43.00 -18.63 40.85
N SER C 169 -42.46 -19.06 41.99
CA SER C 169 -41.42 -18.29 42.67
C SER C 169 -40.06 -18.98 42.56
N ASN C 170 -39.85 -19.74 41.50
CA ASN C 170 -38.60 -20.50 41.40
C ASN C 170 -37.88 -20.39 40.07
N TYR C 171 -36.56 -20.31 40.15
CA TYR C 171 -35.69 -20.41 38.99
C TYR C 171 -34.58 -21.40 39.32
N PRO C 172 -34.83 -22.70 39.09
CA PRO C 172 -33.83 -23.73 39.36
C PRO C 172 -32.66 -23.47 38.43
N VAL C 173 -31.50 -24.07 38.68
CA VAL C 173 -30.38 -23.94 37.74
C VAL C 173 -30.88 -24.33 36.37
N ALA C 174 -30.62 -23.50 35.38
CA ALA C 174 -30.96 -23.84 34.01
C ALA C 174 -29.72 -24.45 33.35
N LYS C 175 -29.85 -25.67 32.87
CA LYS C 175 -28.65 -26.38 32.44
C LYS C 175 -28.95 -27.38 31.33
N ARG C 176 -28.50 -27.05 30.12
CA ARG C 176 -28.62 -27.95 28.98
C ARG C 176 -27.35 -27.91 28.13
N SER C 177 -27.15 -28.95 27.34
CA SER C 177 -26.04 -28.99 26.40
C SER C 177 -26.45 -29.54 25.03
N TYR C 178 -25.58 -29.36 24.05
CA TYR C 178 -25.82 -29.80 22.68
C TYR C 178 -24.52 -30.23 21.99
N ASN C 179 -24.53 -31.44 21.45
CA ASN C 179 -23.40 -32.01 20.69
C ASN C 179 -23.63 -31.73 19.22
N ASN C 180 -22.68 -31.06 18.58
CA ASN C 180 -22.84 -30.71 17.18
C ASN C 180 -22.65 -31.91 16.27
N THR C 181 -23.75 -32.62 16.05
CA THR C 181 -23.77 -33.84 15.24
C THR C 181 -24.23 -33.53 13.83
N SER C 182 -24.30 -32.24 13.49
CA SER C 182 -24.87 -31.78 12.23
C SER C 182 -23.95 -32.00 11.03
N GLY C 183 -22.69 -32.28 11.30
CA GLY C 183 -21.73 -32.51 10.24
C GLY C 183 -21.03 -31.25 9.75
N GLU C 184 -21.49 -30.09 10.20
CA GLU C 184 -20.85 -28.85 9.79
C GLU C 184 -20.50 -27.99 11.01
N GLN C 185 -19.60 -27.05 10.82
CA GLN C 185 -19.34 -26.05 11.84
C GLN C 185 -20.65 -25.31 12.14
N MET C 186 -20.96 -25.09 13.42
CA MET C 186 -22.23 -24.47 13.76
C MET C 186 -22.12 -23.13 14.49
N LEU C 187 -22.84 -22.14 14.00
CA LEU C 187 -22.91 -20.85 14.65
C LEU C 187 -24.00 -20.86 15.73
N ILE C 188 -23.65 -20.40 16.92
CA ILE C 188 -24.60 -20.39 18.02
C ILE C 188 -24.54 -19.06 18.76
N ILE C 189 -25.70 -18.47 19.00
CA ILE C 189 -25.80 -17.19 19.66
C ILE C 189 -26.58 -17.30 20.97
N TRP C 190 -26.11 -16.61 22.00
CA TRP C 190 -26.82 -16.54 23.27
C TRP C 190 -26.73 -15.13 23.80
N GLY C 191 -27.53 -14.81 24.81
CA GLY C 191 -27.41 -13.52 25.44
C GLY C 191 -27.63 -13.54 26.94
N ILE C 192 -27.27 -12.42 27.56
CA ILE C 192 -27.52 -12.24 28.97
C ILE C 192 -28.31 -10.94 29.13
N HIS C 193 -29.32 -10.98 29.99
CA HIS C 193 -30.18 -9.83 30.20
C HIS C 193 -29.71 -8.98 31.38
N TYR C 194 -29.56 -7.67 31.14
CA TYR C 194 -29.22 -6.71 32.17
C TYR C 194 -30.43 -5.88 32.56
N PRO C 195 -31.03 -6.22 33.70
CA PRO C 195 -32.26 -5.58 34.17
C PRO C 195 -32.02 -4.14 34.61
N ASN C 196 -33.12 -3.42 34.84
CA ASN C 196 -33.03 -2.02 35.20
C ASN C 196 -32.74 -1.80 36.68
N ASP C 197 -33.14 -2.75 37.51
CA ASP C 197 -33.01 -2.63 38.96
C ASP C 197 -33.25 -3.95 39.69
N ASP C 198 -32.87 -3.98 40.96
CA ASP C 198 -32.99 -5.18 41.78
C ASP C 198 -34.40 -5.79 41.77
N THR C 199 -35.43 -4.95 41.70
CA THR C 199 -36.79 -5.46 41.79
C THR C 199 -37.21 -6.15 40.50
N GLU C 200 -36.78 -5.61 39.36
CA GLU C 200 -37.05 -6.22 38.06
C GLU C 200 -36.27 -7.53 37.92
N GLN C 201 -35.10 -7.58 38.53
CA GLN C 201 -34.31 -8.79 38.60
C GLN C 201 -35.07 -9.88 39.36
N ARG C 202 -35.72 -9.49 40.44
CA ARG C 202 -36.39 -10.48 41.28
C ARG C 202 -37.70 -10.97 40.68
N THR C 203 -38.48 -10.10 40.05
CA THR C 203 -39.71 -10.61 39.46
C THR C 203 -39.47 -11.51 38.23
N LEU C 204 -38.28 -11.44 37.65
CA LEU C 204 -37.95 -12.26 36.49
C LEU C 204 -37.19 -13.53 36.86
N TYR C 205 -36.24 -13.40 37.78
CA TYR C 205 -35.32 -14.49 38.08
C TYR C 205 -35.26 -14.96 39.55
N GLN C 206 -35.95 -14.26 40.45
CA GLN C 206 -35.95 -14.63 41.87
C GLN C 206 -34.62 -14.36 42.54
N ASN C 207 -33.56 -14.97 42.01
CA ASN C 207 -32.24 -14.90 42.62
C ASN C 207 -31.50 -13.61 42.25
N VAL C 208 -30.56 -13.19 43.08
CA VAL C 208 -29.88 -11.92 42.81
C VAL C 208 -28.44 -12.06 42.31
N GLY C 209 -27.70 -13.03 42.84
CA GLY C 209 -26.32 -13.18 42.44
C GLY C 209 -26.12 -14.13 41.27
N THR C 210 -26.81 -13.87 40.16
CA THR C 210 -26.86 -14.82 39.05
C THR C 210 -25.65 -14.77 38.11
N TYR C 211 -25.55 -15.77 37.25
CA TYR C 211 -24.48 -15.87 36.26
C TYR C 211 -24.98 -16.68 35.07
N VAL C 212 -24.35 -16.45 33.92
CA VAL C 212 -24.56 -17.24 32.72
C VAL C 212 -23.20 -17.82 32.37
N SER C 213 -23.18 -19.11 32.11
CA SER C 213 -21.93 -19.83 31.91
C SER C 213 -22.04 -20.61 30.61
N VAL C 214 -21.11 -20.37 29.69
CA VAL C 214 -21.09 -21.08 28.41
C VAL C 214 -19.71 -21.59 28.10
N GLY C 215 -19.63 -22.87 27.76
CA GLY C 215 -18.36 -23.51 27.48
C GLY C 215 -18.41 -24.54 26.38
N THR C 216 -17.38 -24.52 25.56
CA THR C 216 -17.12 -25.57 24.60
C THR C 216 -15.70 -26.08 24.86
N SER C 217 -15.10 -26.71 23.86
CA SER C 217 -13.73 -27.19 23.96
C SER C 217 -12.75 -26.05 24.13
N THR C 218 -13.03 -24.96 23.44
CA THR C 218 -12.13 -23.82 23.38
C THR C 218 -12.73 -22.56 23.99
N LEU C 219 -14.05 -22.52 24.06
CA LEU C 219 -14.74 -21.38 24.65
C LEU C 219 -15.00 -21.63 26.13
N ASN C 220 -14.71 -20.64 26.96
CA ASN C 220 -15.25 -20.65 28.31
C ASN C 220 -15.51 -19.24 28.85
N LYS C 221 -16.78 -18.90 28.95
CA LYS C 221 -17.20 -17.57 29.32
C LYS C 221 -18.18 -17.58 30.47
N ARG C 222 -17.96 -16.69 31.43
CA ARG C 222 -18.88 -16.54 32.54
C ARG C 222 -19.31 -15.09 32.64
N SER C 223 -20.62 -14.84 32.53
CA SER C 223 -21.15 -13.49 32.59
C SER C 223 -22.00 -13.30 33.83
N ILE C 224 -21.97 -12.08 34.37
CA ILE C 224 -22.84 -11.71 35.48
C ILE C 224 -23.55 -10.43 35.12
N PRO C 225 -24.84 -10.33 35.51
CA PRO C 225 -25.72 -9.21 35.15
C PRO C 225 -25.25 -7.88 35.72
N GLU C 226 -25.33 -6.83 34.92
CA GLU C 226 -25.00 -5.49 35.39
C GLU C 226 -26.27 -4.66 35.57
N ILE C 227 -26.96 -4.84 36.69
CA ILE C 227 -28.21 -4.12 36.97
C ILE C 227 -27.95 -2.65 37.31
N ALA C 228 -28.64 -1.75 36.62
CA ALA C 228 -28.31 -0.34 36.69
C ALA C 228 -29.29 0.52 35.89
N THR C 229 -29.54 1.73 36.38
CA THR C 229 -30.49 2.66 35.75
C THR C 229 -29.96 3.22 34.44
N ARG C 230 -30.77 3.10 33.38
CA ARG C 230 -30.38 3.61 32.06
C ARG C 230 -31.53 4.35 31.43
N PRO C 231 -31.22 5.26 30.51
CA PRO C 231 -32.28 5.92 29.75
C PRO C 231 -33.08 4.86 29.00
N LYS C 232 -34.31 5.16 28.61
CA LYS C 232 -35.09 4.18 27.88
C LYS C 232 -34.83 4.18 26.38
N VAL C 233 -34.56 3.00 25.83
CA VAL C 233 -34.41 2.80 24.40
C VAL C 233 -35.48 1.81 23.97
N ASN C 234 -36.39 2.24 23.09
CA ASN C 234 -37.56 1.43 22.72
C ASN C 234 -38.43 1.15 23.94
N GLY C 235 -38.47 2.12 24.84
CA GLY C 235 -39.26 2.04 26.05
C GLY C 235 -38.71 1.08 27.10
N GLN C 236 -37.49 0.59 26.89
CA GLN C 236 -36.90 -0.38 27.79
C GLN C 236 -35.62 0.12 28.44
N GLY C 237 -35.53 0.00 29.76
CA GLY C 237 -34.34 0.41 30.47
C GLY C 237 -33.29 -0.69 30.49
N GLY C 238 -33.74 -1.92 30.28
CA GLY C 238 -32.85 -3.07 30.29
C GLY C 238 -32.07 -3.20 28.99
N ARG C 239 -31.02 -4.00 29.03
CA ARG C 239 -30.29 -4.30 27.81
C ARG C 239 -30.12 -5.81 27.69
N MET C 240 -29.86 -6.27 26.47
CA MET C 240 -29.40 -7.63 26.28
C MET C 240 -28.10 -7.62 25.49
N GLU C 241 -27.10 -8.29 26.04
CA GLU C 241 -25.81 -8.39 25.38
C GLU C 241 -25.67 -9.82 24.86
N PHE C 242 -25.49 -9.95 23.55
CA PHE C 242 -25.40 -11.26 22.91
C PHE C 242 -23.96 -11.59 22.55
N SER C 243 -23.63 -12.87 22.66
CA SER C 243 -22.32 -13.35 22.28
C SER C 243 -22.52 -14.50 21.30
N TRP C 244 -21.46 -14.93 20.64
CA TRP C 244 -21.56 -16.00 19.66
C TRP C 244 -20.29 -16.83 19.65
N THR C 245 -20.42 -18.05 19.17
CA THR C 245 -19.27 -18.93 19.00
C THR C 245 -19.57 -19.83 17.80
N LEU C 246 -18.51 -20.43 17.25
CA LEU C 246 -18.63 -21.50 16.28
C LEU C 246 -18.35 -22.82 16.99
N LEU C 247 -19.33 -23.71 16.97
CA LEU C 247 -19.17 -25.00 17.61
C LEU C 247 -18.67 -26.04 16.61
N GLU C 248 -17.46 -26.55 16.82
CA GLU C 248 -16.88 -27.50 15.88
C GLU C 248 -17.68 -28.80 15.83
N THR C 249 -17.60 -29.49 14.70
CA THR C 249 -18.25 -30.77 14.53
C THR C 249 -17.87 -31.72 15.65
N TRP C 250 -18.88 -32.32 16.28
CA TRP C 250 -18.69 -33.30 17.35
C TRP C 250 -18.24 -32.70 18.69
N ASP C 251 -18.23 -31.37 18.80
CA ASP C 251 -17.94 -30.73 20.07
C ASP C 251 -19.25 -30.46 20.80
N VAL C 252 -19.22 -30.24 22.11
CA VAL C 252 -20.45 -29.84 22.78
C VAL C 252 -20.38 -28.48 23.48
N ILE C 253 -21.54 -27.83 23.53
CA ILE C 253 -21.64 -26.53 24.16
C ILE C 253 -22.50 -26.68 25.43
N ASN C 254 -21.93 -26.29 26.57
CA ASN C 254 -22.65 -26.39 27.83
C ASN C 254 -23.21 -25.03 28.23
N PHE C 255 -24.53 -24.99 28.45
CA PHE C 255 -25.17 -23.81 29.02
C PHE C 255 -25.49 -24.04 30.48
N GLU C 256 -25.14 -23.10 31.34
CA GLU C 256 -25.54 -23.16 32.75
C GLU C 256 -25.87 -21.76 33.25
N SER C 257 -27.03 -21.59 33.86
CA SER C 257 -27.46 -20.27 34.32
C SER C 257 -28.38 -20.31 35.55
N THR C 258 -28.16 -19.36 36.45
CA THR C 258 -29.05 -19.18 37.59
C THR C 258 -30.00 -18.04 37.36
N GLY C 259 -29.95 -17.44 36.16
CA GLY C 259 -30.87 -16.39 35.79
C GLY C 259 -30.25 -15.48 34.76
N ASN C 260 -31.09 -14.83 33.96
CA ASN C 260 -30.63 -13.81 33.02
C ASN C 260 -30.10 -14.37 31.69
N LEU C 261 -30.24 -15.67 31.50
CA LEU C 261 -29.82 -16.29 30.25
C LEU C 261 -30.89 -16.08 29.18
N ILE C 262 -30.47 -15.62 28.01
CA ILE C 262 -31.33 -15.65 26.84
C ILE C 262 -30.78 -16.79 25.99
N ALA C 263 -31.45 -17.93 26.04
CA ALA C 263 -30.97 -19.14 25.39
C ALA C 263 -31.28 -19.19 23.89
N PRO C 264 -30.39 -19.83 23.12
CA PRO C 264 -30.75 -20.05 21.72
C PRO C 264 -31.69 -21.23 21.63
N GLU C 265 -32.63 -21.19 20.69
CA GLU C 265 -33.35 -22.39 20.32
C GLU C 265 -32.66 -23.00 19.10
N TYR C 266 -32.08 -22.15 18.27
CA TYR C 266 -31.53 -22.56 16.99
C TYR C 266 -30.03 -22.32 16.88
N GLY C 267 -29.39 -23.10 16.02
CA GLY C 267 -28.02 -22.86 15.62
C GLY C 267 -27.96 -22.82 14.09
N PHE C 268 -26.84 -22.36 13.55
CA PHE C 268 -26.72 -22.23 12.11
C PHE C 268 -25.55 -23.01 11.52
N LYS C 269 -25.86 -24.11 10.84
CA LYS C 269 -24.89 -24.85 10.04
C LYS C 269 -24.29 -23.91 9.02
N ILE C 270 -22.97 -23.87 8.93
CA ILE C 270 -22.33 -22.96 8.00
C ILE C 270 -21.02 -23.55 7.47
N SER C 271 -20.75 -23.34 6.18
CA SER C 271 -19.45 -23.67 5.61
C SER C 271 -19.01 -22.55 4.67
N LYS C 272 -17.71 -22.38 4.52
CA LYS C 272 -17.23 -21.28 3.69
C LYS C 272 -16.13 -21.70 2.75
N ARG C 273 -16.20 -21.20 1.52
CA ARG C 273 -15.10 -21.35 0.57
C ARG C 273 -14.10 -20.23 0.85
N GLY C 274 -14.56 -18.98 0.79
CA GLY C 274 -13.70 -17.86 1.07
C GLY C 274 -14.44 -16.75 1.79
N SER C 275 -14.15 -15.50 1.42
CA SER C 275 -14.79 -14.35 2.06
C SER C 275 -15.20 -13.28 1.07
N SER C 276 -16.00 -12.34 1.53
CA SER C 276 -16.63 -11.35 0.66
C SER C 276 -16.88 -10.02 1.37
N GLY C 277 -17.94 -9.31 0.96
CA GLY C 277 -18.24 -8.03 1.55
C GLY C 277 -19.71 -7.77 1.74
N ILE C 278 -20.03 -6.73 2.52
CA ILE C 278 -21.39 -6.24 2.66
C ILE C 278 -21.52 -5.01 1.77
N MET C 279 -22.58 -4.97 0.98
CA MET C 279 -22.80 -3.83 0.09
C MET C 279 -23.89 -2.92 0.63
N LYS C 280 -23.49 -1.73 1.08
CA LYS C 280 -24.42 -0.74 1.61
C LYS C 280 -25.13 -0.04 0.47
N THR C 281 -26.43 -0.27 0.35
CA THR C 281 -27.22 0.28 -0.74
C THR C 281 -28.71 0.19 -0.43
N GLU C 282 -29.52 0.86 -1.24
CA GLU C 282 -30.96 0.81 -1.10
C GLU C 282 -31.52 -0.11 -2.17
N LYS C 283 -30.77 -0.24 -3.26
CA LYS C 283 -31.19 -1.05 -4.41
C LYS C 283 -31.53 -2.49 -4.02
N THR C 284 -32.17 -3.20 -4.95
CA THR C 284 -32.58 -4.58 -4.72
C THR C 284 -32.19 -5.50 -5.87
N LEU C 285 -31.90 -6.75 -5.54
CA LEU C 285 -31.47 -7.74 -6.54
C LEU C 285 -32.41 -7.71 -7.74
N GLU C 286 -31.84 -7.78 -8.94
CA GLU C 286 -32.61 -7.53 -10.14
C GLU C 286 -32.47 -8.63 -11.20
N ASN C 287 -31.80 -9.72 -10.84
CA ASN C 287 -31.73 -10.87 -11.74
C ASN C 287 -30.92 -10.60 -13.01
N CYS C 288 -29.59 -10.59 -12.88
CA CYS C 288 -28.72 -10.59 -14.04
C CYS C 288 -27.43 -11.32 -13.72
N GLU C 289 -26.30 -10.78 -14.14
CA GLU C 289 -25.03 -11.46 -13.92
C GLU C 289 -23.84 -10.49 -13.99
N THR C 290 -22.84 -10.71 -13.15
CA THR C 290 -21.61 -9.94 -13.22
C THR C 290 -20.45 -10.67 -12.60
N LYS C 291 -19.25 -10.28 -13.01
CA LYS C 291 -18.06 -10.67 -12.30
C LYS C 291 -17.69 -9.53 -11.36
N CYS C 292 -18.39 -8.41 -11.50
CA CYS C 292 -18.04 -7.19 -10.76
C CYS C 292 -19.21 -6.27 -10.41
N GLN C 293 -19.48 -6.14 -9.12
CA GLN C 293 -20.65 -5.38 -8.65
C GLN C 293 -20.24 -4.10 -7.91
N THR C 294 -20.97 -3.01 -8.15
CA THR C 294 -20.81 -1.78 -7.38
C THR C 294 -22.16 -1.37 -6.78
N PRO C 295 -22.18 -0.52 -5.75
CA PRO C 295 -23.46 -0.10 -5.17
C PRO C 295 -24.33 0.69 -6.14
N LEU C 296 -23.79 1.01 -7.32
CA LEU C 296 -24.52 1.77 -8.32
C LEU C 296 -25.00 0.85 -9.45
N GLY C 297 -24.38 -0.32 -9.54
CA GLY C 297 -24.70 -1.27 -10.59
C GLY C 297 -23.53 -2.17 -10.92
N ALA C 298 -23.73 -3.10 -11.84
CA ALA C 298 -22.69 -4.05 -12.22
C ALA C 298 -21.78 -3.52 -13.32
N ILE C 299 -20.58 -4.08 -13.44
CA ILE C 299 -19.62 -3.69 -14.46
C ILE C 299 -19.28 -4.89 -15.35
N ASN C 300 -19.53 -4.76 -16.64
CA ASN C 300 -19.08 -5.76 -17.60
C ASN C 300 -18.03 -5.09 -18.47
N THR C 301 -16.77 -5.45 -18.31
CA THR C 301 -15.71 -4.75 -19.00
C THR C 301 -14.40 -5.50 -19.19
N THR C 302 -13.65 -5.10 -20.21
CA THR C 302 -12.34 -5.65 -20.52
C THR C 302 -11.25 -4.70 -20.06
N LEU C 303 -11.62 -3.44 -19.83
CA LEU C 303 -10.66 -2.37 -19.57
C LEU C 303 -9.97 -2.46 -18.20
N PRO C 304 -8.77 -1.87 -18.08
CA PRO C 304 -7.99 -2.03 -16.85
C PRO C 304 -8.38 -1.03 -15.75
N PHE C 305 -9.12 0.02 -16.11
CA PHE C 305 -9.48 1.04 -15.13
C PHE C 305 -10.95 1.42 -15.20
N HIS C 306 -11.48 1.83 -14.05
CA HIS C 306 -12.83 2.37 -13.99
C HIS C 306 -12.89 3.50 -12.98
N ASN C 307 -13.92 4.35 -13.11
CA ASN C 307 -14.09 5.42 -12.15
C ASN C 307 -15.51 5.48 -11.59
N ILE C 308 -16.20 4.36 -11.66
CA ILE C 308 -17.61 4.32 -11.28
C ILE C 308 -17.85 4.53 -9.80
N HIS C 309 -17.15 3.76 -8.97
CA HIS C 309 -17.41 3.77 -7.54
C HIS C 309 -16.37 2.90 -6.88
N PRO C 310 -15.75 3.39 -5.81
CA PRO C 310 -14.64 2.71 -5.14
C PRO C 310 -15.04 1.40 -4.46
N LEU C 311 -16.25 1.31 -3.92
CA LEU C 311 -16.63 0.15 -3.11
C LEU C 311 -17.18 -1.03 -3.93
N THR C 312 -16.30 -1.76 -4.61
CA THR C 312 -16.77 -2.84 -5.47
C THR C 312 -16.61 -4.21 -4.81
N ILE C 313 -17.29 -5.20 -5.36
CA ILE C 313 -17.10 -6.58 -4.92
C ILE C 313 -17.01 -7.45 -6.15
N GLY C 314 -15.91 -8.15 -6.33
CA GLY C 314 -15.75 -9.05 -7.46
C GLY C 314 -14.37 -8.90 -8.06
N GLU C 315 -14.21 -9.30 -9.32
CA GLU C 315 -12.97 -9.07 -10.05
C GLU C 315 -13.11 -7.80 -10.88
N CYS C 316 -12.52 -6.71 -10.38
CA CYS C 316 -12.81 -5.39 -10.89
C CYS C 316 -11.61 -4.69 -11.50
N PRO C 317 -11.87 -3.79 -12.47
CA PRO C 317 -10.82 -2.91 -12.97
C PRO C 317 -10.29 -2.08 -11.81
N LYS C 318 -9.08 -1.53 -11.92
CA LYS C 318 -8.59 -0.69 -10.85
C LYS C 318 -9.40 0.61 -10.81
N TYR C 319 -9.73 1.07 -9.61
CA TYR C 319 -10.54 2.27 -9.50
C TYR C 319 -9.61 3.45 -9.51
N VAL C 320 -9.89 4.40 -10.39
CA VAL C 320 -8.93 5.47 -10.63
C VAL C 320 -9.64 6.81 -10.41
N LYS C 321 -8.89 7.82 -9.99
CA LYS C 321 -9.48 9.12 -9.70
C LYS C 321 -9.40 9.98 -10.93
N SER C 322 -9.88 9.45 -12.04
CA SER C 322 -9.70 10.08 -13.34
C SER C 322 -10.96 9.91 -14.15
N ASP C 323 -11.27 10.86 -15.04
CA ASP C 323 -12.42 10.66 -15.92
C ASP C 323 -12.11 10.59 -17.40
N ARG C 324 -10.83 10.52 -17.76
CA ARG C 324 -10.43 10.26 -19.13
C ARG C 324 -9.06 9.61 -19.24
N LEU C 325 -9.03 8.39 -19.75
CA LEU C 325 -7.75 7.77 -20.05
C LEU C 325 -7.75 7.35 -21.52
N VAL C 326 -7.24 8.24 -22.38
CA VAL C 326 -7.41 8.04 -23.80
C VAL C 326 -6.08 7.83 -24.52
N LEU C 327 -5.88 6.60 -24.98
CA LEU C 327 -4.73 6.21 -25.78
C LEU C 327 -4.92 6.59 -27.25
N ALA C 328 -3.90 7.18 -27.85
CA ALA C 328 -3.89 7.40 -29.29
C ALA C 328 -3.59 6.07 -29.96
N THR C 329 -4.33 5.75 -31.00
CA THR C 329 -4.00 4.57 -31.78
C THR C 329 -3.57 4.99 -33.18
N GLY C 330 -4.31 5.93 -33.77
CA GLY C 330 -3.97 6.49 -35.06
C GLY C 330 -2.90 7.56 -34.95
N LEU C 331 -2.85 8.45 -35.93
CA LEU C 331 -1.77 9.44 -36.00
C LEU C 331 -2.25 10.86 -35.77
N ARG C 332 -1.29 11.78 -35.67
CA ARG C 332 -1.64 13.18 -35.59
C ARG C 332 -2.44 13.52 -36.82
N ASN C 333 -3.70 13.85 -36.63
CA ASN C 333 -4.59 14.22 -37.73
C ASN C 333 -4.30 15.63 -38.24
N VAL C 334 -3.66 15.72 -39.40
CA VAL C 334 -3.26 17.01 -39.95
C VAL C 334 -4.00 17.38 -41.24
N PRO C 335 -4.99 18.27 -41.13
CA PRO C 335 -5.67 18.80 -42.32
C PRO C 335 -4.73 19.63 -43.19
N GLY C 341 7.07 16.67 -35.11
CA GLY C 341 7.40 15.29 -34.80
C GLY C 341 8.86 15.11 -34.44
N LEU C 342 9.19 13.97 -33.84
CA LEU C 342 10.56 13.67 -33.42
C LEU C 342 11.42 13.30 -34.62
N PHE C 343 10.76 12.91 -35.71
CA PHE C 343 11.43 12.45 -36.91
C PHE C 343 11.22 13.41 -38.08
N GLY C 344 10.55 14.53 -37.80
CA GLY C 344 10.46 15.64 -38.73
C GLY C 344 9.59 15.48 -39.97
N ALA C 345 8.89 14.35 -40.11
CA ALA C 345 8.07 14.12 -41.29
C ALA C 345 6.63 14.63 -41.12
N ILE C 346 5.88 14.04 -40.20
CA ILE C 346 4.48 14.43 -40.00
C ILE C 346 4.36 15.81 -39.40
N ALA C 347 3.60 16.67 -40.07
CA ALA C 347 3.52 18.09 -39.70
C ALA C 347 4.92 18.69 -39.60
N GLY C 348 5.77 18.28 -40.54
CA GLY C 348 7.16 18.72 -40.60
C GLY C 348 7.56 19.07 -42.01
N PHE C 349 8.21 18.14 -42.70
CA PHE C 349 8.65 18.40 -44.06
C PHE C 349 7.66 17.87 -45.10
N ILE C 350 6.74 17.01 -44.66
CA ILE C 350 5.54 16.67 -45.41
C ILE C 350 4.41 17.34 -44.65
N GLU C 351 4.07 18.57 -45.02
CA GLU C 351 3.31 19.49 -44.15
C GLU C 351 1.89 19.07 -43.75
N GLY C 352 1.20 18.33 -44.61
CA GLY C 352 -0.16 17.91 -44.30
C GLY C 352 -0.48 16.48 -44.67
N GLY C 353 -1.64 16.02 -44.18
CA GLY C 353 -2.09 14.66 -44.44
C GLY C 353 -3.08 14.60 -45.58
N TRP C 354 -3.20 13.41 -46.19
CA TRP C 354 -4.14 13.22 -47.29
C TRP C 354 -5.48 12.65 -46.85
N GLN C 355 -6.50 13.51 -46.90
CA GLN C 355 -7.88 13.08 -46.79
C GLN C 355 -8.20 12.03 -47.86
N GLY C 356 -7.48 12.10 -48.98
CA GLY C 356 -7.69 11.19 -50.08
C GLY C 356 -7.50 9.72 -49.74
N MET C 357 -6.28 9.38 -49.35
CA MET C 357 -5.94 8.00 -49.01
C MET C 357 -6.81 7.49 -47.85
N VAL C 358 -7.56 6.41 -48.09
CA VAL C 358 -8.54 5.94 -47.11
C VAL C 358 -8.34 4.51 -46.66
N ASP C 359 -7.54 3.74 -47.40
CA ASP C 359 -7.35 2.33 -47.07
C ASP C 359 -5.96 2.04 -46.50
N GLY C 360 -5.46 2.97 -45.70
CA GLY C 360 -4.16 2.80 -45.07
C GLY C 360 -3.76 4.00 -44.24
N TRP C 361 -2.69 3.85 -43.47
CA TRP C 361 -2.20 4.93 -42.63
C TRP C 361 -1.14 5.75 -43.39
N TYR C 362 -0.25 5.08 -44.10
CA TYR C 362 0.74 5.77 -44.93
C TYR C 362 0.69 5.24 -46.37
N GLY C 363 1.06 6.09 -47.33
CA GLY C 363 1.04 5.68 -48.72
C GLY C 363 1.73 6.61 -49.71
N TYR C 364 1.35 6.49 -50.98
CA TYR C 364 1.98 7.27 -52.05
C TYR C 364 0.96 8.02 -52.90
N HIS C 365 1.41 9.14 -53.47
CA HIS C 365 0.68 9.88 -54.49
C HIS C 365 1.61 10.17 -55.66
N HIS C 366 1.12 9.98 -56.88
CA HIS C 366 1.98 10.09 -58.06
C HIS C 366 1.39 10.93 -59.19
N SER C 367 2.23 11.77 -59.79
CA SER C 367 1.86 12.48 -61.01
C SER C 367 2.27 11.65 -62.23
N ASN C 368 1.30 11.36 -63.09
CA ASN C 368 1.58 10.56 -64.26
C ASN C 368 0.78 11.00 -65.49
N ASP C 369 0.96 10.28 -66.59
CA ASP C 369 0.23 10.54 -67.82
C ASP C 369 -1.07 9.73 -67.82
N GLN C 370 -1.05 8.58 -67.14
CA GLN C 370 -2.26 7.78 -66.97
C GLN C 370 -2.97 8.18 -65.66
N GLY C 371 -3.39 7.18 -64.89
CA GLY C 371 -4.05 7.42 -63.62
C GLY C 371 -3.17 8.20 -62.65
N SER C 372 -3.76 8.63 -61.54
CA SER C 372 -3.05 9.39 -60.52
C SER C 372 -4.00 9.99 -59.50
N GLY C 373 -4.01 9.47 -58.27
CA GLY C 373 -3.17 8.34 -57.90
C GLY C 373 -2.84 8.23 -56.42
N TYR C 374 -3.80 7.74 -55.62
CA TYR C 374 -3.56 7.46 -54.20
C TYR C 374 -3.42 5.95 -53.97
N ALA C 375 -2.27 5.53 -53.47
CA ALA C 375 -2.02 4.12 -53.17
C ALA C 375 -1.44 3.96 -51.78
N ALA C 376 -2.15 3.24 -50.92
CA ALA C 376 -1.71 3.04 -49.55
C ALA C 376 -0.70 1.90 -49.43
N ASP C 377 0.32 2.10 -48.62
CA ASP C 377 1.34 1.08 -48.39
C ASP C 377 0.82 0.08 -47.35
N LYS C 378 0.25 -1.03 -47.84
CA LYS C 378 -0.34 -2.05 -46.98
C LYS C 378 0.70 -2.71 -46.10
N GLU C 379 1.89 -2.88 -46.64
CA GLU C 379 2.98 -3.53 -45.92
C GLU C 379 3.41 -2.69 -44.72
N SER C 380 3.62 -1.40 -44.94
CA SER C 380 4.02 -0.51 -43.86
C SER C 380 2.88 -0.30 -42.86
N THR C 381 1.67 -0.12 -43.37
CA THR C 381 0.50 0.08 -42.53
C THR C 381 0.21 -1.10 -41.60
N GLN C 382 0.44 -2.30 -42.09
CA GLN C 382 0.20 -3.50 -41.32
C GLN C 382 1.19 -3.63 -40.16
N LYS C 383 2.44 -3.28 -40.41
CA LYS C 383 3.46 -3.30 -39.36
C LYS C 383 3.00 -2.41 -38.21
N ALA C 384 2.36 -1.30 -38.55
CA ALA C 384 1.91 -0.34 -37.56
C ALA C 384 0.65 -0.78 -36.85
N PHE C 385 -0.33 -1.30 -37.60
CA PHE C 385 -1.56 -1.77 -36.97
C PHE C 385 -1.19 -2.82 -35.92
N ASP C 386 -0.31 -3.74 -36.30
CA ASP C 386 0.09 -4.81 -35.39
C ASP C 386 0.77 -4.26 -34.14
N GLY C 387 1.63 -3.27 -34.31
CA GLY C 387 2.39 -2.72 -33.21
C GLY C 387 1.55 -1.95 -32.21
N ILE C 388 0.67 -1.08 -32.69
CA ILE C 388 -0.17 -0.32 -31.79
C ILE C 388 -1.20 -1.23 -31.12
N THR C 389 -1.65 -2.25 -31.86
CA THR C 389 -2.53 -3.28 -31.34
C THR C 389 -1.84 -3.97 -30.17
N ASN C 390 -0.60 -4.37 -30.37
CA ASN C 390 0.15 -4.93 -29.26
C ASN C 390 0.32 -3.97 -28.08
N LYS C 391 0.53 -2.68 -28.37
CA LYS C 391 0.67 -1.69 -27.32
C LYS C 391 -0.58 -1.59 -26.44
N VAL C 392 -1.74 -1.41 -27.08
CA VAL C 392 -2.97 -1.36 -26.33
C VAL C 392 -3.16 -2.64 -25.52
N ASN C 393 -2.99 -3.77 -26.18
CA ASN C 393 -3.10 -5.05 -25.49
C ASN C 393 -2.15 -5.22 -24.31
N SER C 394 -0.94 -4.70 -24.43
CA SER C 394 0.04 -4.83 -23.35
C SER C 394 -0.47 -4.07 -22.13
N VAL C 395 -0.95 -2.86 -22.35
CA VAL C 395 -1.47 -2.03 -21.27
C VAL C 395 -2.66 -2.69 -20.56
N ILE C 396 -3.50 -3.38 -21.33
CA ILE C 396 -4.71 -3.99 -20.78
C ILE C 396 -4.45 -5.36 -20.21
N ALA C 397 -3.76 -6.20 -20.98
CA ALA C 397 -3.65 -7.62 -20.64
C ALA C 397 -2.67 -7.88 -19.49
N LYS C 398 -1.90 -6.88 -19.10
CA LYS C 398 -0.92 -7.07 -18.03
C LYS C 398 -1.51 -6.79 -16.67
N MET C 399 -2.73 -6.28 -16.64
CA MET C 399 -3.38 -5.93 -15.38
C MET C 399 -3.99 -7.17 -14.71
N ASN C 400 -3.61 -7.42 -13.47
CA ASN C 400 -4.11 -8.57 -12.72
C ASN C 400 -5.34 -8.24 -11.87
N THR C 401 -6.47 -8.89 -12.17
CA THR C 401 -7.72 -8.66 -11.46
C THR C 401 -8.18 -9.88 -10.67
N GLN C 402 -7.90 -9.88 -9.37
CA GLN C 402 -8.43 -10.91 -8.49
C GLN C 402 -9.68 -10.41 -7.76
N PHE C 403 -10.37 -11.33 -7.09
CA PHE C 403 -11.61 -11.05 -6.40
C PHE C 403 -11.35 -10.33 -5.10
N GLU C 404 -11.96 -9.16 -4.90
CA GLU C 404 -11.86 -8.45 -3.60
C GLU C 404 -13.18 -7.78 -3.21
N ALA C 405 -13.27 -7.32 -1.96
CA ALA C 405 -14.52 -6.73 -1.45
C ALA C 405 -14.48 -5.23 -1.16
N VAL C 406 -13.31 -4.70 -0.84
CA VAL C 406 -13.15 -3.25 -0.61
C VAL C 406 -13.88 -2.67 0.59
N GLY C 407 -15.21 -2.55 0.51
CA GLY C 407 -15.97 -2.06 1.66
C GLY C 407 -15.70 -2.84 2.94
N LYS C 408 -15.41 -2.16 4.04
CA LYS C 408 -15.15 -2.83 5.32
C LYS C 408 -15.92 -2.18 6.46
N GLU C 409 -16.03 -2.88 7.58
CA GLU C 409 -16.81 -2.39 8.71
C GLU C 409 -16.08 -2.35 10.04
N PHE C 410 -16.35 -1.30 10.81
CA PHE C 410 -15.63 -1.02 12.04
C PHE C 410 -16.56 -0.43 13.10
N SER C 411 -16.51 -0.95 14.33
CA SER C 411 -17.28 -0.38 15.44
C SER C 411 -16.77 1.05 15.68
N ASN C 412 -17.43 1.82 16.53
CA ASN C 412 -16.96 3.19 16.73
C ASN C 412 -15.83 3.29 17.73
N LEU C 413 -15.31 2.16 18.17
CA LEU C 413 -14.09 2.14 18.96
C LEU C 413 -12.96 1.55 18.14
N GLU C 414 -13.09 1.61 16.82
CA GLU C 414 -12.03 1.17 15.91
C GLU C 414 -11.76 2.28 14.91
N ARG C 415 -11.94 3.51 15.35
CA ARG C 415 -11.69 4.65 14.47
C ARG C 415 -10.30 4.59 13.87
N ARG C 416 -9.32 4.17 14.65
CA ARG C 416 -7.95 4.14 14.15
C ARG C 416 -7.75 3.08 13.06
N LEU C 417 -8.22 1.88 13.33
CA LEU C 417 -8.20 0.77 12.38
C LEU C 417 -8.91 1.19 11.08
N GLU C 418 -10.07 1.83 11.21
CA GLU C 418 -10.79 2.33 10.03
C GLU C 418 -9.97 3.35 9.23
N ASN C 419 -9.35 4.27 9.93
CA ASN C 419 -8.53 5.28 9.28
C ASN C 419 -7.29 4.65 8.64
N LEU C 420 -6.83 3.55 9.23
CA LEU C 420 -5.74 2.80 8.63
C LEU C 420 -6.22 2.22 7.31
N ASN C 421 -7.43 1.65 7.29
CA ASN C 421 -7.96 1.07 6.07
C ASN C 421 -8.15 2.13 4.97
N LYS C 422 -8.62 3.31 5.37
CA LYS C 422 -8.79 4.44 4.45
C LYS C 422 -7.44 4.95 3.94
N LYS C 423 -6.46 5.06 4.84
CA LYS C 423 -5.11 5.46 4.45
C LYS C 423 -4.58 4.53 3.37
N MET C 424 -4.84 3.24 3.53
CA MET C 424 -4.44 2.25 2.55
C MET C 424 -5.22 2.35 1.24
N GLU C 425 -6.55 2.40 1.31
CA GLU C 425 -7.31 2.45 0.07
C GLU C 425 -6.91 3.70 -0.72
N ASP C 426 -6.78 4.82 -0.02
CA ASP C 426 -6.41 6.09 -0.67
C ASP C 426 -5.05 5.98 -1.34
N GLY C 427 -4.10 5.34 -0.66
CA GLY C 427 -2.74 5.19 -1.13
C GLY C 427 -2.63 4.46 -2.45
N PHE C 428 -3.32 3.34 -2.58
CA PHE C 428 -3.39 2.64 -3.86
C PHE C 428 -4.12 3.48 -4.90
N LEU C 429 -5.16 4.18 -4.45
CA LEU C 429 -5.87 5.09 -5.34
C LEU C 429 -4.92 6.12 -5.97
N ASP C 430 -4.07 6.74 -5.15
CA ASP C 430 -3.12 7.73 -5.65
C ASP C 430 -2.11 7.13 -6.63
N VAL C 431 -1.52 6.00 -6.26
CA VAL C 431 -0.54 5.28 -7.06
C VAL C 431 -1.09 4.91 -8.42
N TRP C 432 -2.23 4.24 -8.45
CA TRP C 432 -2.84 3.81 -9.73
C TRP C 432 -3.22 4.97 -10.64
N THR C 433 -3.80 6.01 -10.06
CA THR C 433 -4.17 7.20 -10.83
C THR C 433 -2.94 7.79 -11.50
N TYR C 434 -1.95 8.13 -10.69
CA TYR C 434 -0.72 8.71 -11.20
C TYR C 434 -0.10 7.86 -12.30
N ASN C 435 0.15 6.59 -11.99
CA ASN C 435 0.79 5.69 -12.93
C ASN C 435 0.02 5.54 -14.23
N ALA C 436 -1.31 5.56 -14.15
CA ALA C 436 -2.14 5.42 -15.34
C ALA C 436 -2.15 6.71 -16.18
N GLU C 437 -2.26 7.84 -15.50
CA GLU C 437 -2.24 9.14 -16.18
C GLU C 437 -0.94 9.33 -16.92
N LEU C 438 0.16 9.07 -16.23
CA LEU C 438 1.48 9.19 -16.81
C LEU C 438 1.74 8.14 -17.87
N LEU C 439 1.22 6.93 -17.68
CA LEU C 439 1.31 5.89 -18.69
C LEU C 439 0.72 6.35 -20.03
N VAL C 440 -0.54 6.78 -19.98
CA VAL C 440 -1.24 7.28 -21.14
C VAL C 440 -0.46 8.38 -21.85
N LEU C 441 0.08 9.32 -21.07
CA LEU C 441 0.80 10.48 -21.64
C LEU C 441 2.13 10.09 -22.27
N MET C 442 2.89 9.22 -21.60
CA MET C 442 4.18 8.84 -22.12
C MET C 442 4.03 7.98 -23.36
N GLU C 443 2.99 7.15 -23.37
CA GLU C 443 2.80 6.23 -24.49
C GLU C 443 2.15 6.91 -25.69
N ASN C 444 1.45 8.01 -25.44
CA ASN C 444 0.90 8.83 -26.50
C ASN C 444 2.02 9.58 -27.22
N GLU C 445 2.97 10.12 -26.46
CA GLU C 445 4.10 10.80 -27.07
C GLU C 445 4.84 9.82 -27.96
N ARG C 446 4.84 8.55 -27.58
CA ARG C 446 5.61 7.56 -28.32
C ARG C 446 4.83 6.95 -29.47
N THR C 447 3.51 6.98 -29.36
CA THR C 447 2.67 6.50 -30.44
C THR C 447 2.74 7.45 -31.63
N LEU C 448 2.68 8.74 -31.34
CA LEU C 448 2.77 9.75 -32.39
C LEU C 448 4.14 9.68 -33.07
N ASP C 449 5.20 9.59 -32.27
CA ASP C 449 6.55 9.52 -32.81
C ASP C 449 6.73 8.27 -33.67
N PHE C 450 6.02 7.21 -33.29
CA PHE C 450 6.08 5.92 -33.98
C PHE C 450 5.57 6.06 -35.39
N HIS C 451 4.39 6.65 -35.53
CA HIS C 451 3.84 6.95 -36.84
C HIS C 451 4.80 7.85 -37.63
N ASP C 452 5.27 8.89 -36.98
CA ASP C 452 6.23 9.81 -37.59
C ASP C 452 7.47 9.05 -38.10
N SER C 453 7.92 8.06 -37.36
CA SER C 453 9.10 7.30 -37.77
C SER C 453 8.80 6.45 -39.00
N ASN C 454 7.59 5.90 -39.07
CA ASN C 454 7.21 5.00 -40.14
C ASN C 454 7.07 5.74 -41.45
N VAL C 455 6.66 7.00 -41.37
CA VAL C 455 6.51 7.84 -42.55
C VAL C 455 7.90 8.23 -43.04
N LYS C 456 8.73 8.70 -42.12
CA LYS C 456 10.09 9.09 -42.41
C LYS C 456 10.88 7.94 -43.03
N ASN C 457 10.61 6.72 -42.57
CA ASN C 457 11.25 5.53 -43.08
C ASN C 457 10.71 5.11 -44.43
N LEU C 458 9.44 5.41 -44.67
CA LEU C 458 8.83 5.12 -45.97
C LEU C 458 9.48 6.03 -47.02
N TYR C 459 9.61 7.30 -46.67
CA TYR C 459 10.28 8.28 -47.51
C TYR C 459 11.72 7.87 -47.82
N ASP C 460 12.49 7.51 -46.81
CA ASP C 460 13.88 7.16 -47.05
C ASP C 460 13.99 5.87 -47.86
N LYS C 461 12.97 5.03 -47.80
CA LYS C 461 13.01 3.73 -48.44
C LYS C 461 12.94 3.93 -49.94
N VAL C 462 12.25 5.00 -50.33
CA VAL C 462 12.09 5.38 -51.71
C VAL C 462 13.27 6.23 -52.17
N ARG C 463 13.72 7.15 -51.33
CA ARG C 463 14.89 7.95 -51.65
C ARG C 463 16.11 7.08 -51.97
N MET C 464 16.42 6.11 -51.09
CA MET C 464 17.57 5.23 -51.27
C MET C 464 17.38 4.26 -52.43
N GLN C 465 16.25 4.40 -53.13
CA GLN C 465 15.88 3.51 -54.21
C GLN C 465 15.96 4.23 -55.55
N LEU C 466 15.82 5.55 -55.51
CA LEU C 466 15.74 6.34 -56.72
C LEU C 466 17.03 7.08 -57.01
N ARG C 467 17.79 7.37 -55.96
CA ARG C 467 19.02 8.15 -56.08
C ARG C 467 18.94 9.24 -57.16
N ASP C 468 19.76 9.12 -58.21
CA ASP C 468 19.87 10.16 -59.23
C ASP C 468 18.68 10.24 -60.17
N ASN C 469 17.93 9.15 -60.28
CA ASN C 469 16.78 9.12 -61.19
C ASN C 469 15.69 10.14 -60.85
N VAL C 470 15.77 10.77 -59.68
CA VAL C 470 14.75 11.73 -59.27
C VAL C 470 15.33 12.88 -58.44
N LYS C 471 14.56 13.95 -58.33
CA LYS C 471 14.97 15.13 -57.60
C LYS C 471 14.21 15.24 -56.27
N GLU C 472 14.90 15.64 -55.21
CA GLU C 472 14.25 15.88 -53.94
C GLU C 472 13.63 17.28 -53.93
N LEU C 473 12.33 17.35 -54.13
CA LEU C 473 11.63 18.64 -54.16
C LEU C 473 11.52 19.26 -52.76
N GLY C 474 10.72 18.65 -51.89
CA GLY C 474 10.50 19.20 -50.57
C GLY C 474 9.41 18.53 -49.75
N ASN C 475 8.15 18.71 -50.16
CA ASN C 475 7.02 18.11 -49.46
C ASN C 475 7.02 16.58 -49.57
N GLY C 476 8.19 15.98 -49.43
CA GLY C 476 8.31 14.54 -49.54
C GLY C 476 8.00 14.03 -50.92
N CYS C 477 8.29 14.85 -51.94
CA CYS C 477 8.03 14.45 -53.31
C CYS C 477 9.32 14.39 -54.14
N PHE C 478 9.42 13.36 -54.97
CA PHE C 478 10.56 13.20 -55.86
C PHE C 478 10.16 13.48 -57.32
N GLU C 479 11.03 14.16 -58.05
CA GLU C 479 10.80 14.46 -59.46
C GLU C 479 11.55 13.48 -60.34
N PHE C 480 10.81 12.64 -61.06
CA PHE C 480 11.41 11.60 -61.89
C PHE C 480 12.17 12.17 -63.10
N TYR C 481 13.45 11.81 -63.21
CA TYR C 481 14.24 12.11 -64.39
C TYR C 481 13.99 11.05 -65.47
N HIS C 482 12.71 10.80 -65.76
CA HIS C 482 12.34 9.90 -66.86
C HIS C 482 10.85 9.53 -66.84
N LYS C 483 10.35 9.06 -67.98
CA LYS C 483 8.97 8.63 -68.07
C LYS C 483 8.74 7.48 -67.10
N CYS C 484 7.77 7.63 -66.22
CA CYS C 484 7.45 6.59 -65.24
C CYS C 484 5.97 6.25 -65.30
N ASP C 485 5.59 5.36 -66.22
CA ASP C 485 4.19 5.00 -66.39
C ASP C 485 3.65 4.25 -65.18
N ASP C 486 2.34 4.01 -65.15
CA ASP C 486 1.69 3.41 -64.00
C ASP C 486 2.37 2.11 -63.52
N GLU C 487 3.08 1.44 -64.42
CA GLU C 487 3.75 0.20 -64.05
C GLU C 487 5.11 0.41 -63.37
N CYS C 488 5.79 1.49 -63.74
CA CYS C 488 7.03 1.86 -63.08
C CYS C 488 6.74 2.22 -61.63
N MET C 489 5.67 2.98 -61.42
CA MET C 489 5.25 3.38 -60.08
C MET C 489 5.21 2.17 -59.14
N ASN C 490 4.50 1.11 -59.54
CA ASN C 490 4.40 -0.08 -58.71
C ASN C 490 5.72 -0.79 -58.41
N SER C 491 6.80 -0.34 -59.03
CA SER C 491 8.11 -0.90 -58.75
C SER C 491 8.73 -0.16 -57.58
N VAL C 492 8.33 1.10 -57.43
CA VAL C 492 8.76 1.92 -56.31
C VAL C 492 7.98 1.50 -55.06
N LYS C 493 6.66 1.58 -55.17
CA LYS C 493 5.75 1.21 -54.08
C LYS C 493 6.12 -0.11 -53.40
N ASN C 494 6.15 -1.20 -54.17
CA ASN C 494 6.50 -2.52 -53.61
C ASN C 494 8.01 -2.80 -53.47
N GLY C 495 8.79 -1.71 -53.44
CA GLY C 495 10.21 -1.79 -53.16
C GLY C 495 11.04 -2.74 -54.03
N THR C 496 10.81 -2.68 -55.33
CA THR C 496 11.55 -3.48 -56.30
C THR C 496 11.72 -2.67 -57.57
N TYR C 497 12.64 -1.72 -57.53
CA TYR C 497 12.81 -0.75 -58.60
C TYR C 497 14.27 -0.76 -59.05
N ASP C 498 14.50 -1.07 -60.32
CA ASP C 498 15.86 -1.12 -60.83
C ASP C 498 16.34 0.23 -61.33
N TYR C 499 17.40 0.73 -60.69
CA TYR C 499 18.07 1.94 -61.12
C TYR C 499 18.87 1.68 -62.40
N PRO C 500 19.50 0.49 -62.51
CA PRO C 500 20.17 0.08 -63.75
C PRO C 500 19.38 0.50 -64.99
N LYS C 501 18.11 0.11 -65.03
CA LYS C 501 17.25 0.41 -66.17
C LYS C 501 17.23 1.88 -66.57
N TYR C 502 16.64 2.74 -65.73
CA TYR C 502 16.35 4.12 -66.11
C TYR C 502 17.54 5.08 -66.07
N GLU C 503 18.69 4.60 -66.56
CA GLU C 503 19.89 5.41 -66.69
C GLU C 503 19.81 6.38 -67.88
N GLU C 504 18.94 7.38 -67.74
CA GLU C 504 18.79 8.43 -68.72
C GLU C 504 19.08 9.72 -67.97
N GLU C 505 19.68 10.69 -68.65
CA GLU C 505 20.15 11.89 -67.98
C GLU C 505 19.63 13.20 -68.55
N SER C 506 18.84 13.91 -67.74
CA SER C 506 18.38 15.25 -68.04
C SER C 506 19.02 16.24 -67.08
N LYS C 507 20.24 15.94 -66.66
CA LYS C 507 20.96 16.78 -65.69
C LYS C 507 22.46 16.81 -65.92
#